data_3ERS
# 
_entry.id   3ERS 
# 
_audit_conform.dict_name       mmcif_pdbx.dic 
_audit_conform.dict_version    5.383 
_audit_conform.dict_location   http://mmcif.pdb.org/dictionaries/ascii/mmcif_pdbx.dic 
# 
loop_
_database_2.database_id 
_database_2.database_code 
_database_2.pdbx_database_accession 
_database_2.pdbx_DOI 
PDB   3ERS         pdb_00003ers 10.2210/pdb3ers/pdb 
RCSB  RCSB049687   ?            ?                   
WWPDB D_1000049687 ?            ?                   
# 
loop_
_pdbx_audit_revision_history.ordinal 
_pdbx_audit_revision_history.data_content_type 
_pdbx_audit_revision_history.major_revision 
_pdbx_audit_revision_history.minor_revision 
_pdbx_audit_revision_history.revision_date 
1 'Structure model' 1 0 2008-12-02 
2 'Structure model' 1 1 2011-07-13 
3 'Structure model' 1 2 2017-10-25 
4 'Structure model' 1 3 2023-12-27 
# 
_pdbx_audit_revision_details.ordinal             1 
_pdbx_audit_revision_details.revision_ordinal    1 
_pdbx_audit_revision_details.data_content_type   'Structure model' 
_pdbx_audit_revision_details.provider            repository 
_pdbx_audit_revision_details.type                'Initial release' 
_pdbx_audit_revision_details.description         ? 
_pdbx_audit_revision_details.details             ? 
# 
loop_
_pdbx_audit_revision_group.ordinal 
_pdbx_audit_revision_group.revision_ordinal 
_pdbx_audit_revision_group.data_content_type 
_pdbx_audit_revision_group.group 
1 2 'Structure model' 'Version format compliance' 
2 3 'Structure model' 'Refinement description'    
3 4 'Structure model' 'Data collection'           
4 4 'Structure model' 'Database references'       
# 
loop_
_pdbx_audit_revision_category.ordinal 
_pdbx_audit_revision_category.revision_ordinal 
_pdbx_audit_revision_category.data_content_type 
_pdbx_audit_revision_category.category 
1 3 'Structure model' software           
2 4 'Structure model' chem_comp_atom     
3 4 'Structure model' chem_comp_bond     
4 4 'Structure model' database_2         
5 4 'Structure model' struct_ref_seq_dif 
# 
loop_
_pdbx_audit_revision_item.ordinal 
_pdbx_audit_revision_item.revision_ordinal 
_pdbx_audit_revision_item.data_content_type 
_pdbx_audit_revision_item.item 
1  3 'Structure model' '_software.classification'            
2  3 'Structure model' '_software.contact_author'            
3  3 'Structure model' '_software.contact_author_email'      
4  3 'Structure model' '_software.date'                      
5  3 'Structure model' '_software.language'                  
6  3 'Structure model' '_software.location'                  
7  3 'Structure model' '_software.name'                      
8  3 'Structure model' '_software.type'                      
9  3 'Structure model' '_software.version'                   
10 4 'Structure model' '_database_2.pdbx_DOI'                
11 4 'Structure model' '_database_2.pdbx_database_accession' 
12 4 'Structure model' '_struct_ref_seq_dif.details'         
# 
_database_PDB_caveat.id     1 
_database_PDB_caveat.text   'Chirality error at VAL4X.' 
# 
_pdbx_database_PDB_obs_spr.id               SPRSDE 
_pdbx_database_PDB_obs_spr.date             2008-12-02 
_pdbx_database_PDB_obs_spr.pdb_id           3ERS 
_pdbx_database_PDB_obs_spr.replace_pdb_id   1PXF 
_pdbx_database_PDB_obs_spr.details          ? 
# 
_pdbx_database_status.entry_id                        3ERS 
_pdbx_database_status.deposit_site                    RCSB 
_pdbx_database_status.process_site                    RCSB 
_pdbx_database_status.recvd_initial_deposition_date   2008-10-03 
_pdbx_database_status.status_code                     REL 
_pdbx_database_status.status_code_sf                  REL 
_pdbx_database_status.status_code_mr                  ? 
_pdbx_database_status.SG_entry                        ? 
_pdbx_database_status.pdb_format_compatible           Y 
_pdbx_database_status.status_code_cs                  ? 
_pdbx_database_status.methods_development_category    ? 
_pdbx_database_status.status_code_nmr_data            ? 
# 
_audit_author.name           'Swairjo, M.A.' 
_audit_author.pdbx_ordinal   1 
# 
_citation.id                        primary 
_citation.title                     'Crystal structure of Trbp111: a tructure specific tRNA binding protein' 
_citation.journal_abbrev            'Embo J.' 
_citation.journal_volume            19 
_citation.page_first                6287 
_citation.page_last                 6298 
_citation.year                      2000 
_citation.journal_id_ASTM           EMJODG 
_citation.country                   UK 
_citation.journal_id_ISSN           0261-4189 
_citation.journal_id_CSD            0897 
_citation.book_publisher            ? 
_citation.pdbx_database_id_PubMed   11101501 
_citation.pdbx_database_id_DOI      10.1093/emboj/19.23.6287 
# 
loop_
_citation_author.citation_id 
_citation_author.name 
_citation_author.ordinal 
_citation_author.identifier_ORCID 
primary 'Swairjo, M.A.' 1 ? 
primary 'Morales, A.J.' 2 ? 
primary 'Wang, C.-C.'   3 ? 
primary 'Ortiz, A.R.'   4 ? 
primary 'Schimmel, P.'  5 ? 
# 
loop_
_entity.id 
_entity.type 
_entity.src_method 
_entity.pdbx_description 
_entity.formula_weight 
_entity.pdbx_number_of_molecules 
_entity.pdbx_ec 
_entity.pdbx_mutation 
_entity.pdbx_fragment 
_entity.details 
1 polymer man 'tRNA-binding protein ygjH' 13386.467 1  ? ? ? ? 
2 water   nat water                       18.015    74 ? ? ? ? 
# 
_entity_poly.entity_id                      1 
_entity_poly.type                           'polypeptide(L)' 
_entity_poly.nstd_linkage                   no 
_entity_poly.nstd_monomer                   no 
_entity_poly.pdbx_seq_one_letter_code       
;METVAYADFARLEMRVGKIVEVKRHENADKLYIVQVDVGQKTLQTVTSLVPYYSEEELMGKTVVVLCNLQKAKMRGETSE
CMLLCAETDDGSESVLLTPERMMPAGVRVVLDHHHHHH
;
_entity_poly.pdbx_seq_one_letter_code_can   
;METVAYADFARLEMRVGKIVEVKRHENADKLYIVQVDVGQKTLQTVTSLVPYYSEEELMGKTVVVLCNLQKAKMRGETSE
CMLLCAETDDGSESVLLTPERMMPAGVRVVLDHHHHHH
;
_entity_poly.pdbx_strand_id                 X 
_entity_poly.pdbx_target_identifier         ? 
# 
_pdbx_entity_nonpoly.entity_id   2 
_pdbx_entity_nonpoly.name        water 
_pdbx_entity_nonpoly.comp_id     HOH 
# 
loop_
_entity_poly_seq.entity_id 
_entity_poly_seq.num 
_entity_poly_seq.mon_id 
_entity_poly_seq.hetero 
1 1   MET n 
1 2   GLU n 
1 3   THR n 
1 4   VAL n 
1 5   ALA n 
1 6   TYR n 
1 7   ALA n 
1 8   ASP n 
1 9   PHE n 
1 10  ALA n 
1 11  ARG n 
1 12  LEU n 
1 13  GLU n 
1 14  MET n 
1 15  ARG n 
1 16  VAL n 
1 17  GLY n 
1 18  LYS n 
1 19  ILE n 
1 20  VAL n 
1 21  GLU n 
1 22  VAL n 
1 23  LYS n 
1 24  ARG n 
1 25  HIS n 
1 26  GLU n 
1 27  ASN n 
1 28  ALA n 
1 29  ASP n 
1 30  LYS n 
1 31  LEU n 
1 32  TYR n 
1 33  ILE n 
1 34  VAL n 
1 35  GLN n 
1 36  VAL n 
1 37  ASP n 
1 38  VAL n 
1 39  GLY n 
1 40  GLN n 
1 41  LYS n 
1 42  THR n 
1 43  LEU n 
1 44  GLN n 
1 45  THR n 
1 46  VAL n 
1 47  THR n 
1 48  SER n 
1 49  LEU n 
1 50  VAL n 
1 51  PRO n 
1 52  TYR n 
1 53  TYR n 
1 54  SER n 
1 55  GLU n 
1 56  GLU n 
1 57  GLU n 
1 58  LEU n 
1 59  MET n 
1 60  GLY n 
1 61  LYS n 
1 62  THR n 
1 63  VAL n 
1 64  VAL n 
1 65  VAL n 
1 66  LEU n 
1 67  CYS n 
1 68  ASN n 
1 69  LEU n 
1 70  GLN n 
1 71  LYS n 
1 72  ALA n 
1 73  LYS n 
1 74  MET n 
1 75  ARG n 
1 76  GLY n 
1 77  GLU n 
1 78  THR n 
1 79  SER n 
1 80  GLU n 
1 81  CYS n 
1 82  MET n 
1 83  LEU n 
1 84  LEU n 
1 85  CYS n 
1 86  ALA n 
1 87  GLU n 
1 88  THR n 
1 89  ASP n 
1 90  ASP n 
1 91  GLY n 
1 92  SER n 
1 93  GLU n 
1 94  SER n 
1 95  VAL n 
1 96  LEU n 
1 97  LEU n 
1 98  THR n 
1 99  PRO n 
1 100 GLU n 
1 101 ARG n 
1 102 MET n 
1 103 MET n 
1 104 PRO n 
1 105 ALA n 
1 106 GLY n 
1 107 VAL n 
1 108 ARG n 
1 109 VAL n 
1 110 VAL n 
1 111 LEU n 
1 112 ASP n 
1 113 HIS n 
1 114 HIS n 
1 115 HIS n 
1 116 HIS n 
1 117 HIS n 
1 118 HIS n 
# 
_entity_src_gen.entity_id                          1 
_entity_src_gen.pdbx_src_id                        1 
_entity_src_gen.pdbx_alt_source_flag               sample 
_entity_src_gen.pdbx_seq_type                      ? 
_entity_src_gen.pdbx_beg_seq_num                   ? 
_entity_src_gen.pdbx_end_seq_num                   ? 
_entity_src_gen.gene_src_common_name               ? 
_entity_src_gen.gene_src_genus                     ? 
_entity_src_gen.pdbx_gene_src_gene                 ygjH 
_entity_src_gen.gene_src_species                   ? 
_entity_src_gen.gene_src_strain                    ? 
_entity_src_gen.gene_src_tissue                    ? 
_entity_src_gen.gene_src_tissue_fraction           ? 
_entity_src_gen.gene_src_details                   ? 
_entity_src_gen.pdbx_gene_src_fragment             ? 
_entity_src_gen.pdbx_gene_src_scientific_name      'Escherichia coli' 
_entity_src_gen.pdbx_gene_src_ncbi_taxonomy_id     562 
_entity_src_gen.pdbx_gene_src_variant              ? 
_entity_src_gen.pdbx_gene_src_cell_line            ? 
_entity_src_gen.pdbx_gene_src_atcc                 ? 
_entity_src_gen.pdbx_gene_src_organ                ? 
_entity_src_gen.pdbx_gene_src_organelle            ? 
_entity_src_gen.pdbx_gene_src_cell                 ? 
_entity_src_gen.pdbx_gene_src_cellular_location    ? 
_entity_src_gen.host_org_common_name               ? 
_entity_src_gen.pdbx_host_org_scientific_name      'Escherichia coli' 
_entity_src_gen.pdbx_host_org_ncbi_taxonomy_id     562 
_entity_src_gen.host_org_genus                     ? 
_entity_src_gen.pdbx_host_org_gene                 ? 
_entity_src_gen.pdbx_host_org_organ                ? 
_entity_src_gen.host_org_species                   ? 
_entity_src_gen.pdbx_host_org_tissue               ? 
_entity_src_gen.pdbx_host_org_tissue_fraction      ? 
_entity_src_gen.pdbx_host_org_strain               ? 
_entity_src_gen.pdbx_host_org_variant              ? 
_entity_src_gen.pdbx_host_org_cell_line            ? 
_entity_src_gen.pdbx_host_org_atcc                 ? 
_entity_src_gen.pdbx_host_org_culture_collection   ? 
_entity_src_gen.pdbx_host_org_cell                 ? 
_entity_src_gen.pdbx_host_org_organelle            ? 
_entity_src_gen.pdbx_host_org_cellular_location    ? 
_entity_src_gen.pdbx_host_org_vector_type          plasmid 
_entity_src_gen.pdbx_host_org_vector               ? 
_entity_src_gen.host_org_details                   ? 
_entity_src_gen.expression_system_id               ? 
_entity_src_gen.plasmid_name                       ? 
_entity_src_gen.plasmid_details                    ? 
_entity_src_gen.pdbx_description                   ? 
# 
loop_
_chem_comp.id 
_chem_comp.type 
_chem_comp.mon_nstd_flag 
_chem_comp.name 
_chem_comp.pdbx_synonyms 
_chem_comp.formula 
_chem_comp.formula_weight 
ALA 'L-peptide linking' y ALANINE         ? 'C3 H7 N O2'     89.093  
ARG 'L-peptide linking' y ARGININE        ? 'C6 H15 N4 O2 1' 175.209 
ASN 'L-peptide linking' y ASPARAGINE      ? 'C4 H8 N2 O3'    132.118 
ASP 'L-peptide linking' y 'ASPARTIC ACID' ? 'C4 H7 N O4'     133.103 
CYS 'L-peptide linking' y CYSTEINE        ? 'C3 H7 N O2 S'   121.158 
GLN 'L-peptide linking' y GLUTAMINE       ? 'C5 H10 N2 O3'   146.144 
GLU 'L-peptide linking' y 'GLUTAMIC ACID' ? 'C5 H9 N O4'     147.129 
GLY 'peptide linking'   y GLYCINE         ? 'C2 H5 N O2'     75.067  
HIS 'L-peptide linking' y HISTIDINE       ? 'C6 H10 N3 O2 1' 156.162 
HOH non-polymer         . WATER           ? 'H2 O'           18.015  
ILE 'L-peptide linking' y ISOLEUCINE      ? 'C6 H13 N O2'    131.173 
LEU 'L-peptide linking' y LEUCINE         ? 'C6 H13 N O2'    131.173 
LYS 'L-peptide linking' y LYSINE          ? 'C6 H15 N2 O2 1' 147.195 
MET 'L-peptide linking' y METHIONINE      ? 'C5 H11 N O2 S'  149.211 
PHE 'L-peptide linking' y PHENYLALANINE   ? 'C9 H11 N O2'    165.189 
PRO 'L-peptide linking' y PROLINE         ? 'C5 H9 N O2'     115.130 
SER 'L-peptide linking' y SERINE          ? 'C3 H7 N O3'     105.093 
THR 'L-peptide linking' y THREONINE       ? 'C4 H9 N O3'     119.119 
TYR 'L-peptide linking' y TYROSINE        ? 'C9 H11 N O3'    181.189 
VAL 'L-peptide linking' y VALINE          ? 'C5 H11 N O2'    117.146 
# 
loop_
_pdbx_poly_seq_scheme.asym_id 
_pdbx_poly_seq_scheme.entity_id 
_pdbx_poly_seq_scheme.seq_id 
_pdbx_poly_seq_scheme.mon_id 
_pdbx_poly_seq_scheme.ndb_seq_num 
_pdbx_poly_seq_scheme.pdb_seq_num 
_pdbx_poly_seq_scheme.auth_seq_num 
_pdbx_poly_seq_scheme.pdb_mon_id 
_pdbx_poly_seq_scheme.auth_mon_id 
_pdbx_poly_seq_scheme.pdb_strand_id 
_pdbx_poly_seq_scheme.pdb_ins_code 
_pdbx_poly_seq_scheme.hetero 
A 1 1   MET 1   1   1   MET MET X . n 
A 1 2   GLU 2   2   2   GLU GLU X . n 
A 1 3   THR 3   3   3   THR THR X . n 
A 1 4   VAL 4   4   4   VAL VAL X . n 
A 1 5   ALA 5   5   5   ALA ALA X . n 
A 1 6   TYR 6   6   6   TYR TYR X . n 
A 1 7   ALA 7   7   7   ALA ALA X . n 
A 1 8   ASP 8   8   8   ASP ASP X . n 
A 1 9   PHE 9   9   9   PHE PHE X . n 
A 1 10  ALA 10  10  10  ALA ALA X . n 
A 1 11  ARG 11  11  11  ARG ARG X . n 
A 1 12  LEU 12  12  12  LEU LEU X . n 
A 1 13  GLU 13  13  13  GLU GLU X . n 
A 1 14  MET 14  14  14  MET MET X . n 
A 1 15  ARG 15  15  15  ARG ARG X . n 
A 1 16  VAL 16  16  16  VAL VAL X . n 
A 1 17  GLY 17  17  17  GLY GLY X . n 
A 1 18  LYS 18  18  18  LYS LYS X . n 
A 1 19  ILE 19  19  19  ILE ILE X . n 
A 1 20  VAL 20  20  20  VAL VAL X . n 
A 1 21  GLU 21  21  21  GLU GLU X . n 
A 1 22  VAL 22  22  22  VAL VAL X . n 
A 1 23  LYS 23  23  23  LYS LYS X . n 
A 1 24  ARG 24  24  24  ARG ARG X . n 
A 1 25  HIS 25  25  25  HIS HIS X . n 
A 1 26  GLU 26  26  26  GLU GLU X . n 
A 1 27  ASN 27  27  27  ASN ASN X . n 
A 1 28  ALA 28  28  28  ALA ALA X . n 
A 1 29  ASP 29  29  29  ASP ASP X . n 
A 1 30  LYS 30  30  30  LYS LYS X . n 
A 1 31  LEU 31  31  31  LEU LEU X . n 
A 1 32  TYR 32  32  32  TYR TYR X . n 
A 1 33  ILE 33  33  33  ILE ILE X . n 
A 1 34  VAL 34  34  34  VAL VAL X . n 
A 1 35  GLN 35  35  35  GLN GLN X . n 
A 1 36  VAL 36  36  36  VAL VAL X . n 
A 1 37  ASP 37  37  37  ASP ASP X . n 
A 1 38  VAL 38  38  38  VAL VAL X . n 
A 1 39  GLY 39  39  39  GLY GLY X . n 
A 1 40  GLN 40  40  40  GLN GLN X . n 
A 1 41  LYS 41  41  41  LYS LYS X . n 
A 1 42  THR 42  42  42  THR THR X . n 
A 1 43  LEU 43  43  43  LEU LEU X . n 
A 1 44  GLN 44  44  44  GLN GLN X . n 
A 1 45  THR 45  45  45  THR THR X . n 
A 1 46  VAL 46  46  46  VAL VAL X . n 
A 1 47  THR 47  47  47  THR THR X . n 
A 1 48  SER 48  48  48  SER SER X . n 
A 1 49  LEU 49  49  49  LEU LEU X . n 
A 1 50  VAL 50  50  50  VAL VAL X . n 
A 1 51  PRO 51  51  51  PRO PRO X . n 
A 1 52  TYR 52  52  52  TYR TYR X . n 
A 1 53  TYR 53  53  53  TYR TYR X . n 
A 1 54  SER 54  54  54  SER SER X . n 
A 1 55  GLU 55  55  55  GLU GLU X . n 
A 1 56  GLU 56  56  56  GLU GLU X . n 
A 1 57  GLU 57  57  57  GLU GLU X . n 
A 1 58  LEU 58  58  58  LEU LEU X . n 
A 1 59  MET 59  59  59  MET MET X . n 
A 1 60  GLY 60  60  60  GLY GLY X . n 
A 1 61  LYS 61  61  61  LYS LYS X . n 
A 1 62  THR 62  62  62  THR THR X . n 
A 1 63  VAL 63  63  63  VAL VAL X . n 
A 1 64  VAL 64  64  64  VAL VAL X . n 
A 1 65  VAL 65  65  65  VAL VAL X . n 
A 1 66  LEU 66  66  66  LEU LEU X . n 
A 1 67  CYS 67  67  67  CYS CYS X . n 
A 1 68  ASN 68  68  68  ASN ASN X . n 
A 1 69  LEU 69  69  69  LEU LEU X . n 
A 1 70  GLN 70  70  70  GLN GLN X . n 
A 1 71  LYS 71  71  71  LYS LYS X . n 
A 1 72  ALA 72  72  72  ALA ALA X . n 
A 1 73  LYS 73  73  73  LYS LYS X . n 
A 1 74  MET 74  74  74  MET MET X . n 
A 1 75  ARG 75  75  75  ARG ARG X . n 
A 1 76  GLY 76  76  76  GLY GLY X . n 
A 1 77  GLU 77  77  77  GLU GLU X . n 
A 1 78  THR 78  78  78  THR THR X . n 
A 1 79  SER 79  79  79  SER SER X . n 
A 1 80  GLU 80  80  80  GLU GLU X . n 
A 1 81  CYS 81  81  81  CYS CYS X . n 
A 1 82  MET 82  82  82  MET MET X . n 
A 1 83  LEU 83  83  83  LEU LEU X . n 
A 1 84  LEU 84  84  84  LEU LEU X . n 
A 1 85  CYS 85  85  85  CYS CYS X . n 
A 1 86  ALA 86  86  86  ALA ALA X . n 
A 1 87  GLU 87  87  87  GLU GLU X . n 
A 1 88  THR 88  88  88  THR THR X . n 
A 1 89  ASP 89  89  89  ASP ASP X . n 
A 1 90  ASP 90  90  90  ASP ASP X . n 
A 1 91  GLY 91  91  91  GLY GLY X . n 
A 1 92  SER 92  92  92  SER SER X . n 
A 1 93  GLU 93  93  93  GLU GLU X . n 
A 1 94  SER 94  94  94  SER SER X . n 
A 1 95  VAL 95  95  95  VAL VAL X . n 
A 1 96  LEU 96  96  96  LEU LEU X . n 
A 1 97  LEU 97  97  97  LEU LEU X . n 
A 1 98  THR 98  98  98  THR THR X . n 
A 1 99  PRO 99  99  99  PRO PRO X . n 
A 1 100 GLU 100 100 100 GLU GLU X . n 
A 1 101 ARG 101 101 101 ARG ARG X . n 
A 1 102 MET 102 102 102 MET MET X . n 
A 1 103 MET 103 103 103 MET MET X . n 
A 1 104 PRO 104 104 104 PRO PRO X . n 
A 1 105 ALA 105 105 105 ALA ALA X . n 
A 1 106 GLY 106 106 106 GLY GLY X . n 
A 1 107 VAL 107 107 107 VAL VAL X . n 
A 1 108 ARG 108 108 108 ARG ARG X . n 
A 1 109 VAL 109 109 109 VAL VAL X . n 
A 1 110 VAL 110 110 110 VAL VAL X . n 
A 1 111 LEU 111 111 111 LEU LEU X . n 
A 1 112 ASP 112 112 112 ASP ASP X . n 
A 1 113 HIS 113 113 ?   ?   ?   X . n 
A 1 114 HIS 114 114 ?   ?   ?   X . n 
A 1 115 HIS 115 115 ?   ?   ?   X . n 
A 1 116 HIS 116 116 ?   ?   ?   X . n 
A 1 117 HIS 117 117 ?   ?   ?   X . n 
A 1 118 HIS 118 118 ?   ?   ?   X . n 
# 
loop_
_pdbx_nonpoly_scheme.asym_id 
_pdbx_nonpoly_scheme.entity_id 
_pdbx_nonpoly_scheme.mon_id 
_pdbx_nonpoly_scheme.ndb_seq_num 
_pdbx_nonpoly_scheme.pdb_seq_num 
_pdbx_nonpoly_scheme.auth_seq_num 
_pdbx_nonpoly_scheme.pdb_mon_id 
_pdbx_nonpoly_scheme.auth_mon_id 
_pdbx_nonpoly_scheme.pdb_strand_id 
_pdbx_nonpoly_scheme.pdb_ins_code 
B 2 HOH 1  113 1  HOH HOH X . 
B 2 HOH 2  114 2  HOH HOH X . 
B 2 HOH 3  115 3  HOH HOH X . 
B 2 HOH 4  116 4  HOH HOH X . 
B 2 HOH 5  117 5  HOH HOH X . 
B 2 HOH 6  118 6  HOH HOH X . 
B 2 HOH 7  119 7  HOH HOH X . 
B 2 HOH 8  120 8  HOH HOH X . 
B 2 HOH 9  121 9  HOH HOH X . 
B 2 HOH 10 122 10 HOH HOH X . 
B 2 HOH 11 123 11 HOH HOH X . 
B 2 HOH 12 124 12 HOH HOH X . 
B 2 HOH 13 125 13 HOH HOH X . 
B 2 HOH 14 126 14 HOH HOH X . 
B 2 HOH 15 127 15 HOH HOH X . 
B 2 HOH 16 128 16 HOH HOH X . 
B 2 HOH 17 129 17 HOH HOH X . 
B 2 HOH 18 130 18 HOH HOH X . 
B 2 HOH 19 131 19 HOH HOH X . 
B 2 HOH 20 132 20 HOH HOH X . 
B 2 HOH 21 133 21 HOH HOH X . 
B 2 HOH 22 134 22 HOH HOH X . 
B 2 HOH 23 135 23 HOH HOH X . 
B 2 HOH 24 136 24 HOH HOH X . 
B 2 HOH 25 137 25 HOH HOH X . 
B 2 HOH 26 138 26 HOH HOH X . 
B 2 HOH 27 139 27 HOH HOH X . 
B 2 HOH 28 140 28 HOH HOH X . 
B 2 HOH 29 141 29 HOH HOH X . 
B 2 HOH 30 142 30 HOH HOH X . 
B 2 HOH 31 143 31 HOH HOH X . 
B 2 HOH 32 144 32 HOH HOH X . 
B 2 HOH 33 145 33 HOH HOH X . 
B 2 HOH 34 146 34 HOH HOH X . 
B 2 HOH 35 147 35 HOH HOH X . 
B 2 HOH 36 148 36 HOH HOH X . 
B 2 HOH 37 149 37 HOH HOH X . 
B 2 HOH 38 150 38 HOH HOH X . 
B 2 HOH 39 151 39 HOH HOH X . 
B 2 HOH 40 152 40 HOH HOH X . 
B 2 HOH 41 153 41 HOH HOH X . 
B 2 HOH 42 154 42 HOH HOH X . 
B 2 HOH 43 155 43 HOH HOH X . 
B 2 HOH 44 156 44 HOH HOH X . 
B 2 HOH 45 157 45 HOH HOH X . 
B 2 HOH 46 158 46 HOH HOH X . 
B 2 HOH 47 159 47 HOH HOH X . 
B 2 HOH 48 160 48 HOH HOH X . 
B 2 HOH 49 161 49 HOH HOH X . 
B 2 HOH 50 162 50 HOH HOH X . 
B 2 HOH 51 163 51 HOH HOH X . 
B 2 HOH 52 164 52 HOH HOH X . 
B 2 HOH 53 165 53 HOH HOH X . 
B 2 HOH 54 166 54 HOH HOH X . 
B 2 HOH 55 167 55 HOH HOH X . 
B 2 HOH 56 168 56 HOH HOH X . 
B 2 HOH 57 169 57 HOH HOH X . 
B 2 HOH 58 170 58 HOH HOH X . 
B 2 HOH 59 171 59 HOH HOH X . 
B 2 HOH 60 172 60 HOH HOH X . 
B 2 HOH 61 173 61 HOH HOH X . 
B 2 HOH 62 174 62 HOH HOH X . 
B 2 HOH 63 175 63 HOH HOH X . 
B 2 HOH 64 176 64 HOH HOH X . 
B 2 HOH 65 177 65 HOH HOH X . 
B 2 HOH 66 178 66 HOH HOH X . 
B 2 HOH 67 179 67 HOH HOH X . 
B 2 HOH 68 180 68 HOH HOH X . 
B 2 HOH 69 181 69 HOH HOH X . 
B 2 HOH 70 182 70 HOH HOH X . 
B 2 HOH 71 183 71 HOH HOH X . 
B 2 HOH 72 184 72 HOH HOH X . 
B 2 HOH 73 185 73 HOH HOH X . 
B 2 HOH 74 186 74 HOH HOH X . 
# 
loop_
_software.name 
_software.version 
_software.date 
_software.type 
_software.contact_author 
_software.contact_author_email 
_software.classification 
_software.location 
_software.language 
_software.citation_id 
_software.pdbx_ordinal 
DENZO       .     ?               package 'Zbyszek Otwinowski'  hkl@hkl-xray.com                'data reduction'  
http://www.hkl-xray.com/                     ?          ? 1 
SCALEPACK   .     ?               package 'Zbyszek Otwinowski'  hkl@hkl-xray.com                'data scaling'    
http://www.hkl-xray.com/                     ?          ? 2 
SHARP       .     ?               package 'Eric de La Fortelle' sharp-develop@globalphasing.com phasing           
http://www.globalphasing.com/sharp/          ?          ? 3 
SOLOMON     .     ?               program 'Jan P. Abrahams'     ccp4@ccp4.ac.uk                 phasing           
http://www.ccp4.ac.uk/dist/html/solomon.html Fortran_77 ? 4 
REFMAC      .     ?               program 'Garib N. Murshudov'  garib@ysbl.york.ac.uk           refinement        
http://www.ccp4.ac.uk/dist/html/refmac5.html Fortran_77 ? 5 
PDB_EXTRACT 3.006 'June 11, 2008' package PDB                   help@deposit.rcsb.org           'data extraction' 
http://sw-tools.pdb.org/apps/PDB_EXTRACT/    C++        ? 6 
HKL-2000    .     ?               ?       ?                     ?                               'data reduction'  ? ?          ? 7 
# 
_cell.length_a           41.234 
_cell.length_b           41.234 
_cell.length_c           95.377 
_cell.angle_alpha        90.000 
_cell.angle_beta         90.000 
_cell.angle_gamma        120.000 
_cell.entry_id           3ERS 
_cell.pdbx_unique_axis   ? 
_cell.Z_PDB              6 
_cell.length_a_esd       ? 
_cell.length_b_esd       ? 
_cell.length_c_esd       ? 
_cell.angle_alpha_esd    ? 
_cell.angle_beta_esd     ? 
_cell.angle_gamma_esd    ? 
# 
_symmetry.space_group_name_H-M             'P 32 2 1' 
_symmetry.entry_id                         3ERS 
_symmetry.Int_Tables_number                154 
_symmetry.pdbx_full_space_group_name_H-M   ? 
_symmetry.cell_setting                     ? 
_symmetry.space_group_name_Hall            ? 
# 
_exptl.crystals_number   1 
_exptl.entry_id          3ERS 
_exptl.method            'X-RAY DIFFRACTION' 
# 
_exptl_crystal.id                    1 
_exptl_crystal.density_Matthews      1.86 
_exptl_crystal.density_meas          ? 
_exptl_crystal.density_percent_sol   34.01 
_exptl_crystal.description           ? 
_exptl_crystal.F_000                 ? 
_exptl_crystal.preparation           ? 
# 
_exptl_crystal_grow.crystal_id      1 
_exptl_crystal_grow.method          'VAPOR DIFFUSION' 
_exptl_crystal_grow.pH              7.0 
_exptl_crystal_grow.temp            298 
_exptl_crystal_grow.pdbx_details    'PEG1000, ammonium sulfate, imidazole, pH 7.0, VAPOR DIFFUSION, temperature 298K' 
_exptl_crystal_grow.temp_details    ? 
_exptl_crystal_grow.pdbx_pH_range   . 
# 
_diffrn.id                     1 
_diffrn.ambient_temp           100 
_diffrn.ambient_temp_details   ? 
_diffrn.crystal_id             1 
# 
_diffrn_detector.diffrn_id              1 
_diffrn_detector.detector               'IMAGE PLATE' 
_diffrn_detector.type                   'MAR scanner 345 mm plate' 
_diffrn_detector.pdbx_collection_date   1999-10-26 
_diffrn_detector.details                ? 
# 
_diffrn_radiation.diffrn_id                        1 
_diffrn_radiation.pdbx_diffrn_protocol             'SINGLE WAVELENGTH' 
_diffrn_radiation.monochromator                    ? 
_diffrn_radiation.wavelength_id                    1 
_diffrn_radiation.pdbx_monochromatic_or_laue_m_l   ? 
_diffrn_radiation.pdbx_scattering_type             x-ray 
# 
_diffrn_radiation_wavelength.id           1 
_diffrn_radiation_wavelength.wavelength   1.54 
_diffrn_radiation_wavelength.wt           1.0 
# 
_diffrn_source.diffrn_id                   1 
_diffrn_source.source                      SYNCHROTRON 
_diffrn_source.type                        'SSRL BEAMLINE BL7-1' 
_diffrn_source.pdbx_wavelength_list        1.54 
_diffrn_source.pdbx_wavelength             ? 
_diffrn_source.pdbx_synchrotron_site       SSRL 
_diffrn_source.pdbx_synchrotron_beamline   BL7-1 
# 
_reflns.entry_id                     3ERS 
_reflns.observed_criterion_sigma_F   0 
_reflns.observed_criterion_sigma_I   0 
_reflns.d_resolution_high            1.87 
_reflns.d_resolution_low             19.83 
_reflns.number_all                   8245 
_reflns.number_obs                   8064 
_reflns.percent_possible_obs         97.6 
_reflns.pdbx_Rmerge_I_obs            ? 
_reflns.pdbx_Rsym_value              0.031 
_reflns.B_iso_Wilson_estimate        ? 
_reflns.pdbx_redundancy              ? 
_reflns.R_free_details               ? 
_reflns.limit_h_max                  ? 
_reflns.limit_h_min                  ? 
_reflns.limit_k_max                  ? 
_reflns.limit_k_min                  ? 
_reflns.limit_l_max                  ? 
_reflns.limit_l_min                  ? 
_reflns.observed_criterion_F_max     ? 
_reflns.observed_criterion_F_min     ? 
_reflns.pdbx_chi_squared             ? 
_reflns.pdbx_scaling_rejects         ? 
_reflns.pdbx_netI_over_sigmaI        ? 
_reflns.pdbx_diffrn_id               1 
_reflns.pdbx_ordinal                 1 
# 
_reflns_shell.d_res_high             1.87 
_reflns_shell.d_res_low              1.94 
_reflns_shell.percent_possible_obs   ? 
_reflns_shell.percent_possible_all   96.1 
_reflns_shell.Rmerge_I_obs           ? 
_reflns_shell.meanI_over_sigI_obs    13.6 
_reflns_shell.pdbx_Rsym_value        0.116 
_reflns_shell.pdbx_redundancy        ? 
_reflns_shell.number_unique_all      ? 
_reflns_shell.number_measured_all    ? 
_reflns_shell.number_measured_obs    ? 
_reflns_shell.number_unique_obs      ? 
_reflns_shell.pdbx_chi_squared       ? 
_reflns_shell.pdbx_diffrn_id         ? 
_reflns_shell.pdbx_ordinal           1 
# 
_refine.entry_id                                 3ERS 
_refine.ls_d_res_high                            1.870 
_refine.ls_d_res_low                             19.83 
_refine.pdbx_ls_sigma_F                          0.00 
_refine.ls_percent_reflns_obs                    97.490 
_refine.ls_number_reflns_obs                     8050 
_refine.pdbx_ls_cross_valid_method               THROUGHOUT 
_refine.pdbx_R_Free_selection_details            RANDOM 
_refine.details                                  'HYDROGENS HAVE BEEN ADDED IN THE RIDING POSITIONS' 
_refine.ls_R_factor_obs                          0.220 
_refine.ls_R_factor_R_work                       0.216 
_refine.ls_wR_factor_R_work                      0.222 
_refine.ls_R_factor_R_free                       0.282 
_refine.ls_wR_factor_R_free                      0.291 
_refine.ls_percent_reflns_R_free                 4.600 
_refine.ls_number_reflns_R_free                  374 
_refine.B_iso_mean                               27.204 
_refine.aniso_B[1][1]                            0.420 
_refine.aniso_B[2][2]                            0.420 
_refine.aniso_B[3][3]                            -0.640 
_refine.aniso_B[1][2]                            0.210 
_refine.aniso_B[1][3]                            0.000 
_refine.aniso_B[2][3]                            0.000 
_refine.correlation_coeff_Fo_to_Fc               0.935 
_refine.correlation_coeff_Fo_to_Fc_free          0.897 
_refine.overall_SU_R_Cruickshank_DPI             0.204 
_refine.overall_SU_R_free                        0.189 
_refine.pdbx_overall_ESU_R                       0.204 
_refine.pdbx_overall_ESU_R_Free                  0.189 
_refine.overall_SU_ML                            0.114 
_refine.overall_SU_B                             3.618 
_refine.solvent_model_details                    MASK 
_refine.pdbx_solvent_vdw_probe_radii             1.200 
_refine.pdbx_solvent_ion_probe_radii             0.800 
_refine.pdbx_solvent_shrinkage_radii             0.800 
_refine.pdbx_method_to_determine_struct          MIRAS 
_refine.pdbx_stereochemistry_target_values       'MAXIMUM LIKELIHOOD' 
_refine.overall_FOM_work_R_set                   0.804 
_refine.B_iso_max                                55.01 
_refine.B_iso_min                                8.40 
_refine.occupancy_max                            1.00 
_refine.occupancy_min                            0.50 
_refine.pdbx_ls_sigma_I                          ? 
_refine.ls_number_reflns_all                     ? 
_refine.ls_R_factor_all                          ? 
_refine.ls_redundancy_reflns_obs                 ? 
_refine.pdbx_data_cutoff_high_absF               ? 
_refine.pdbx_data_cutoff_low_absF                ? 
_refine.ls_number_parameters                     ? 
_refine.ls_number_restraints                     ? 
_refine.ls_R_factor_R_free_error                 ? 
_refine.ls_R_factor_R_free_error_details         ? 
_refine.pdbx_starting_model                      ? 
_refine.pdbx_stereochem_target_val_spec_case     ? 
_refine.solvent_model_param_bsol                 ? 
_refine.solvent_model_param_ksol                 ? 
_refine.pdbx_isotropic_thermal_model             ? 
_refine.pdbx_data_cutoff_high_rms_absF           ? 
_refine.overall_FOM_free_R_set                   ? 
_refine.pdbx_overall_phase_error                 ? 
_refine.pdbx_refine_id                           'X-RAY DIFFRACTION' 
_refine.pdbx_diffrn_id                           1 
_refine.pdbx_TLS_residual_ADP_flag               ? 
_refine.pdbx_overall_SU_R_free_Cruickshank_DPI   ? 
_refine.pdbx_overall_SU_R_Blow_DPI               ? 
_refine.pdbx_overall_SU_R_free_Blow_DPI          ? 
# 
_refine_hist.pdbx_refine_id                   'X-RAY DIFFRACTION' 
_refine_hist.cycle_id                         LAST 
_refine_hist.pdbx_number_atoms_protein        870 
_refine_hist.pdbx_number_atoms_nucleic_acid   0 
_refine_hist.pdbx_number_atoms_ligand         0 
_refine_hist.number_atoms_solvent             74 
_refine_hist.number_atoms_total               944 
_refine_hist.d_res_high                       1.870 
_refine_hist.d_res_low                        19.83 
# 
loop_
_refine_ls_restr.type 
_refine_ls_restr.number 
_refine_ls_restr.dev_ideal 
_refine_ls_restr.dev_ideal_target 
_refine_ls_restr.weight 
_refine_ls_restr.pdbx_refine_id 
_refine_ls_restr.pdbx_restraint_function 
r_bond_refined_d         878  0.016  0.022  ? 'X-RAY DIFFRACTION' ? 
r_angle_refined_deg      1184 2.142  1.997  ? 'X-RAY DIFFRACTION' ? 
r_dihedral_angle_1_deg   111  9.142  5.000  ? 'X-RAY DIFFRACTION' ? 
r_dihedral_angle_2_deg   36   34.020 25.000 ? 'X-RAY DIFFRACTION' ? 
r_dihedral_angle_3_deg   173  18.621 15.000 ? 'X-RAY DIFFRACTION' ? 
r_dihedral_angle_4_deg   6    15.563 15.000 ? 'X-RAY DIFFRACTION' ? 
r_chiral_restr           144  0.282  0.200  ? 'X-RAY DIFFRACTION' ? 
r_gen_planes_refined     627  0.006  0.020  ? 'X-RAY DIFFRACTION' ? 
r_nbd_refined            395  0.280  0.300  ? 'X-RAY DIFFRACTION' ? 
r_nbtor_refined          593  0.318  0.500  ? 'X-RAY DIFFRACTION' ? 
r_xyhbond_nbd_refined    103  0.214  0.500  ? 'X-RAY DIFFRACTION' ? 
r_symmetry_vdw_refined   81   0.287  0.300  ? 'X-RAY DIFFRACTION' ? 
r_symmetry_hbond_refined 32   0.332  0.500  ? 'X-RAY DIFFRACTION' ? 
r_mcbond_it              577  1.377  1.500  ? 'X-RAY DIFFRACTION' ? 
r_mcangle_it             903  2.003  2.000  ? 'X-RAY DIFFRACTION' ? 
r_scbond_it              335  3.128  3.000  ? 'X-RAY DIFFRACTION' ? 
r_scangle_it             281  4.672  4.500  ? 'X-RAY DIFFRACTION' ? 
# 
_refine_ls_shell.d_res_high                       1.870 
_refine_ls_shell.d_res_low                        1.918 
_refine_ls_shell.pdbx_total_number_of_bins_used   20 
_refine_ls_shell.percent_reflns_obs               95.970 
_refine_ls_shell.number_reflns_R_work             548 
_refine_ls_shell.R_factor_all                     ? 
_refine_ls_shell.R_factor_R_work                  0.220 
_refine_ls_shell.R_factor_R_free                  0.208 
_refine_ls_shell.percent_reflns_R_free            ? 
_refine_ls_shell.number_reflns_R_free             24 
_refine_ls_shell.R_factor_R_free_error            ? 
_refine_ls_shell.number_reflns_all                572 
_refine_ls_shell.number_reflns_obs                ? 
_refine_ls_shell.redundancy_reflns_obs            ? 
_refine_ls_shell.pdbx_refine_id                   'X-RAY DIFFRACTION' 
# 
_struct.entry_id                  3ERS 
_struct.title                     'Crystal Structure of E. coli Trbp111' 
_struct.pdbx_model_details        ? 
_struct.pdbx_CASP_flag            ? 
_struct.pdbx_model_type_details   ? 
# 
_struct_keywords.entry_id        3ERS 
_struct_keywords.text            'oligonucleotide-oligosaccharide binding fold, RNA-binding, tRNA-binding, RNA BINDING PROTEIN' 
_struct_keywords.pdbx_keywords   'RNA BINDING PROTEIN' 
# 
loop_
_struct_asym.id 
_struct_asym.pdbx_blank_PDB_chainid_flag 
_struct_asym.pdbx_modified 
_struct_asym.entity_id 
_struct_asym.details 
A N N 1 ? 
B N N 2 ? 
# 
_struct_ref.id                         1 
_struct_ref.db_name                    UNP 
_struct_ref.db_code                    YGJH_ECOLI 
_struct_ref.pdbx_db_accession          P42589 
_struct_ref.entity_id                  1 
_struct_ref.pdbx_seq_one_letter_code   
;METVAYADFARLEMRVGKIVEVKRHENADKLYIVQVDVGQKTLQTVTSLVPYYSEEELMGKTVVVLCNLQKAKMRGETSE
CMLLCAETDDGSESVLLTPERMMPAGVRVV
;
_struct_ref.pdbx_align_begin           1 
_struct_ref.pdbx_db_isoform            ? 
# 
_struct_ref_seq.align_id                      1 
_struct_ref_seq.ref_id                        1 
_struct_ref_seq.pdbx_PDB_id_code              3ERS 
_struct_ref_seq.pdbx_strand_id                X 
_struct_ref_seq.seq_align_beg                 1 
_struct_ref_seq.pdbx_seq_align_beg_ins_code   ? 
_struct_ref_seq.seq_align_end                 110 
_struct_ref_seq.pdbx_seq_align_end_ins_code   ? 
_struct_ref_seq.pdbx_db_accession             P42589 
_struct_ref_seq.db_align_beg                  1 
_struct_ref_seq.pdbx_db_align_beg_ins_code    ? 
_struct_ref_seq.db_align_end                  110 
_struct_ref_seq.pdbx_db_align_end_ins_code    ? 
_struct_ref_seq.pdbx_auth_seq_align_beg       1 
_struct_ref_seq.pdbx_auth_seq_align_end       110 
# 
loop_
_struct_ref_seq_dif.align_id 
_struct_ref_seq_dif.pdbx_pdb_id_code 
_struct_ref_seq_dif.mon_id 
_struct_ref_seq_dif.pdbx_pdb_strand_id 
_struct_ref_seq_dif.seq_num 
_struct_ref_seq_dif.pdbx_pdb_ins_code 
_struct_ref_seq_dif.pdbx_seq_db_name 
_struct_ref_seq_dif.pdbx_seq_db_accession_code 
_struct_ref_seq_dif.db_mon_id 
_struct_ref_seq_dif.pdbx_seq_db_seq_num 
_struct_ref_seq_dif.details 
_struct_ref_seq_dif.pdbx_auth_seq_num 
_struct_ref_seq_dif.pdbx_ordinal 
1 3ERS LEU X 111 ? UNP P42589 ? ? 'expression tag' 111 1 
1 3ERS ASP X 112 ? UNP P42589 ? ? 'expression tag' 112 2 
1 3ERS HIS X 113 ? UNP P42589 ? ? 'expression tag' 113 3 
1 3ERS HIS X 114 ? UNP P42589 ? ? 'expression tag' 114 4 
1 3ERS HIS X 115 ? UNP P42589 ? ? 'expression tag' 115 5 
1 3ERS HIS X 116 ? UNP P42589 ? ? 'expression tag' 116 6 
1 3ERS HIS X 117 ? UNP P42589 ? ? 'expression tag' 117 7 
1 3ERS HIS X 118 ? UNP P42589 ? ? 'expression tag' 118 8 
# 
_pdbx_struct_assembly.id                   1 
_pdbx_struct_assembly.details              author_and_software_defined_assembly 
_pdbx_struct_assembly.method_details       PISA 
_pdbx_struct_assembly.oligomeric_details   dimeric 
_pdbx_struct_assembly.oligomeric_count     2 
# 
loop_
_pdbx_struct_assembly_prop.biol_id 
_pdbx_struct_assembly_prop.type 
_pdbx_struct_assembly_prop.value 
_pdbx_struct_assembly_prop.details 
1 'ABSA (A^2)' 4410  ? 
1 MORE         -30   ? 
1 'SSA (A^2)'  10860 ? 
# 
_pdbx_struct_assembly_gen.assembly_id       1 
_pdbx_struct_assembly_gen.oper_expression   1,2 
_pdbx_struct_assembly_gen.asym_id_list      A,B 
# 
loop_
_pdbx_struct_oper_list.id 
_pdbx_struct_oper_list.type 
_pdbx_struct_oper_list.name 
_pdbx_struct_oper_list.symmetry_operation 
_pdbx_struct_oper_list.matrix[1][1] 
_pdbx_struct_oper_list.matrix[1][2] 
_pdbx_struct_oper_list.matrix[1][3] 
_pdbx_struct_oper_list.vector[1] 
_pdbx_struct_oper_list.matrix[2][1] 
_pdbx_struct_oper_list.matrix[2][2] 
_pdbx_struct_oper_list.matrix[2][3] 
_pdbx_struct_oper_list.vector[2] 
_pdbx_struct_oper_list.matrix[3][1] 
_pdbx_struct_oper_list.matrix[3][2] 
_pdbx_struct_oper_list.matrix[3][3] 
_pdbx_struct_oper_list.vector[3] 
1 'identity operation'         1_555 x,y,z              1.0000000000  0.0000000000  0.0000000000  0.0000000000   0.0000000000  1.0000000000 0.0000000000 0.0000000000 0.0000000000  0.0000000000 1.0000000000  0.0000000000   
2 'crystal symmetry operation' 6_765 -x+2,-x+y+1,-z+2/3 -0.5335554184 -0.7452857894 -0.3998346003 -12.1303057768 -0.7452857894 0.1908186520 0.6388562704 0.9889720805 -0.3998346003 0.6388562704 -0.6572632335 -15.9945693407 
# 
_struct_biol.id        1 
_struct_biol.details   ? 
# 
loop_
_struct_conf.conf_type_id 
_struct_conf.id 
_struct_conf.pdbx_PDB_helix_id 
_struct_conf.beg_label_comp_id 
_struct_conf.beg_label_asym_id 
_struct_conf.beg_label_seq_id 
_struct_conf.pdbx_beg_PDB_ins_code 
_struct_conf.end_label_comp_id 
_struct_conf.end_label_asym_id 
_struct_conf.end_label_seq_id 
_struct_conf.pdbx_end_PDB_ins_code 
_struct_conf.beg_auth_comp_id 
_struct_conf.beg_auth_asym_id 
_struct_conf.beg_auth_seq_id 
_struct_conf.end_auth_comp_id 
_struct_conf.end_auth_asym_id 
_struct_conf.end_auth_seq_id 
_struct_conf.pdbx_PDB_helix_class 
_struct_conf.details 
_struct_conf.pdbx_PDB_helix_length 
HELX_P HELX_P1 1 ALA A 5  ? ARG A 11 ? ALA X 5  ARG X 11 1 ? 7 
HELX_P HELX_P2 2 SER A 54 ? MET A 59 ? SER X 54 MET X 59 1 ? 6 
# 
_struct_conf_type.id          HELX_P 
_struct_conf_type.criteria    ? 
_struct_conf_type.reference   ? 
# 
loop_
_struct_mon_prot_cis.pdbx_id 
_struct_mon_prot_cis.label_comp_id 
_struct_mon_prot_cis.label_seq_id 
_struct_mon_prot_cis.label_asym_id 
_struct_mon_prot_cis.label_alt_id 
_struct_mon_prot_cis.pdbx_PDB_ins_code 
_struct_mon_prot_cis.auth_comp_id 
_struct_mon_prot_cis.auth_seq_id 
_struct_mon_prot_cis.auth_asym_id 
_struct_mon_prot_cis.pdbx_label_comp_id_2 
_struct_mon_prot_cis.pdbx_label_seq_id_2 
_struct_mon_prot_cis.pdbx_label_asym_id_2 
_struct_mon_prot_cis.pdbx_PDB_ins_code_2 
_struct_mon_prot_cis.pdbx_auth_comp_id_2 
_struct_mon_prot_cis.pdbx_auth_seq_id_2 
_struct_mon_prot_cis.pdbx_auth_asym_id_2 
_struct_mon_prot_cis.pdbx_PDB_model_num 
_struct_mon_prot_cis.pdbx_omega_angle 
1 THR 3  A . ? THR 3  X VAL 4  A ? VAL 4  X 1 19.95 
2 THR 47 A . ? THR 47 X SER 48 A ? SER 48 X 1 7.27  
# 
loop_
_struct_sheet.id 
_struct_sheet.type 
_struct_sheet.number_strands 
_struct_sheet.details 
A ? 5 ? 
B ? 2 ? 
C ? 2 ? 
# 
loop_
_struct_sheet_order.sheet_id 
_struct_sheet_order.range_id_1 
_struct_sheet_order.range_id_2 
_struct_sheet_order.offset 
_struct_sheet_order.sense 
A 1 2 ? anti-parallel 
A 2 3 ? anti-parallel 
A 3 4 ? anti-parallel 
A 4 5 ? anti-parallel 
B 1 2 ? anti-parallel 
C 1 2 ? anti-parallel 
# 
loop_
_struct_sheet_range.sheet_id 
_struct_sheet_range.id 
_struct_sheet_range.beg_label_comp_id 
_struct_sheet_range.beg_label_asym_id 
_struct_sheet_range.beg_label_seq_id 
_struct_sheet_range.pdbx_beg_PDB_ins_code 
_struct_sheet_range.end_label_comp_id 
_struct_sheet_range.end_label_asym_id 
_struct_sheet_range.end_label_seq_id 
_struct_sheet_range.pdbx_end_PDB_ins_code 
_struct_sheet_range.beg_auth_comp_id 
_struct_sheet_range.beg_auth_asym_id 
_struct_sheet_range.beg_auth_seq_id 
_struct_sheet_range.end_auth_comp_id 
_struct_sheet_range.end_auth_asym_id 
_struct_sheet_range.end_auth_seq_id 
A 1 THR A 42 ? THR A 47 ? THR X 42 THR X 47 
A 2 TYR A 32 ? ASP A 37 ? TYR X 32 ASP X 37 
A 3 MET A 14 ? LYS A 23 ? MET X 14 LYS X 23 
A 4 THR A 62 ? LEU A 66 ? THR X 62 LEU X 66 
A 5 MET A 82 ? LEU A 83 ? MET X 82 LEU X 83 
B 1 ALA A 72 ? MET A 74 ? ALA X 72 MET X 74 
B 2 GLU A 77 ? SER A 79 ? GLU X 77 SER X 79 
C 1 CYS A 85 ? GLU A 87 ? CYS X 85 GLU X 87 
C 2 SER A 94 ? LEU A 96 ? SER X 94 LEU X 96 
# 
loop_
_pdbx_struct_sheet_hbond.sheet_id 
_pdbx_struct_sheet_hbond.range_id_1 
_pdbx_struct_sheet_hbond.range_id_2 
_pdbx_struct_sheet_hbond.range_1_label_atom_id 
_pdbx_struct_sheet_hbond.range_1_label_comp_id 
_pdbx_struct_sheet_hbond.range_1_label_asym_id 
_pdbx_struct_sheet_hbond.range_1_label_seq_id 
_pdbx_struct_sheet_hbond.range_1_PDB_ins_code 
_pdbx_struct_sheet_hbond.range_1_auth_atom_id 
_pdbx_struct_sheet_hbond.range_1_auth_comp_id 
_pdbx_struct_sheet_hbond.range_1_auth_asym_id 
_pdbx_struct_sheet_hbond.range_1_auth_seq_id 
_pdbx_struct_sheet_hbond.range_2_label_atom_id 
_pdbx_struct_sheet_hbond.range_2_label_comp_id 
_pdbx_struct_sheet_hbond.range_2_label_asym_id 
_pdbx_struct_sheet_hbond.range_2_label_seq_id 
_pdbx_struct_sheet_hbond.range_2_PDB_ins_code 
_pdbx_struct_sheet_hbond.range_2_auth_atom_id 
_pdbx_struct_sheet_hbond.range_2_auth_comp_id 
_pdbx_struct_sheet_hbond.range_2_auth_asym_id 
_pdbx_struct_sheet_hbond.range_2_auth_seq_id 
A 1 2 O THR A 47 ? O THR X 47 N TYR A 32 ? N TYR X 32 
A 2 3 O GLN A 35 ? O GLN X 35 N VAL A 20 ? N VAL X 20 
A 3 4 N ARG A 15 ? N ARG X 15 O VAL A 65 ? O VAL X 65 
A 4 5 N LEU A 66 ? N LEU X 66 O MET A 82 ? O MET X 82 
B 1 2 N ALA A 72 ? N ALA X 72 O SER A 79 ? O SER X 79 
C 1 2 N ALA A 86 ? N ALA X 86 O VAL A 95 ? O VAL X 95 
# 
_pdbx_validate_close_contact.id               1 
_pdbx_validate_close_contact.PDB_model_num    1 
_pdbx_validate_close_contact.auth_atom_id_1   O 
_pdbx_validate_close_contact.auth_asym_id_1   X 
_pdbx_validate_close_contact.auth_comp_id_1   VAL 
_pdbx_validate_close_contact.auth_seq_id_1    50 
_pdbx_validate_close_contact.PDB_ins_code_1   ? 
_pdbx_validate_close_contact.label_alt_id_1   ? 
_pdbx_validate_close_contact.auth_atom_id_2   O 
_pdbx_validate_close_contact.auth_asym_id_2   X 
_pdbx_validate_close_contact.auth_comp_id_2   TYR 
_pdbx_validate_close_contact.auth_seq_id_2    53 
_pdbx_validate_close_contact.PDB_ins_code_2   ? 
_pdbx_validate_close_contact.label_alt_id_2   ? 
_pdbx_validate_close_contact.dist             1.52 
# 
loop_
_pdbx_validate_symm_contact.id 
_pdbx_validate_symm_contact.PDB_model_num 
_pdbx_validate_symm_contact.auth_atom_id_1 
_pdbx_validate_symm_contact.auth_asym_id_1 
_pdbx_validate_symm_contact.auth_comp_id_1 
_pdbx_validate_symm_contact.auth_seq_id_1 
_pdbx_validate_symm_contact.PDB_ins_code_1 
_pdbx_validate_symm_contact.label_alt_id_1 
_pdbx_validate_symm_contact.site_symmetry_1 
_pdbx_validate_symm_contact.auth_atom_id_2 
_pdbx_validate_symm_contact.auth_asym_id_2 
_pdbx_validate_symm_contact.auth_comp_id_2 
_pdbx_validate_symm_contact.auth_seq_id_2 
_pdbx_validate_symm_contact.PDB_ins_code_2 
_pdbx_validate_symm_contact.label_alt_id_2 
_pdbx_validate_symm_contact.site_symmetry_2 
_pdbx_validate_symm_contact.dist 
1 1 OH X TYR 52 ? ? 1_555 NH1 X ARG 101 ? ? 6_765 1.79 
2 1 OG X SER 48 ? ? 1_555 OD1 X ASP 112 ? ? 6_765 1.87 
# 
loop_
_pdbx_validate_rmsd_angle.id 
_pdbx_validate_rmsd_angle.PDB_model_num 
_pdbx_validate_rmsd_angle.auth_atom_id_1 
_pdbx_validate_rmsd_angle.auth_asym_id_1 
_pdbx_validate_rmsd_angle.auth_comp_id_1 
_pdbx_validate_rmsd_angle.auth_seq_id_1 
_pdbx_validate_rmsd_angle.PDB_ins_code_1 
_pdbx_validate_rmsd_angle.label_alt_id_1 
_pdbx_validate_rmsd_angle.auth_atom_id_2 
_pdbx_validate_rmsd_angle.auth_asym_id_2 
_pdbx_validate_rmsd_angle.auth_comp_id_2 
_pdbx_validate_rmsd_angle.auth_seq_id_2 
_pdbx_validate_rmsd_angle.PDB_ins_code_2 
_pdbx_validate_rmsd_angle.label_alt_id_2 
_pdbx_validate_rmsd_angle.auth_atom_id_3 
_pdbx_validate_rmsd_angle.auth_asym_id_3 
_pdbx_validate_rmsd_angle.auth_comp_id_3 
_pdbx_validate_rmsd_angle.auth_seq_id_3 
_pdbx_validate_rmsd_angle.PDB_ins_code_3 
_pdbx_validate_rmsd_angle.label_alt_id_3 
_pdbx_validate_rmsd_angle.angle_value 
_pdbx_validate_rmsd_angle.angle_target_value 
_pdbx_validate_rmsd_angle.angle_deviation 
_pdbx_validate_rmsd_angle.angle_standard_deviation 
_pdbx_validate_rmsd_angle.linker_flag 
1 1 C X THR 3  ? ? N X VAL 4  ? ? CA X VAL 4  ? ? 142.87 121.70 21.17  2.50 Y 
2 1 C X VAL 50 ? ? N X PRO 51 ? ? CA X PRO 51 ? ? 109.09 119.30 -10.21 1.50 Y 
# 
loop_
_pdbx_validate_torsion.id 
_pdbx_validate_torsion.PDB_model_num 
_pdbx_validate_torsion.auth_comp_id 
_pdbx_validate_torsion.auth_asym_id 
_pdbx_validate_torsion.auth_seq_id 
_pdbx_validate_torsion.PDB_ins_code 
_pdbx_validate_torsion.label_alt_id 
_pdbx_validate_torsion.phi 
_pdbx_validate_torsion.psi 
1 1 VAL X 4  ? ? 75.66  93.59  
2 1 ALA X 28 ? ? 74.93  178.67 
3 1 ASP X 29 ? ? 82.08  101.79 
4 1 LYS X 30 ? ? 83.53  -65.12 
5 1 SER X 48 ? ? 111.66 -73.81 
# 
_pdbx_validate_peptide_omega.id               1 
_pdbx_validate_peptide_omega.PDB_model_num    1 
_pdbx_validate_peptide_omega.auth_comp_id_1   ASN 
_pdbx_validate_peptide_omega.auth_asym_id_1   X 
_pdbx_validate_peptide_omega.auth_seq_id_1    27 
_pdbx_validate_peptide_omega.PDB_ins_code_1   ? 
_pdbx_validate_peptide_omega.label_alt_id_1   ? 
_pdbx_validate_peptide_omega.auth_comp_id_2   ALA 
_pdbx_validate_peptide_omega.auth_asym_id_2   X 
_pdbx_validate_peptide_omega.auth_seq_id_2    28 
_pdbx_validate_peptide_omega.PDB_ins_code_2   ? 
_pdbx_validate_peptide_omega.label_alt_id_2   ? 
_pdbx_validate_peptide_omega.omega            126.86 
# 
_pdbx_validate_chiral.id              1 
_pdbx_validate_chiral.PDB_model_num   1 
_pdbx_validate_chiral.auth_atom_id    CA 
_pdbx_validate_chiral.label_alt_id    ? 
_pdbx_validate_chiral.auth_asym_id    X 
_pdbx_validate_chiral.auth_comp_id    VAL 
_pdbx_validate_chiral.auth_seq_id     4 
_pdbx_validate_chiral.PDB_ins_code    ? 
_pdbx_validate_chiral.details         PLANAR 
_pdbx_validate_chiral.omega           . 
# 
_diffrn_reflns.diffrn_id                   1 
_diffrn_reflns.pdbx_d_res_high             2.000 
_diffrn_reflns.pdbx_d_res_low              20.000 
_diffrn_reflns.pdbx_number_obs             6791 
_diffrn_reflns.pdbx_Rmerge_I_obs           0.041 
_diffrn_reflns.pdbx_Rsym_value             ? 
_diffrn_reflns.pdbx_chi_squared            2.33 
_diffrn_reflns.av_sigmaI_over_netI         ? 
_diffrn_reflns.pdbx_redundancy             ? 
_diffrn_reflns.pdbx_percent_possible_obs   99.60 
_diffrn_reflns.number                      46662 
_diffrn_reflns.pdbx_observed_criterion     ? 
_diffrn_reflns.limit_h_max                 ? 
_diffrn_reflns.limit_h_min                 ? 
_diffrn_reflns.limit_k_max                 ? 
_diffrn_reflns.limit_k_min                 ? 
_diffrn_reflns.limit_l_max                 ? 
_diffrn_reflns.limit_l_min                 ? 
# 
loop_
_pdbx_diffrn_reflns_shell.diffrn_id 
_pdbx_diffrn_reflns_shell.d_res_high 
_pdbx_diffrn_reflns_shell.d_res_low 
_pdbx_diffrn_reflns_shell.number_obs 
_pdbx_diffrn_reflns_shell.rejects 
_pdbx_diffrn_reflns_shell.Rmerge_I_obs 
_pdbx_diffrn_reflns_shell.Rsym_value 
_pdbx_diffrn_reflns_shell.chi_squared 
_pdbx_diffrn_reflns_shell.redundancy 
_pdbx_diffrn_reflns_shell.percent_possible_obs 
1 4.30 20.00 ? ? 0.031 ? 3.647 ? 97.70  
1 3.42 4.30  ? ? 0.033 ? 2.848 ? 99.40  
1 2.99 3.42  ? ? 0.037 ? 2.721 ? 100.00 
1 2.71 2.99  ? ? 0.044 ? 2.587 ? 99.90  
1 2.52 2.71  ? ? 0.053 ? 2.385 ? 100.00 
1 2.37 2.52  ? ? 0.065 ? 2.120 ? 100.00 
1 2.25 2.37  ? ? 0.070 ? 2.059 ? 100.00 
1 2.15 2.25  ? ? 0.083 ? 1.831 ? 99.90  
1 2.07 2.15  ? ? 0.102 ? 1.631 ? 100.00 
1 2.00 2.07  ? ? 0.112 ? 1.571 ? 100.00 
# 
_phasing.method   MIRAS 
# 
loop_
_pdbx_unobs_or_zero_occ_residues.id 
_pdbx_unobs_or_zero_occ_residues.PDB_model_num 
_pdbx_unobs_or_zero_occ_residues.polymer_flag 
_pdbx_unobs_or_zero_occ_residues.occupancy_flag 
_pdbx_unobs_or_zero_occ_residues.auth_asym_id 
_pdbx_unobs_or_zero_occ_residues.auth_comp_id 
_pdbx_unobs_or_zero_occ_residues.auth_seq_id 
_pdbx_unobs_or_zero_occ_residues.PDB_ins_code 
_pdbx_unobs_or_zero_occ_residues.label_asym_id 
_pdbx_unobs_or_zero_occ_residues.label_comp_id 
_pdbx_unobs_or_zero_occ_residues.label_seq_id 
1 1 Y 1 X HIS 113 ? A HIS 113 
2 1 Y 1 X HIS 114 ? A HIS 114 
3 1 Y 1 X HIS 115 ? A HIS 115 
4 1 Y 1 X HIS 116 ? A HIS 116 
5 1 Y 1 X HIS 117 ? A HIS 117 
6 1 Y 1 X HIS 118 ? A HIS 118 
# 
loop_
_chem_comp_atom.comp_id 
_chem_comp_atom.atom_id 
_chem_comp_atom.type_symbol 
_chem_comp_atom.pdbx_aromatic_flag 
_chem_comp_atom.pdbx_stereo_config 
_chem_comp_atom.pdbx_ordinal 
ALA N    N N N 1   
ALA CA   C N S 2   
ALA C    C N N 3   
ALA O    O N N 4   
ALA CB   C N N 5   
ALA OXT  O N N 6   
ALA H    H N N 7   
ALA H2   H N N 8   
ALA HA   H N N 9   
ALA HB1  H N N 10  
ALA HB2  H N N 11  
ALA HB3  H N N 12  
ALA HXT  H N N 13  
ARG N    N N N 14  
ARG CA   C N S 15  
ARG C    C N N 16  
ARG O    O N N 17  
ARG CB   C N N 18  
ARG CG   C N N 19  
ARG CD   C N N 20  
ARG NE   N N N 21  
ARG CZ   C N N 22  
ARG NH1  N N N 23  
ARG NH2  N N N 24  
ARG OXT  O N N 25  
ARG H    H N N 26  
ARG H2   H N N 27  
ARG HA   H N N 28  
ARG HB2  H N N 29  
ARG HB3  H N N 30  
ARG HG2  H N N 31  
ARG HG3  H N N 32  
ARG HD2  H N N 33  
ARG HD3  H N N 34  
ARG HE   H N N 35  
ARG HH11 H N N 36  
ARG HH12 H N N 37  
ARG HH21 H N N 38  
ARG HH22 H N N 39  
ARG HXT  H N N 40  
ASN N    N N N 41  
ASN CA   C N S 42  
ASN C    C N N 43  
ASN O    O N N 44  
ASN CB   C N N 45  
ASN CG   C N N 46  
ASN OD1  O N N 47  
ASN ND2  N N N 48  
ASN OXT  O N N 49  
ASN H    H N N 50  
ASN H2   H N N 51  
ASN HA   H N N 52  
ASN HB2  H N N 53  
ASN HB3  H N N 54  
ASN HD21 H N N 55  
ASN HD22 H N N 56  
ASN HXT  H N N 57  
ASP N    N N N 58  
ASP CA   C N S 59  
ASP C    C N N 60  
ASP O    O N N 61  
ASP CB   C N N 62  
ASP CG   C N N 63  
ASP OD1  O N N 64  
ASP OD2  O N N 65  
ASP OXT  O N N 66  
ASP H    H N N 67  
ASP H2   H N N 68  
ASP HA   H N N 69  
ASP HB2  H N N 70  
ASP HB3  H N N 71  
ASP HD2  H N N 72  
ASP HXT  H N N 73  
CYS N    N N N 74  
CYS CA   C N R 75  
CYS C    C N N 76  
CYS O    O N N 77  
CYS CB   C N N 78  
CYS SG   S N N 79  
CYS OXT  O N N 80  
CYS H    H N N 81  
CYS H2   H N N 82  
CYS HA   H N N 83  
CYS HB2  H N N 84  
CYS HB3  H N N 85  
CYS HG   H N N 86  
CYS HXT  H N N 87  
GLN N    N N N 88  
GLN CA   C N S 89  
GLN C    C N N 90  
GLN O    O N N 91  
GLN CB   C N N 92  
GLN CG   C N N 93  
GLN CD   C N N 94  
GLN OE1  O N N 95  
GLN NE2  N N N 96  
GLN OXT  O N N 97  
GLN H    H N N 98  
GLN H2   H N N 99  
GLN HA   H N N 100 
GLN HB2  H N N 101 
GLN HB3  H N N 102 
GLN HG2  H N N 103 
GLN HG3  H N N 104 
GLN HE21 H N N 105 
GLN HE22 H N N 106 
GLN HXT  H N N 107 
GLU N    N N N 108 
GLU CA   C N S 109 
GLU C    C N N 110 
GLU O    O N N 111 
GLU CB   C N N 112 
GLU CG   C N N 113 
GLU CD   C N N 114 
GLU OE1  O N N 115 
GLU OE2  O N N 116 
GLU OXT  O N N 117 
GLU H    H N N 118 
GLU H2   H N N 119 
GLU HA   H N N 120 
GLU HB2  H N N 121 
GLU HB3  H N N 122 
GLU HG2  H N N 123 
GLU HG3  H N N 124 
GLU HE2  H N N 125 
GLU HXT  H N N 126 
GLY N    N N N 127 
GLY CA   C N N 128 
GLY C    C N N 129 
GLY O    O N N 130 
GLY OXT  O N N 131 
GLY H    H N N 132 
GLY H2   H N N 133 
GLY HA2  H N N 134 
GLY HA3  H N N 135 
GLY HXT  H N N 136 
HIS N    N N N 137 
HIS CA   C N S 138 
HIS C    C N N 139 
HIS O    O N N 140 
HIS CB   C N N 141 
HIS CG   C Y N 142 
HIS ND1  N Y N 143 
HIS CD2  C Y N 144 
HIS CE1  C Y N 145 
HIS NE2  N Y N 146 
HIS OXT  O N N 147 
HIS H    H N N 148 
HIS H2   H N N 149 
HIS HA   H N N 150 
HIS HB2  H N N 151 
HIS HB3  H N N 152 
HIS HD1  H N N 153 
HIS HD2  H N N 154 
HIS HE1  H N N 155 
HIS HE2  H N N 156 
HIS HXT  H N N 157 
HOH O    O N N 158 
HOH H1   H N N 159 
HOH H2   H N N 160 
ILE N    N N N 161 
ILE CA   C N S 162 
ILE C    C N N 163 
ILE O    O N N 164 
ILE CB   C N S 165 
ILE CG1  C N N 166 
ILE CG2  C N N 167 
ILE CD1  C N N 168 
ILE OXT  O N N 169 
ILE H    H N N 170 
ILE H2   H N N 171 
ILE HA   H N N 172 
ILE HB   H N N 173 
ILE HG12 H N N 174 
ILE HG13 H N N 175 
ILE HG21 H N N 176 
ILE HG22 H N N 177 
ILE HG23 H N N 178 
ILE HD11 H N N 179 
ILE HD12 H N N 180 
ILE HD13 H N N 181 
ILE HXT  H N N 182 
LEU N    N N N 183 
LEU CA   C N S 184 
LEU C    C N N 185 
LEU O    O N N 186 
LEU CB   C N N 187 
LEU CG   C N N 188 
LEU CD1  C N N 189 
LEU CD2  C N N 190 
LEU OXT  O N N 191 
LEU H    H N N 192 
LEU H2   H N N 193 
LEU HA   H N N 194 
LEU HB2  H N N 195 
LEU HB3  H N N 196 
LEU HG   H N N 197 
LEU HD11 H N N 198 
LEU HD12 H N N 199 
LEU HD13 H N N 200 
LEU HD21 H N N 201 
LEU HD22 H N N 202 
LEU HD23 H N N 203 
LEU HXT  H N N 204 
LYS N    N N N 205 
LYS CA   C N S 206 
LYS C    C N N 207 
LYS O    O N N 208 
LYS CB   C N N 209 
LYS CG   C N N 210 
LYS CD   C N N 211 
LYS CE   C N N 212 
LYS NZ   N N N 213 
LYS OXT  O N N 214 
LYS H    H N N 215 
LYS H2   H N N 216 
LYS HA   H N N 217 
LYS HB2  H N N 218 
LYS HB3  H N N 219 
LYS HG2  H N N 220 
LYS HG3  H N N 221 
LYS HD2  H N N 222 
LYS HD3  H N N 223 
LYS HE2  H N N 224 
LYS HE3  H N N 225 
LYS HZ1  H N N 226 
LYS HZ2  H N N 227 
LYS HZ3  H N N 228 
LYS HXT  H N N 229 
MET N    N N N 230 
MET CA   C N S 231 
MET C    C N N 232 
MET O    O N N 233 
MET CB   C N N 234 
MET CG   C N N 235 
MET SD   S N N 236 
MET CE   C N N 237 
MET OXT  O N N 238 
MET H    H N N 239 
MET H2   H N N 240 
MET HA   H N N 241 
MET HB2  H N N 242 
MET HB3  H N N 243 
MET HG2  H N N 244 
MET HG3  H N N 245 
MET HE1  H N N 246 
MET HE2  H N N 247 
MET HE3  H N N 248 
MET HXT  H N N 249 
PHE N    N N N 250 
PHE CA   C N S 251 
PHE C    C N N 252 
PHE O    O N N 253 
PHE CB   C N N 254 
PHE CG   C Y N 255 
PHE CD1  C Y N 256 
PHE CD2  C Y N 257 
PHE CE1  C Y N 258 
PHE CE2  C Y N 259 
PHE CZ   C Y N 260 
PHE OXT  O N N 261 
PHE H    H N N 262 
PHE H2   H N N 263 
PHE HA   H N N 264 
PHE HB2  H N N 265 
PHE HB3  H N N 266 
PHE HD1  H N N 267 
PHE HD2  H N N 268 
PHE HE1  H N N 269 
PHE HE2  H N N 270 
PHE HZ   H N N 271 
PHE HXT  H N N 272 
PRO N    N N N 273 
PRO CA   C N S 274 
PRO C    C N N 275 
PRO O    O N N 276 
PRO CB   C N N 277 
PRO CG   C N N 278 
PRO CD   C N N 279 
PRO OXT  O N N 280 
PRO H    H N N 281 
PRO HA   H N N 282 
PRO HB2  H N N 283 
PRO HB3  H N N 284 
PRO HG2  H N N 285 
PRO HG3  H N N 286 
PRO HD2  H N N 287 
PRO HD3  H N N 288 
PRO HXT  H N N 289 
SER N    N N N 290 
SER CA   C N S 291 
SER C    C N N 292 
SER O    O N N 293 
SER CB   C N N 294 
SER OG   O N N 295 
SER OXT  O N N 296 
SER H    H N N 297 
SER H2   H N N 298 
SER HA   H N N 299 
SER HB2  H N N 300 
SER HB3  H N N 301 
SER HG   H N N 302 
SER HXT  H N N 303 
THR N    N N N 304 
THR CA   C N S 305 
THR C    C N N 306 
THR O    O N N 307 
THR CB   C N R 308 
THR OG1  O N N 309 
THR CG2  C N N 310 
THR OXT  O N N 311 
THR H    H N N 312 
THR H2   H N N 313 
THR HA   H N N 314 
THR HB   H N N 315 
THR HG1  H N N 316 
THR HG21 H N N 317 
THR HG22 H N N 318 
THR HG23 H N N 319 
THR HXT  H N N 320 
TYR N    N N N 321 
TYR CA   C N S 322 
TYR C    C N N 323 
TYR O    O N N 324 
TYR CB   C N N 325 
TYR CG   C Y N 326 
TYR CD1  C Y N 327 
TYR CD2  C Y N 328 
TYR CE1  C Y N 329 
TYR CE2  C Y N 330 
TYR CZ   C Y N 331 
TYR OH   O N N 332 
TYR OXT  O N N 333 
TYR H    H N N 334 
TYR H2   H N N 335 
TYR HA   H N N 336 
TYR HB2  H N N 337 
TYR HB3  H N N 338 
TYR HD1  H N N 339 
TYR HD2  H N N 340 
TYR HE1  H N N 341 
TYR HE2  H N N 342 
TYR HH   H N N 343 
TYR HXT  H N N 344 
VAL N    N N N 345 
VAL CA   C N S 346 
VAL C    C N N 347 
VAL O    O N N 348 
VAL CB   C N N 349 
VAL CG1  C N N 350 
VAL CG2  C N N 351 
VAL OXT  O N N 352 
VAL H    H N N 353 
VAL H2   H N N 354 
VAL HA   H N N 355 
VAL HB   H N N 356 
VAL HG11 H N N 357 
VAL HG12 H N N 358 
VAL HG13 H N N 359 
VAL HG21 H N N 360 
VAL HG22 H N N 361 
VAL HG23 H N N 362 
VAL HXT  H N N 363 
# 
loop_
_chem_comp_bond.comp_id 
_chem_comp_bond.atom_id_1 
_chem_comp_bond.atom_id_2 
_chem_comp_bond.value_order 
_chem_comp_bond.pdbx_aromatic_flag 
_chem_comp_bond.pdbx_stereo_config 
_chem_comp_bond.pdbx_ordinal 
ALA N   CA   sing N N 1   
ALA N   H    sing N N 2   
ALA N   H2   sing N N 3   
ALA CA  C    sing N N 4   
ALA CA  CB   sing N N 5   
ALA CA  HA   sing N N 6   
ALA C   O    doub N N 7   
ALA C   OXT  sing N N 8   
ALA CB  HB1  sing N N 9   
ALA CB  HB2  sing N N 10  
ALA CB  HB3  sing N N 11  
ALA OXT HXT  sing N N 12  
ARG N   CA   sing N N 13  
ARG N   H    sing N N 14  
ARG N   H2   sing N N 15  
ARG CA  C    sing N N 16  
ARG CA  CB   sing N N 17  
ARG CA  HA   sing N N 18  
ARG C   O    doub N N 19  
ARG C   OXT  sing N N 20  
ARG CB  CG   sing N N 21  
ARG CB  HB2  sing N N 22  
ARG CB  HB3  sing N N 23  
ARG CG  CD   sing N N 24  
ARG CG  HG2  sing N N 25  
ARG CG  HG3  sing N N 26  
ARG CD  NE   sing N N 27  
ARG CD  HD2  sing N N 28  
ARG CD  HD3  sing N N 29  
ARG NE  CZ   sing N N 30  
ARG NE  HE   sing N N 31  
ARG CZ  NH1  sing N N 32  
ARG CZ  NH2  doub N N 33  
ARG NH1 HH11 sing N N 34  
ARG NH1 HH12 sing N N 35  
ARG NH2 HH21 sing N N 36  
ARG NH2 HH22 sing N N 37  
ARG OXT HXT  sing N N 38  
ASN N   CA   sing N N 39  
ASN N   H    sing N N 40  
ASN N   H2   sing N N 41  
ASN CA  C    sing N N 42  
ASN CA  CB   sing N N 43  
ASN CA  HA   sing N N 44  
ASN C   O    doub N N 45  
ASN C   OXT  sing N N 46  
ASN CB  CG   sing N N 47  
ASN CB  HB2  sing N N 48  
ASN CB  HB3  sing N N 49  
ASN CG  OD1  doub N N 50  
ASN CG  ND2  sing N N 51  
ASN ND2 HD21 sing N N 52  
ASN ND2 HD22 sing N N 53  
ASN OXT HXT  sing N N 54  
ASP N   CA   sing N N 55  
ASP N   H    sing N N 56  
ASP N   H2   sing N N 57  
ASP CA  C    sing N N 58  
ASP CA  CB   sing N N 59  
ASP CA  HA   sing N N 60  
ASP C   O    doub N N 61  
ASP C   OXT  sing N N 62  
ASP CB  CG   sing N N 63  
ASP CB  HB2  sing N N 64  
ASP CB  HB3  sing N N 65  
ASP CG  OD1  doub N N 66  
ASP CG  OD2  sing N N 67  
ASP OD2 HD2  sing N N 68  
ASP OXT HXT  sing N N 69  
CYS N   CA   sing N N 70  
CYS N   H    sing N N 71  
CYS N   H2   sing N N 72  
CYS CA  C    sing N N 73  
CYS CA  CB   sing N N 74  
CYS CA  HA   sing N N 75  
CYS C   O    doub N N 76  
CYS C   OXT  sing N N 77  
CYS CB  SG   sing N N 78  
CYS CB  HB2  sing N N 79  
CYS CB  HB3  sing N N 80  
CYS SG  HG   sing N N 81  
CYS OXT HXT  sing N N 82  
GLN N   CA   sing N N 83  
GLN N   H    sing N N 84  
GLN N   H2   sing N N 85  
GLN CA  C    sing N N 86  
GLN CA  CB   sing N N 87  
GLN CA  HA   sing N N 88  
GLN C   O    doub N N 89  
GLN C   OXT  sing N N 90  
GLN CB  CG   sing N N 91  
GLN CB  HB2  sing N N 92  
GLN CB  HB3  sing N N 93  
GLN CG  CD   sing N N 94  
GLN CG  HG2  sing N N 95  
GLN CG  HG3  sing N N 96  
GLN CD  OE1  doub N N 97  
GLN CD  NE2  sing N N 98  
GLN NE2 HE21 sing N N 99  
GLN NE2 HE22 sing N N 100 
GLN OXT HXT  sing N N 101 
GLU N   CA   sing N N 102 
GLU N   H    sing N N 103 
GLU N   H2   sing N N 104 
GLU CA  C    sing N N 105 
GLU CA  CB   sing N N 106 
GLU CA  HA   sing N N 107 
GLU C   O    doub N N 108 
GLU C   OXT  sing N N 109 
GLU CB  CG   sing N N 110 
GLU CB  HB2  sing N N 111 
GLU CB  HB3  sing N N 112 
GLU CG  CD   sing N N 113 
GLU CG  HG2  sing N N 114 
GLU CG  HG3  sing N N 115 
GLU CD  OE1  doub N N 116 
GLU CD  OE2  sing N N 117 
GLU OE2 HE2  sing N N 118 
GLU OXT HXT  sing N N 119 
GLY N   CA   sing N N 120 
GLY N   H    sing N N 121 
GLY N   H2   sing N N 122 
GLY CA  C    sing N N 123 
GLY CA  HA2  sing N N 124 
GLY CA  HA3  sing N N 125 
GLY C   O    doub N N 126 
GLY C   OXT  sing N N 127 
GLY OXT HXT  sing N N 128 
HIS N   CA   sing N N 129 
HIS N   H    sing N N 130 
HIS N   H2   sing N N 131 
HIS CA  C    sing N N 132 
HIS CA  CB   sing N N 133 
HIS CA  HA   sing N N 134 
HIS C   O    doub N N 135 
HIS C   OXT  sing N N 136 
HIS CB  CG   sing N N 137 
HIS CB  HB2  sing N N 138 
HIS CB  HB3  sing N N 139 
HIS CG  ND1  sing Y N 140 
HIS CG  CD2  doub Y N 141 
HIS ND1 CE1  doub Y N 142 
HIS ND1 HD1  sing N N 143 
HIS CD2 NE2  sing Y N 144 
HIS CD2 HD2  sing N N 145 
HIS CE1 NE2  sing Y N 146 
HIS CE1 HE1  sing N N 147 
HIS NE2 HE2  sing N N 148 
HIS OXT HXT  sing N N 149 
HOH O   H1   sing N N 150 
HOH O   H2   sing N N 151 
ILE N   CA   sing N N 152 
ILE N   H    sing N N 153 
ILE N   H2   sing N N 154 
ILE CA  C    sing N N 155 
ILE CA  CB   sing N N 156 
ILE CA  HA   sing N N 157 
ILE C   O    doub N N 158 
ILE C   OXT  sing N N 159 
ILE CB  CG1  sing N N 160 
ILE CB  CG2  sing N N 161 
ILE CB  HB   sing N N 162 
ILE CG1 CD1  sing N N 163 
ILE CG1 HG12 sing N N 164 
ILE CG1 HG13 sing N N 165 
ILE CG2 HG21 sing N N 166 
ILE CG2 HG22 sing N N 167 
ILE CG2 HG23 sing N N 168 
ILE CD1 HD11 sing N N 169 
ILE CD1 HD12 sing N N 170 
ILE CD1 HD13 sing N N 171 
ILE OXT HXT  sing N N 172 
LEU N   CA   sing N N 173 
LEU N   H    sing N N 174 
LEU N   H2   sing N N 175 
LEU CA  C    sing N N 176 
LEU CA  CB   sing N N 177 
LEU CA  HA   sing N N 178 
LEU C   O    doub N N 179 
LEU C   OXT  sing N N 180 
LEU CB  CG   sing N N 181 
LEU CB  HB2  sing N N 182 
LEU CB  HB3  sing N N 183 
LEU CG  CD1  sing N N 184 
LEU CG  CD2  sing N N 185 
LEU CG  HG   sing N N 186 
LEU CD1 HD11 sing N N 187 
LEU CD1 HD12 sing N N 188 
LEU CD1 HD13 sing N N 189 
LEU CD2 HD21 sing N N 190 
LEU CD2 HD22 sing N N 191 
LEU CD2 HD23 sing N N 192 
LEU OXT HXT  sing N N 193 
LYS N   CA   sing N N 194 
LYS N   H    sing N N 195 
LYS N   H2   sing N N 196 
LYS CA  C    sing N N 197 
LYS CA  CB   sing N N 198 
LYS CA  HA   sing N N 199 
LYS C   O    doub N N 200 
LYS C   OXT  sing N N 201 
LYS CB  CG   sing N N 202 
LYS CB  HB2  sing N N 203 
LYS CB  HB3  sing N N 204 
LYS CG  CD   sing N N 205 
LYS CG  HG2  sing N N 206 
LYS CG  HG3  sing N N 207 
LYS CD  CE   sing N N 208 
LYS CD  HD2  sing N N 209 
LYS CD  HD3  sing N N 210 
LYS CE  NZ   sing N N 211 
LYS CE  HE2  sing N N 212 
LYS CE  HE3  sing N N 213 
LYS NZ  HZ1  sing N N 214 
LYS NZ  HZ2  sing N N 215 
LYS NZ  HZ3  sing N N 216 
LYS OXT HXT  sing N N 217 
MET N   CA   sing N N 218 
MET N   H    sing N N 219 
MET N   H2   sing N N 220 
MET CA  C    sing N N 221 
MET CA  CB   sing N N 222 
MET CA  HA   sing N N 223 
MET C   O    doub N N 224 
MET C   OXT  sing N N 225 
MET CB  CG   sing N N 226 
MET CB  HB2  sing N N 227 
MET CB  HB3  sing N N 228 
MET CG  SD   sing N N 229 
MET CG  HG2  sing N N 230 
MET CG  HG3  sing N N 231 
MET SD  CE   sing N N 232 
MET CE  HE1  sing N N 233 
MET CE  HE2  sing N N 234 
MET CE  HE3  sing N N 235 
MET OXT HXT  sing N N 236 
PHE N   CA   sing N N 237 
PHE N   H    sing N N 238 
PHE N   H2   sing N N 239 
PHE CA  C    sing N N 240 
PHE CA  CB   sing N N 241 
PHE CA  HA   sing N N 242 
PHE C   O    doub N N 243 
PHE C   OXT  sing N N 244 
PHE CB  CG   sing N N 245 
PHE CB  HB2  sing N N 246 
PHE CB  HB3  sing N N 247 
PHE CG  CD1  doub Y N 248 
PHE CG  CD2  sing Y N 249 
PHE CD1 CE1  sing Y N 250 
PHE CD1 HD1  sing N N 251 
PHE CD2 CE2  doub Y N 252 
PHE CD2 HD2  sing N N 253 
PHE CE1 CZ   doub Y N 254 
PHE CE1 HE1  sing N N 255 
PHE CE2 CZ   sing Y N 256 
PHE CE2 HE2  sing N N 257 
PHE CZ  HZ   sing N N 258 
PHE OXT HXT  sing N N 259 
PRO N   CA   sing N N 260 
PRO N   CD   sing N N 261 
PRO N   H    sing N N 262 
PRO CA  C    sing N N 263 
PRO CA  CB   sing N N 264 
PRO CA  HA   sing N N 265 
PRO C   O    doub N N 266 
PRO C   OXT  sing N N 267 
PRO CB  CG   sing N N 268 
PRO CB  HB2  sing N N 269 
PRO CB  HB3  sing N N 270 
PRO CG  CD   sing N N 271 
PRO CG  HG2  sing N N 272 
PRO CG  HG3  sing N N 273 
PRO CD  HD2  sing N N 274 
PRO CD  HD3  sing N N 275 
PRO OXT HXT  sing N N 276 
SER N   CA   sing N N 277 
SER N   H    sing N N 278 
SER N   H2   sing N N 279 
SER CA  C    sing N N 280 
SER CA  CB   sing N N 281 
SER CA  HA   sing N N 282 
SER C   O    doub N N 283 
SER C   OXT  sing N N 284 
SER CB  OG   sing N N 285 
SER CB  HB2  sing N N 286 
SER CB  HB3  sing N N 287 
SER OG  HG   sing N N 288 
SER OXT HXT  sing N N 289 
THR N   CA   sing N N 290 
THR N   H    sing N N 291 
THR N   H2   sing N N 292 
THR CA  C    sing N N 293 
THR CA  CB   sing N N 294 
THR CA  HA   sing N N 295 
THR C   O    doub N N 296 
THR C   OXT  sing N N 297 
THR CB  OG1  sing N N 298 
THR CB  CG2  sing N N 299 
THR CB  HB   sing N N 300 
THR OG1 HG1  sing N N 301 
THR CG2 HG21 sing N N 302 
THR CG2 HG22 sing N N 303 
THR CG2 HG23 sing N N 304 
THR OXT HXT  sing N N 305 
TYR N   CA   sing N N 306 
TYR N   H    sing N N 307 
TYR N   H2   sing N N 308 
TYR CA  C    sing N N 309 
TYR CA  CB   sing N N 310 
TYR CA  HA   sing N N 311 
TYR C   O    doub N N 312 
TYR C   OXT  sing N N 313 
TYR CB  CG   sing N N 314 
TYR CB  HB2  sing N N 315 
TYR CB  HB3  sing N N 316 
TYR CG  CD1  doub Y N 317 
TYR CG  CD2  sing Y N 318 
TYR CD1 CE1  sing Y N 319 
TYR CD1 HD1  sing N N 320 
TYR CD2 CE2  doub Y N 321 
TYR CD2 HD2  sing N N 322 
TYR CE1 CZ   doub Y N 323 
TYR CE1 HE1  sing N N 324 
TYR CE2 CZ   sing Y N 325 
TYR CE2 HE2  sing N N 326 
TYR CZ  OH   sing N N 327 
TYR OH  HH   sing N N 328 
TYR OXT HXT  sing N N 329 
VAL N   CA   sing N N 330 
VAL N   H    sing N N 331 
VAL N   H2   sing N N 332 
VAL CA  C    sing N N 333 
VAL CA  CB   sing N N 334 
VAL CA  HA   sing N N 335 
VAL C   O    doub N N 336 
VAL C   OXT  sing N N 337 
VAL CB  CG1  sing N N 338 
VAL CB  CG2  sing N N 339 
VAL CB  HB   sing N N 340 
VAL CG1 HG11 sing N N 341 
VAL CG1 HG12 sing N N 342 
VAL CG1 HG13 sing N N 343 
VAL CG2 HG21 sing N N 344 
VAL CG2 HG22 sing N N 345 
VAL CG2 HG23 sing N N 346 
VAL OXT HXT  sing N N 347 
# 
_atom_sites.entry_id                    3ERS 
_atom_sites.fract_transf_matrix[1][1]   -0.00299080 
_atom_sites.fract_transf_matrix[1][2]   0.01168638 
_atom_sites.fract_transf_matrix[1][3]   -0.02527250 
_atom_sites.fract_transf_matrix[2][1]   0.01021670 
_atom_sites.fract_transf_matrix[2][2]   -0.01287040 
_atom_sites.fract_transf_matrix[2][3]   -0.02267589 
_atom_sites.fract_transf_matrix[3][1]   -0.00911273 
_atom_sites.fract_transf_matrix[3][2]   -0.00503322 
_atom_sites.fract_transf_matrix[3][3]   -0.00124901 
_atom_sites.fract_transf_vector[1]      0.773980 
_atom_sites.fract_transf_vector[2]      0.689675 
_atom_sites.fract_transf_vector[3]      0.270573 
# 
loop_
_atom_type.symbol 
C 
N 
O 
S 
# 
loop_
_atom_site.group_PDB 
_atom_site.id 
_atom_site.type_symbol 
_atom_site.label_atom_id 
_atom_site.label_alt_id 
_atom_site.label_comp_id 
_atom_site.label_asym_id 
_atom_site.label_entity_id 
_atom_site.label_seq_id 
_atom_site.pdbx_PDB_ins_code 
_atom_site.Cartn_x 
_atom_site.Cartn_y 
_atom_site.Cartn_z 
_atom_site.occupancy 
_atom_site.B_iso_or_equiv 
_atom_site.pdbx_formal_charge 
_atom_site.auth_seq_id 
_atom_site.auth_comp_id 
_atom_site.auth_asym_id 
_atom_site.auth_atom_id 
_atom_site.pdbx_PDB_model_num 
ATOM   1   N N   . MET A 1 1   ? -23.485 2.990   -2.905  1.00 27.88 ? 1   MET X N   1 
ATOM   2   C CA  . MET A 1 1   ? -23.511 4.358   -2.295  1.00 28.23 ? 1   MET X CA  1 
ATOM   3   C C   . MET A 1 1   ? -23.783 5.507   -3.295  1.00 25.32 ? 1   MET X C   1 
ATOM   4   O O   . MET A 1 1   ? -23.876 5.290   -4.504  1.00 23.35 ? 1   MET X O   1 
ATOM   5   C CB  . MET A 1 1   ? -22.308 4.605   -1.342  1.00 29.16 ? 1   MET X CB  1 
ATOM   6   C CG  . MET A 1 1   ? -20.930 4.772   -1.900  1.00 31.57 ? 1   MET X CG  1 
ATOM   7   S SD  . MET A 1 1   ? -19.645 4.292   -0.632  1.00 33.24 ? 1   MET X SD  1 
ATOM   8   C CE  . MET A 1 1   ? -19.057 2.896   -1.579  1.00 29.07 ? 1   MET X CE  1 
ATOM   9   N N   . GLU A 1 2   ? -23.960 6.723   -2.791  1.00 25.06 ? 2   GLU X N   1 
ATOM   10  C CA  . GLU A 1 2   ? -24.324 7.840   -3.672  1.00 24.35 ? 2   GLU X CA  1 
ATOM   11  C C   . GLU A 1 2   ? -23.138 8.158   -4.626  1.00 24.44 ? 2   GLU X C   1 
ATOM   12  O O   . GLU A 1 2   ? -22.026 7.727   -4.366  1.00 23.97 ? 2   GLU X O   1 
ATOM   13  C CB  . GLU A 1 2   ? -24.769 9.050   -2.843  1.00 24.23 ? 2   GLU X CB  1 
ATOM   14  C CG  . GLU A 1 2   ? -23.641 9.691   -2.048  1.00 23.01 ? 2   GLU X CG  1 
ATOM   15  C CD  . GLU A 1 2   ? -24.147 10.770  -1.089  1.00 27.37 ? 2   GLU X CD  1 
ATOM   16  O OE1 . GLU A 1 2   ? -25.285 11.281  -1.259  1.00 33.08 ? 2   GLU X OE1 1 
ATOM   17  O OE2 . GLU A 1 2   ? -23.404 11.103  -0.150  1.00 33.31 ? 2   GLU X OE2 1 
ATOM   18  N N   . THR A 1 3   ? -23.372 8.861   -5.732  1.00 24.96 ? 3   THR X N   1 
ATOM   19  C CA  . THR A 1 3   ? -22.265 9.274   -6.657  1.00 27.16 ? 3   THR X CA  1 
ATOM   20  C C   . THR A 1 3   ? -21.538 10.377  -5.828  1.00 27.77 ? 3   THR X C   1 
ATOM   21  O O   . THR A 1 3   ? -22.190 10.900  -4.961  1.00 29.37 ? 3   THR X O   1 
ATOM   22  C CB  . THR A 1 3   ? -22.898 9.744   -8.023  1.00 27.39 ? 3   THR X CB  1 
ATOM   23  O OG1 . THR A 1 3   ? -23.489 11.031  -7.863  1.00 31.28 ? 3   THR X OG1 1 
ATOM   24  C CG2 . THR A 1 3   ? -24.050 8.813   -8.433  1.00 26.39 ? 3   THR X CG2 1 
ATOM   25  N N   . VAL A 1 4   ? -20.269 10.794  -5.885  1.00 30.66 ? 4   VAL X N   1 
ATOM   26  C CA  . VAL A 1 4   ? -19.085 10.817  -6.745  1.00 30.56 ? 4   VAL X CA  1 
ATOM   27  C C   . VAL A 1 4   ? -18.872 11.686  -7.927  1.00 30.58 ? 4   VAL X C   1 
ATOM   28  O O   . VAL A 1 4   ? -19.210 11.329  -9.034  1.00 30.33 ? 4   VAL X O   1 
ATOM   29  C CB  . VAL A 1 4   ? -17.869 9.993   -6.286  1.00 31.14 ? 4   VAL X CB  1 
ATOM   30  C CG1 . VAL A 1 4   ? -17.972 9.690   -4.803  1.00 31.72 ? 4   VAL X CG1 1 
ATOM   31  C CG2 . VAL A 1 4   ? -17.650 8.767   -7.121  1.00 29.20 ? 4   VAL X CG2 1 
ATOM   32  N N   . ALA A 1 5   ? -18.225 12.818  -7.666  1.00 31.26 ? 5   ALA X N   1 
ATOM   33  C CA  . ALA A 1 5   ? -17.709 13.713  -8.696  1.00 32.56 ? 5   ALA X CA  1 
ATOM   34  C C   . ALA A 1 5   ? -16.291 13.313  -9.024  1.00 32.75 ? 5   ALA X C   1 
ATOM   35  O O   . ALA A 1 5   ? -15.601 12.648  -8.228  1.00 32.60 ? 5   ALA X O   1 
ATOM   36  C CB  . ALA A 1 5   ? -17.718 15.142  -8.208  1.00 32.51 ? 5   ALA X CB  1 
ATOM   37  N N   . TYR A 1 6   ? -15.856 13.712  -10.209 1.00 33.03 ? 6   TYR X N   1 
ATOM   38  C CA  . TYR A 1 6   ? -14.475 13.495  -10.582 1.00 33.05 ? 6   TYR X CA  1 
ATOM   39  C C   . TYR A 1 6   ? -13.549 14.114  -9.530  1.00 31.45 ? 6   TYR X C   1 
ATOM   40  O O   . TYR A 1 6   ? -12.532 13.538  -9.197  1.00 30.73 ? 6   TYR X O   1 
ATOM   41  C CB  . TYR A 1 6   ? -14.177 14.070  -11.957 1.00 33.52 ? 6   TYR X CB  1 
ATOM   42  C CG  . TYR A 1 6   ? -12.737 13.862  -12.300 1.00 35.85 ? 6   TYR X CG  1 
ATOM   43  C CD1 . TYR A 1 6   ? -12.292 12.609  -12.689 1.00 36.85 ? 6   TYR X CD1 1 
ATOM   44  C CD2 . TYR A 1 6   ? -11.803 14.908  -12.205 1.00 36.84 ? 6   TYR X CD2 1 
ATOM   45  C CE1 . TYR A 1 6   ? -10.972 12.388  -12.980 1.00 37.99 ? 6   TYR X CE1 1 
ATOM   46  C CE2 . TYR A 1 6   ? -10.459 14.688  -12.516 1.00 37.30 ? 6   TYR X CE2 1 
ATOM   47  C CZ  . TYR A 1 6   ? -10.065 13.420  -12.899 1.00 37.90 ? 6   TYR X CZ  1 
ATOM   48  O OH  . TYR A 1 6   ? -8.760  13.139  -13.208 1.00 36.12 ? 6   TYR X OH  1 
ATOM   49  N N   . ALA A 1 7   ? -13.933 15.261  -8.990  1.00 31.50 ? 7   ALA X N   1 
ATOM   50  C CA  . ALA A 1 7   ? -13.135 15.960  -7.982  1.00 30.91 ? 7   ALA X CA  1 
ATOM   51  C C   . ALA A 1 7   ? -12.835 15.111  -6.739  1.00 30.89 ? 7   ALA X C   1 
ATOM   52  O O   . ALA A 1 7   ? -11.744 15.185  -6.184  1.00 31.00 ? 7   ALA X O   1 
ATOM   53  C CB  . ALA A 1 7   ? -13.817 17.249  -7.579  1.00 32.53 ? 7   ALA X CB  1 
ATOM   54  N N   . ASP A 1 8   ? -13.802 14.291  -6.331  1.00 29.88 ? 8   ASP X N   1 
ATOM   55  C CA  . ASP A 1 8   ? -13.641 13.379  -5.195  1.00 28.64 ? 8   ASP X CA  1 
ATOM   56  C C   . ASP A 1 8   ? -12.552 12.331  -5.463  1.00 26.42 ? 8   ASP X C   1 
ATOM   57  O O   . ASP A 1 8   ? -11.820 11.943  -4.558  1.00 26.55 ? 8   ASP X O   1 
ATOM   58  C CB  . ASP A 1 8   ? -14.966 12.657  -4.893  1.00 29.84 ? 8   ASP X CB  1 
ATOM   59  C CG  . ASP A 1 8   ? -16.078 13.607  -4.492  1.00 32.82 ? 8   ASP X CG  1 
ATOM   60  O OD1 . ASP A 1 8   ? -17.190 13.493  -5.070  1.00 33.78 ? 8   ASP X OD1 1 
ATOM   61  O OD2 . ASP A 1 8   ? -15.840 14.467  -3.610  1.00 37.17 ? 8   ASP X OD2 1 
ATOM   62  N N   . PHE A 1 9   ? -12.454 11.858  -6.702  1.00 25.04 ? 9   PHE X N   1 
ATOM   63  C CA  . PHE A 1 9   ? -11.364 10.946  -7.039  1.00 24.05 ? 9   PHE X CA  1 
ATOM   64  C C   . PHE A 1 9   ? -10.042 11.708  -7.117  1.00 23.19 ? 9   PHE X C   1 
ATOM   65  O O   . PHE A 1 9   ? -9.005  11.214  -6.646  1.00 22.18 ? 9   PHE X O   1 
ATOM   66  C CB  . PHE A 1 9   ? -11.627 10.180  -8.343  1.00 24.82 ? 9   PHE X CB  1 
ATOM   67  C CG  . PHE A 1 9   ? -10.496 9.271   -8.728  1.00 24.05 ? 9   PHE X CG  1 
ATOM   68  C CD1 . PHE A 1 9   ? -10.442 7.981   -8.244  1.00 25.23 ? 9   PHE X CD1 1 
ATOM   69  C CD2 . PHE A 1 9   ? -9.466  9.725   -9.525  1.00 26.65 ? 9   PHE X CD2 1 
ATOM   70  C CE1 . PHE A 1 9   ? -9.374  7.134   -8.571  1.00 26.47 ? 9   PHE X CE1 1 
ATOM   71  C CE2 . PHE A 1 9   ? -8.397  8.885   -9.871  1.00 24.47 ? 9   PHE X CE2 1 
ATOM   72  C CZ  . PHE A 1 9   ? -8.348  7.604   -9.385  1.00 25.85 ? 9   PHE X CZ  1 
ATOM   73  N N   . ALA A 1 10  ? -10.080 12.925  -7.673  1.00 21.78 ? 10  ALA X N   1 
ATOM   74  C CA  . ALA A 1 10  ? -8.838  13.726  -7.863  1.00 22.79 ? 10  ALA X CA  1 
ATOM   75  C C   . ALA A 1 10  ? -8.115  14.115  -6.568  1.00 21.78 ? 10  ALA X C   1 
ATOM   76  O O   . ALA A 1 10  ? -6.894  14.313  -6.585  1.00 23.19 ? 10  ALA X O   1 
ATOM   77  C CB  . ALA A 1 10  ? -9.122  15.000  -8.682  1.00 22.75 ? 10  ALA X CB  1 
ATOM   78  N N   . ARG A 1 11  ? -8.847  14.273  -5.470  1.00 21.05 ? 11  ARG X N   1 
ATOM   79  C CA  . ARG A 1 11  ? -8.226  14.692  -4.206  1.00 21.51 ? 11  ARG X CA  1 
ATOM   80  C C   . ARG A 1 11  ? -7.344  13.601  -3.579  1.00 20.16 ? 11  ARG X C   1 
ATOM   81  O O   . ARG A 1 11  ? -6.603  13.849  -2.613  1.00 18.78 ? 11  ARG X O   1 
ATOM   82  C CB  . ARG A 1 11  ? -9.274  15.158  -3.194  1.00 21.69 ? 11  ARG X CB  1 
ATOM   83  C CG  . ARG A 1 11  ? -9.996  14.067  -2.429  1.00 22.43 ? 11  ARG X CG  1 
ATOM   84  C CD  . ARG A 1 11  ? -10.871 14.685  -1.289  1.00 26.84 ? 11  ARG X CD  1 
ATOM   85  N NE  . ARG A 1 11  ? -12.159 15.149  -1.816  1.00 33.76 ? 11  ARG X NE  1 
ATOM   86  C CZ  . ARG A 1 11  ? -12.395 16.391  -2.216  1.00 38.50 ? 11  ARG X CZ  1 
ATOM   87  N NH1 . ARG A 1 11  ? -11.439 17.309  -2.135  1.00 38.79 ? 11  ARG X NH1 1 
ATOM   88  N NH2 . ARG A 1 11  ? -13.596 16.709  -2.703  1.00 40.67 ? 11  ARG X NH2 1 
ATOM   89  N N   . LEU A 1 12  ? -7.448  12.388  -4.119  1.00 18.42 ? 12  LEU X N   1 
ATOM   90  C CA  . LEU A 1 12  ? -6.619  11.262  -3.667  1.00 18.25 ? 12  LEU X CA  1 
ATOM   91  C C   . LEU A 1 12  ? -5.251  11.228  -4.401  1.00 18.15 ? 12  LEU X C   1 
ATOM   92  O O   . LEU A 1 12  ? -5.221  11.323  -5.636  1.00 18.08 ? 12  LEU X O   1 
ATOM   93  C CB  . LEU A 1 12  ? -7.399  9.946   -3.940  1.00 18.23 ? 12  LEU X CB  1 
ATOM   94  C CG  . LEU A 1 12  ? -8.753  9.817   -3.244  1.00 19.25 ? 12  LEU X CG  1 
ATOM   95  C CD1 . LEU A 1 12  ? -9.350  8.412   -3.462  1.00 24.22 ? 12  LEU X CD1 1 
ATOM   96  C CD2 . LEU A 1 12  ? -8.552  10.062  -1.783  1.00 22.98 ? 12  LEU X CD2 1 
ATOM   97  N N   . GLU A 1 13  ? -4.136  11.048  -3.673  1.00 17.11 ? 13  GLU X N   1 
ATOM   98  C CA  . GLU A 1 13  ? -2.813  10.848  -4.316  1.00 17.77 ? 13  GLU X CA  1 
ATOM   99  C C   . GLU A 1 13  ? -2.483  9.349   -4.330  1.00 16.39 ? 13  GLU X C   1 
ATOM   100 O O   . GLU A 1 13  ? -2.009  8.824   -3.345  1.00 15.58 ? 13  GLU X O   1 
ATOM   101 C CB  . GLU A 1 13  ? -1.657  11.603  -3.594  1.00 17.01 ? 13  GLU X CB  1 
ATOM   102 C CG  . GLU A 1 13  ? -0.278  11.496  -4.352  1.00 18.12 ? 13  GLU X CG  1 
ATOM   103 C CD  . GLU A 1 13  ? 0.933   12.043  -3.553  1.00 21.92 ? 13  GLU X CD  1 
ATOM   104 O OE1 . GLU A 1 13  ? 0.711   12.815  -2.627  1.00 28.32 ? 13  GLU X OE1 1 
ATOM   105 O OE2 . GLU A 1 13  ? 2.109   11.666  -3.813  1.00 26.78 ? 13  GLU X OE2 1 
ATOM   106 N N   . MET A 1 14  ? -2.769  8.683   -5.432  1.00 15.49 ? 14  MET X N   1 
ATOM   107 C CA  . MET A 1 14  ? -2.451  7.262   -5.575  1.00 15.70 ? 14  MET X CA  1 
ATOM   108 C C   . MET A 1 14  ? -1.311  7.138   -6.575  1.00 15.12 ? 14  MET X C   1 
ATOM   109 O O   . MET A 1 14  ? -1.307  7.804   -7.612  1.00 15.96 ? 14  MET X O   1 
ATOM   110 C CB  . MET A 1 14  ? -3.678  6.445   -6.014  1.00 14.10 ? 14  MET X CB  1 
ATOM   111 C CG  . MET A 1 14  ? -4.675  6.295   -4.824  1.00 15.47 ? 14  MET X CG  1 
ATOM   112 S SD  . MET A 1 14  ? -6.172  5.387   -5.262  1.00 20.84 ? 14  MET X SD  1 
ATOM   113 C CE  . MET A 1 14  ? -6.934  6.587   -6.352  1.00 20.80 ? 14  MET X CE  1 
ATOM   114 N N   . ARG A 1 15  ? -0.344  6.311   -6.221  1.00 15.32 ? 15  ARG X N   1 
ATOM   115 C CA  . ARG A 1 15  ? 0.810   6.077   -7.048  1.00 16.86 ? 15  ARG X CA  1 
ATOM   116 C C   . ARG A 1 15  ? 1.200   4.608   -7.032  1.00 15.28 ? 15  ARG X C   1 
ATOM   117 O O   . ARG A 1 15  ? 0.980   3.878   -6.026  1.00 15.05 ? 15  ARG X O   1 
ATOM   118 C CB  . ARG A 1 15  ? 2.014   6.862   -6.531  1.00 16.42 ? 15  ARG X CB  1 
ATOM   119 C CG  . ARG A 1 15  ? 1.830   8.384   -6.497  1.00 17.26 ? 15  ARG X CG  1 
ATOM   120 C CD  . ARG A 1 15  ? 3.142   9.096   -6.132  1.00 22.06 ? 15  ARG X CD  1 
ATOM   121 N NE  . ARG A 1 15  ? 2.981   10.560  -6.152  1.00 30.21 ? 15  ARG X NE  1 
ATOM   122 C CZ  . ARG A 1 15  ? 3.091   11.335  -7.234  1.00 33.93 ? 15  ARG X CZ  1 
ATOM   123 N NH1 . ARG A 1 15  ? 3.376   10.818  -8.430  1.00 31.59 ? 15  ARG X NH1 1 
ATOM   124 N NH2 . ARG A 1 15  ? 2.919   12.651  -7.109  1.00 35.35 ? 15  ARG X NH2 1 
ATOM   125 N N   . VAL A 1 16  ? 1.885   4.219   -8.095  1.00 13.69 ? 16  VAL X N   1 
ATOM   126 C CA  . VAL A 1 16  ? 2.581   2.919   -8.120  1.00 13.95 ? 16  VAL X CA  1 
ATOM   127 C C   . VAL A 1 16  ? 3.781   2.996   -7.196  1.00 13.82 ? 16  VAL X C   1 
ATOM   128 O O   . VAL A 1 16  ? 4.467   4.024   -7.172  1.00 14.55 ? 16  VAL X O   1 
ATOM   129 C CB  . VAL A 1 16  ? 3.078   2.589   -9.562  1.00 15.28 ? 16  VAL X CB  1 
ATOM   130 C CG1 . VAL A 1 16  ? 3.865   1.239   -9.596  1.00 13.21 ? 16  VAL X CG1 1 
ATOM   131 C CG2 . VAL A 1 16  ? 1.885   2.506   -10.532 1.00 15.64 ? 16  VAL X CG2 1 
ATOM   132 N N   . GLY A 1 17  ? 4.031   1.942   -6.413  1.00 13.95 ? 17  GLY X N   1 
ATOM   133 C CA  . GLY A 1 17  ? 5.203   1.982   -5.534  1.00 14.62 ? 17  GLY X CA  1 
ATOM   134 C C   . GLY A 1 17  ? 5.923   0.674   -5.663  1.00 14.86 ? 17  GLY X C   1 
ATOM   135 O O   . GLY A 1 17  ? 5.397   -0.251  -6.311  1.00 15.77 ? 17  GLY X O   1 
ATOM   136 N N   . LYS A 1 18  ? 7.124   0.562   -5.068  1.00 13.79 ? 18  LYS X N   1 
ATOM   137 C CA  . LYS A 1 18  ? 7.775   -0.735  -4.973  1.00 15.53 ? 18  LYS X CA  1 
ATOM   138 C C   . LYS A 1 18  ? 8.255   -0.940  -3.563  1.00 14.08 ? 18  LYS X C   1 
ATOM   139 O O   . LYS A 1 18  ? 8.799   0.006   -2.949  1.00 15.28 ? 18  LYS X O   1 
ATOM   140 C CB  . LYS A 1 18  ? 8.934   -0.888  -5.977  1.00 14.78 ? 18  LYS X CB  1 
ATOM   141 C CG  . LYS A 1 18  ? 8.396   -0.899  -7.423  1.00 19.82 ? 18  LYS X CG  1 
ATOM   142 C CD  . LYS A 1 18  ? 9.363   -1.326  -8.501  1.00 22.55 ? 18  LYS X CD  1 
ATOM   143 C CE  . LYS A 1 18  ? 8.677   -1.064  -9.837  1.00 24.25 ? 18  LYS X CE  1 
ATOM   144 N NZ  . LYS A 1 18  ? 7.500   -0.151  -9.470  1.00 27.35 ? 18  LYS X NZ  1 
ATOM   145 N N   . ILE A 1 19  ? 7.959   -2.123  -3.017  1.00 14.97 ? 19  ILE X N   1 
ATOM   146 C CA  . ILE A 1 19  ? 8.338   -2.426  -1.632  1.00 15.23 ? 19  ILE X CA  1 
ATOM   147 C C   . ILE A 1 19  ? 9.837   -2.583  -1.485  1.00 15.82 ? 19  ILE X C   1 
ATOM   148 O O   . ILE A 1 19  ? 10.470  -3.364  -2.215  1.00 16.15 ? 19  ILE X O   1 
ATOM   149 C CB  . ILE A 1 19  ? 7.632   -3.659  -1.055  1.00 16.19 ? 19  ILE X CB  1 
ATOM   150 C CG1 . ILE A 1 19  ? 6.112   -3.367  -0.948  1.00 16.42 ? 19  ILE X CG1 1 
ATOM   151 C CG2 . ILE A 1 19  ? 8.208   -3.978  0.348   1.00 15.12 ? 19  ILE X CG2 1 
ATOM   152 C CD1 . ILE A 1 19  ? 5.303   -4.527  -0.551  1.00 17.68 ? 19  ILE X CD1 1 
ATOM   153 N N   . VAL A 1 20  ? 10.431  -1.786  -0.602  1.00 16.79 ? 20  VAL X N   1 
ATOM   154 C CA  . VAL A 1 20  ? 11.899  -1.837  -0.515  1.00 18.35 ? 20  VAL X CA  1 
ATOM   155 C C   . VAL A 1 20  ? 12.470  -2.312  0.810   1.00 18.66 ? 20  VAL X C   1 
ATOM   156 O O   . VAL A 1 20  ? 13.686  -2.543  0.932   1.00 17.31 ? 20  VAL X O   1 
ATOM   157 C CB  . VAL A 1 20  ? 12.594  -0.528  -0.952  1.00 18.61 ? 20  VAL X CB  1 
ATOM   158 C CG1 . VAL A 1 20  ? 12.428  -0.330  -2.477  1.00 20.11 ? 20  VAL X CG1 1 
ATOM   159 C CG2 . VAL A 1 20  ? 12.124  0.680   -0.103  1.00 16.80 ? 20  VAL X CG2 1 
ATOM   160 N N   . GLU A 1 21  ? 11.612  -2.434  1.795   1.00 18.43 ? 21  GLU X N   1 
ATOM   161 C CA  . GLU A 1 21  ? 12.077  -2.824  3.146   1.00 20.70 ? 21  GLU X CA  1 
ATOM   162 C C   . GLU A 1 21  ? 10.857  -3.407  3.853   1.00 21.25 ? 21  GLU X C   1 
ATOM   163 O O   . GLU A 1 21  ? 9.772   -2.847  3.778   1.00 20.65 ? 21  GLU X O   1 
ATOM   164 C CB  . GLU A 1 21  ? 12.669  -1.597  3.869   1.00 20.78 ? 21  GLU X CB  1 
ATOM   165 C CG  . GLU A 1 21  ? 13.298  -1.829  5.280   1.00 22.14 ? 21  GLU X CG  1 
ATOM   166 C CD  . GLU A 1 21  ? 14.024  -0.566  5.800   1.00 23.72 ? 21  GLU X CD  1 
ATOM   167 O OE1 . GLU A 1 21  ? 14.901  0.002   5.105   1.00 29.53 ? 21  GLU X OE1 1 
ATOM   168 O OE2 . GLU A 1 21  ? 13.695  -0.125  6.909   1.00 28.47 ? 21  GLU X OE2 1 
ATOM   169 N N   . VAL A 1 22  ? 11.007  -4.583  4.459   1.00 22.87 ? 22  VAL X N   1 
ATOM   170 C CA  . VAL A 1 22  ? 9.888   -5.229  5.174   1.00 25.61 ? 22  VAL X CA  1 
ATOM   171 C C   . VAL A 1 22  ? 10.437  -5.598  6.540   1.00 28.05 ? 22  VAL X C   1 
ATOM   172 O O   . VAL A 1 22  ? 11.485  -6.256  6.621   1.00 27.97 ? 22  VAL X O   1 
ATOM   173 C CB  . VAL A 1 22  ? 9.429   -6.522  4.460   1.00 26.03 ? 22  VAL X CB  1 
ATOM   174 C CG1 . VAL A 1 22  ? 8.343   -7.262  5.265   1.00 27.36 ? 22  VAL X CG1 1 
ATOM   175 C CG2 . VAL A 1 22  ? 8.887   -6.210  3.106   1.00 25.62 ? 22  VAL X CG2 1 
ATOM   176 N N   . LYS A 1 23  ? 9.749   -5.166  7.594   1.00 29.68 ? 23  LYS X N   1 
ATOM   177 C CA  . LYS A 1 23  ? 10.284  -5.265  8.938   1.00 32.68 ? 23  LYS X CA  1 
ATOM   178 C C   . LYS A 1 23  ? 9.252   -5.870  9.861   1.00 33.15 ? 23  LYS X C   1 
ATOM   179 O O   . LYS A 1 23  ? 8.080   -5.488  9.861   1.00 32.82 ? 23  LYS X O   1 
ATOM   180 C CB  . LYS A 1 23  ? 10.687  -3.879  9.431   1.00 33.06 ? 23  LYS X CB  1 
ATOM   181 C CG  . LYS A 1 23  ? 12.068  -3.814  10.013  1.00 36.99 ? 23  LYS X CG  1 
ATOM   182 C CD  . LYS A 1 23  ? 12.029  -3.888  11.516  1.00 40.18 ? 23  LYS X CD  1 
ATOM   183 C CE  . LYS A 1 23  ? 11.537  -2.586  12.099  1.00 42.13 ? 23  LYS X CE  1 
ATOM   184 N NZ  . LYS A 1 23  ? 12.106  -2.427  13.483  1.00 45.43 ? 23  LYS X NZ  1 
ATOM   185 N N   . ARG A 1 24  ? 9.728   -6.823  10.638  1.00 34.94 ? 24  ARG X N   1 
ATOM   186 C CA  . ARG A 1 24  ? 8.946   -7.655  11.514  1.00 36.32 ? 24  ARG X CA  1 
ATOM   187 C C   . ARG A 1 24  ? 9.579   -7.408  12.893  1.00 36.25 ? 24  ARG X C   1 
ATOM   188 O O   . ARG A 1 24  ? 10.755  -7.676  13.064  1.00 35.44 ? 24  ARG X O   1 
ATOM   189 C CB  . ARG A 1 24  ? 9.189   -9.116  11.102  1.00 37.28 ? 24  ARG X CB  1 
ATOM   190 C CG  . ARG A 1 24  ? 8.170   -10.175 11.532  1.00 39.82 ? 24  ARG X CG  1 
ATOM   191 C CD  . ARG A 1 24  ? 7.727   -10.030 12.954  1.00 46.42 ? 24  ARG X CD  1 
ATOM   192 N NE  . ARG A 1 24  ? 6.378   -9.476  13.057  1.00 50.94 ? 24  ARG X NE  1 
ATOM   193 C CZ  . ARG A 1 24  ? 5.283   -10.214 13.237  1.00 52.81 ? 24  ARG X CZ  1 
ATOM   194 N NH1 . ARG A 1 24  ? 5.371   -11.541 13.331  1.00 55.01 ? 24  ARG X NH1 1 
ATOM   195 N NH2 . ARG A 1 24  ? 4.099   -9.629  13.317  1.00 52.37 ? 24  ARG X NH2 1 
ATOM   196 N N   . HIS A 1 25  ? 8.830   -6.886  13.856  1.00 36.89 ? 25  HIS X N   1 
ATOM   197 C CA  . HIS A 1 25  ? 9.378   -6.809  15.215  1.00 38.16 ? 25  HIS X CA  1 
ATOM   198 C C   . HIS A 1 25  ? 9.523   -8.207  15.822  1.00 38.28 ? 25  HIS X C   1 
ATOM   199 O O   . HIS A 1 25  ? 8.769   -9.135  15.500  1.00 37.95 ? 25  HIS X O   1 
ATOM   200 C CB  . HIS A 1 25  ? 8.569   -5.878  16.118  1.00 39.12 ? 25  HIS X CB  1 
ATOM   201 C CG  . HIS A 1 25  ? 8.591   -4.446  15.681  1.00 40.39 ? 25  HIS X CG  1 
ATOM   202 N ND1 . HIS A 1 25  ? 9.743   -3.808  15.276  1.00 42.51 ? 25  HIS X ND1 1 
ATOM   203 C CD2 . HIS A 1 25  ? 7.598   -3.533  15.573  1.00 44.06 ? 25  HIS X CD2 1 
ATOM   204 C CE1 . HIS A 1 25  ? 9.457   -2.566  14.929  1.00 45.12 ? 25  HIS X CE1 1 
ATOM   205 N NE2 . HIS A 1 25  ? 8.161   -2.370  15.108  1.00 45.32 ? 25  HIS X NE2 1 
ATOM   206 N N   . GLU A 1 26  ? 10.521  -8.362  16.685  1.00 38.72 ? 26  GLU X N   1 
ATOM   207 C CA  . GLU A 1 26  ? 10.838  -9.666  17.265  1.00 38.90 ? 26  GLU X CA  1 
ATOM   208 C C   . GLU A 1 26  ? 9.664   -10.241 18.049  1.00 39.52 ? 26  GLU X C   1 
ATOM   209 O O   . GLU A 1 26  ? 9.387   -11.450 17.967  1.00 39.59 ? 26  GLU X O   1 
ATOM   210 C CB  . GLU A 1 26  ? 12.064  -9.535  18.168  1.00 38.73 ? 26  GLU X CB  1 
ATOM   211 C CG  . GLU A 1 26  ? 12.521  -10.820 18.792  1.00 37.31 ? 26  GLU X CG  1 
ATOM   212 C CD  . GLU A 1 26  ? 13.252  -11.724 17.822  1.00 35.80 ? 26  GLU X CD  1 
ATOM   213 O OE1 . GLU A 1 26  ? 13.195  -11.483 16.575  1.00 32.36 ? 26  GLU X OE1 1 
ATOM   214 O OE2 . GLU A 1 26  ? 13.908  -12.660 18.320  1.00 33.39 ? 26  GLU X OE2 1 
ATOM   215 N N   . ASN A 1 27  ? 8.985   -9.352  18.787  1.00 40.10 ? 27  ASN X N   1 
ATOM   216 C CA  . ASN A 1 27  ? 7.829   -9.668  19.636  1.00 40.49 ? 27  ASN X CA  1 
ATOM   217 C C   . ASN A 1 27  ? 6.497   -9.358  18.964  1.00 41.94 ? 27  ASN X C   1 
ATOM   218 O O   . ASN A 1 27  ? 5.526   -8.950  19.627  1.00 42.22 ? 27  ASN X O   1 
ATOM   219 C CB  . ASN A 1 27  ? 7.932   -8.964  20.990  1.00 39.55 ? 27  ASN X CB  1 
ATOM   220 C CG  . ASN A 1 27  ? 9.128   -9.429  21.773  1.00 37.77 ? 27  ASN X CG  1 
ATOM   221 O OD1 . ASN A 1 27  ? 9.355   -10.628 21.892  1.00 34.63 ? 27  ASN X OD1 1 
ATOM   222 N ND2 . ASN A 1 27  ? 9.926   -8.489  22.286  1.00 35.79 ? 27  ASN X ND2 1 
ATOM   223 N N   . ALA A 1 28  ? 6.545   -9.405  17.632  1.00 42.83 ? 28  ALA X N   1 
ATOM   224 C CA  . ALA A 1 28  ? 5.625   -10.213 16.795  1.00 44.07 ? 28  ALA X CA  1 
ATOM   225 C C   . ALA A 1 28  ? 4.163   -9.837  16.524  1.00 44.64 ? 28  ALA X C   1 
ATOM   226 O O   . ALA A 1 28  ? 3.633   -8.813  16.991  1.00 45.17 ? 28  ALA X O   1 
ATOM   227 C CB  . ALA A 1 28  ? 5.713   -11.701 17.237  1.00 44.02 ? 28  ALA X CB  1 
ATOM   228 N N   . ASP A 1 29  ? 3.527   -10.687 15.725  1.00 45.40 ? 29  ASP X N   1 
ATOM   229 C CA  . ASP A 1 29  ? 2.075   -10.737 15.662  1.00 45.83 ? 29  ASP X CA  1 
ATOM   230 C C   . ASP A 1 29  ? 1.412   -9.686  14.760  1.00 44.89 ? 29  ASP X C   1 
ATOM   231 O O   . ASP A 1 29  ? 1.274   -8.531  15.121  1.00 45.08 ? 29  ASP X O   1 
ATOM   232 C CB  . ASP A 1 29  ? 1.504   -10.688 17.090  1.00 46.26 ? 29  ASP X CB  1 
ATOM   233 C CG  . ASP A 1 29  ? 2.223   -11.663 18.048  1.00 48.50 ? 29  ASP X CG  1 
ATOM   234 O OD1 . ASP A 1 29  ? 2.910   -12.618 17.568  1.00 49.08 ? 29  ASP X OD1 1 
ATOM   235 O OD2 . ASP A 1 29  ? 2.109   -11.467 19.281  1.00 50.38 ? 29  ASP X OD2 1 
ATOM   236 N N   . LYS A 1 30  ? 1.007   -10.115 13.571  1.00 44.15 ? 30  LYS X N   1 
ATOM   237 C CA  . LYS A 1 30  ? 0.065   -9.351  12.776  1.00 42.39 ? 30  LYS X CA  1 
ATOM   238 C C   . LYS A 1 30  ? 0.755   -8.256  11.965  1.00 41.22 ? 30  LYS X C   1 
ATOM   239 O O   . LYS A 1 30  ? 0.779   -8.312  10.734  1.00 41.23 ? 30  LYS X O   1 
ATOM   240 C CB  . LYS A 1 30  ? -1.044  -8.762  13.663  1.00 42.38 ? 30  LYS X CB  1 
ATOM   241 C CG  . LYS A 1 30  ? -2.394  -8.598  12.961  1.00 42.42 ? 30  LYS X CG  1 
ATOM   242 C CD  . LYS A 1 30  ? -3.526  -8.268  13.938  1.00 42.53 ? 30  LYS X CD  1 
ATOM   243 C CE  . LYS A 1 30  ? -4.038  -6.821  13.793  1.00 43.52 ? 30  LYS X CE  1 
ATOM   244 N NZ  . LYS A 1 30  ? -3.116  -5.786  14.353  1.00 41.38 ? 30  LYS X NZ  1 
ATOM   245 N N   . LEU A 1 31  ? 1.334   -7.279  12.653  1.00 39.58 ? 31  LEU X N   1 
ATOM   246 C CA  . LEU A 1 31  ? 1.833   -6.100  11.963  1.00 38.39 ? 31  LEU X CA  1 
ATOM   247 C C   . LEU A 1 31  ? 3.276   -6.190  11.458  1.00 37.28 ? 31  LEU X C   1 
ATOM   248 O O   . LEU A 1 31  ? 4.137   -6.831  12.074  1.00 37.26 ? 31  LEU X O   1 
ATOM   249 C CB  . LEU A 1 31  ? 1.617   -4.856  12.816  1.00 38.20 ? 31  LEU X CB  1 
ATOM   250 C CG  . LEU A 1 31  ? 0.355   -4.038  12.490  1.00 39.64 ? 31  LEU X CG  1 
ATOM   251 C CD1 . LEU A 1 31  ? -0.804  -4.845  11.897  1.00 40.02 ? 31  LEU X CD1 1 
ATOM   252 C CD2 . LEU A 1 31  ? -0.112  -3.236  13.706  1.00 40.47 ? 31  LEU X CD2 1 
ATOM   253 N N   . TYR A 1 32  ? 3.516   -5.553  10.313  1.00 35.27 ? 32  TYR X N   1 
ATOM   254 C CA  . TYR A 1 32  ? 4.852   -5.398  9.759   1.00 32.84 ? 32  TYR X CA  1 
ATOM   255 C C   . TYR A 1 32  ? 4.988   -3.990  9.229   1.00 30.53 ? 32  TYR X C   1 
ATOM   256 O O   . TYR A 1 32  ? 4.030   -3.404  8.700   1.00 29.93 ? 32  TYR X O   1 
ATOM   257 C CB  . TYR A 1 32  ? 5.092   -6.350  8.613   1.00 35.17 ? 32  TYR X CB  1 
ATOM   258 C CG  . TYR A 1 32  ? 5.214   -7.798  9.021   1.00 37.55 ? 32  TYR X CG  1 
ATOM   259 C CD1 . TYR A 1 32  ? 4.222   -8.397  9.798   1.00 41.38 ? 32  TYR X CD1 1 
ATOM   260 C CD2 . TYR A 1 32  ? 6.286   -8.572  8.607   1.00 39.41 ? 32  TYR X CD2 1 
ATOM   261 C CE1 . TYR A 1 32  ? 4.307   -9.734  10.177  1.00 41.69 ? 32  TYR X CE1 1 
ATOM   262 C CE2 . TYR A 1 32  ? 6.382   -9.918  8.977   1.00 41.34 ? 32  TYR X CE2 1 
ATOM   263 C CZ  . TYR A 1 32  ? 5.380   -10.485 9.762   1.00 40.47 ? 32  TYR X CZ  1 
ATOM   264 O OH  . TYR A 1 32  ? 5.427   -11.809 10.136  1.00 42.32 ? 32  TYR X OH  1 
ATOM   265 N N   . ILE A 1 33  ? 6.182   -3.458  9.380   1.00 26.91 ? 33  ILE X N   1 
ATOM   266 C CA  . ILE A 1 33  ? 6.507   -2.148  8.893   1.00 26.06 ? 33  ILE X CA  1 
ATOM   267 C C   . ILE A 1 33  ? 7.108   -2.312  7.499   1.00 24.10 ? 33  ILE X C   1 
ATOM   268 O O   . ILE A 1 33  ? 8.044   -3.094  7.295   1.00 24.70 ? 33  ILE X O   1 
ATOM   269 C CB  . ILE A 1 33  ? 7.473   -1.468  9.841   1.00 26.06 ? 33  ILE X CB  1 
ATOM   270 C CG1 . ILE A 1 33  ? 7.036   -1.722  11.300  1.00 27.96 ? 33  ILE X CG1 1 
ATOM   271 C CG2 . ILE A 1 33  ? 7.591   -0.002  9.521   1.00 27.05 ? 33  ILE X CG2 1 
ATOM   272 C CD1 . ILE A 1 33  ? 5.553   -1.509  11.562  1.00 29.41 ? 33  ILE X CD1 1 
ATOM   273 N N   . VAL A 1 34  ? 6.524   -1.610  6.544   1.00 22.11 ? 34  VAL X N   1 
ATOM   274 C CA  . VAL A 1 34  ? 6.902   -1.730  5.141   1.00 20.38 ? 34  VAL X CA  1 
ATOM   275 C C   . VAL A 1 34  ? 7.296   -0.360  4.584   1.00 19.23 ? 34  VAL X C   1 
ATOM   276 O O   . VAL A 1 34  ? 6.593   0.633   4.787   1.00 19.20 ? 34  VAL X O   1 
ATOM   277 C CB  . VAL A 1 34  ? 5.739   -2.330  4.299   1.00 20.58 ? 34  VAL X CB  1 
ATOM   278 C CG1 . VAL A 1 34  ? 6.040   -2.249  2.789   1.00 19.66 ? 34  VAL X CG1 1 
ATOM   279 C CG2 . VAL A 1 34  ? 5.498   -3.790  4.715   1.00 22.69 ? 34  VAL X CG2 1 
ATOM   280 N N   . GLN A 1 35  ? 8.417   -0.310  3.882   1.00 17.15 ? 35  GLN X N   1 
ATOM   281 C CA  . GLN A 1 35  ? 8.813   0.908   3.215   1.00 16.51 ? 35  GLN X CA  1 
ATOM   282 C C   . GLN A 1 35  ? 8.515   0.752   1.730   1.00 15.62 ? 35  GLN X C   1 
ATOM   283 O O   . GLN A 1 35  ? 8.894   -0.233  1.091   1.00 15.57 ? 35  GLN X O   1 
ATOM   284 C CB  . GLN A 1 35  ? 10.304  1.244   3.417   1.00 17.11 ? 35  GLN X CB  1 
ATOM   285 C CG  . GLN A 1 35  ? 10.784  1.265   4.912   1.00 16.37 ? 35  GLN X CG  1 
ATOM   286 C CD  . GLN A 1 35  ? 10.106  2.313   5.747   1.00 16.95 ? 35  GLN X CD  1 
ATOM   287 O OE1 . GLN A 1 35  ? 9.723   3.366   5.255   1.00 18.25 ? 35  GLN X OE1 1 
ATOM   288 N NE2 . GLN A 1 35  ? 9.959   2.026   7.058   1.00 17.03 ? 35  GLN X NE2 1 
ATOM   289 N N   . VAL A 1 36  ? 7.851   1.753   1.198   1.00 15.71 ? 36  VAL X N   1 
ATOM   290 C CA  . VAL A 1 36  ? 7.453   1.744   -0.185  1.00 14.98 ? 36  VAL X CA  1 
ATOM   291 C C   . VAL A 1 36  ? 8.123   2.898   -0.928  1.00 14.82 ? 36  VAL X C   1 
ATOM   292 O O   . VAL A 1 36  ? 7.852   4.056   -0.639  1.00 15.67 ? 36  VAL X O   1 
ATOM   293 C CB  . VAL A 1 36  ? 5.934   1.944   -0.297  1.00 15.58 ? 36  VAL X CB  1 
ATOM   294 C CG1 . VAL A 1 36  ? 5.492   1.746   -1.792  1.00 15.24 ? 36  VAL X CG1 1 
ATOM   295 C CG2 . VAL A 1 36  ? 5.172   0.954   0.644   1.00 15.35 ? 36  VAL X CG2 1 
ATOM   296 N N   . ASP A 1 37  ? 8.935   2.557   -1.903  1.00 15.45 ? 37  ASP X N   1 
ATOM   297 C CA  . ASP A 1 37  ? 9.562   3.500   -2.846  1.00 16.87 ? 37  ASP X CA  1 
ATOM   298 C C   . ASP A 1 37  ? 8.499   4.036   -3.781  1.00 16.45 ? 37  ASP X C   1 
ATOM   299 O O   . ASP A 1 37  ? 7.886   3.272   -4.530  1.00 16.53 ? 37  ASP X O   1 
ATOM   300 C CB  . ASP A 1 37  ? 10.638  2.730   -3.623  1.00 17.21 ? 37  ASP X CB  1 
ATOM   301 C CG  . ASP A 1 37  ? 11.339  3.556   -4.699  1.00 22.22 ? 37  ASP X CG  1 
ATOM   302 O OD1 . ASP A 1 37  ? 11.014  4.729   -4.909  1.00 24.64 ? 37  ASP X OD1 1 
ATOM   303 O OD2 . ASP A 1 37  ? 12.259  2.998   -5.329  1.00 28.33 ? 37  ASP X OD2 1 
ATOM   304 N N   . VAL A 1 38  ? 8.265   5.349   -3.719  1.00 15.91 ? 38  VAL X N   1 
ATOM   305 C CA  . VAL A 1 38  ? 7.315   6.008   -4.615  1.00 16.70 ? 38  VAL X CA  1 
ATOM   306 C C   . VAL A 1 38  ? 7.994   6.995   -5.589  1.00 17.34 ? 38  VAL X C   1 
ATOM   307 O O   . VAL A 1 38  ? 7.424   8.031   -5.975  1.00 15.98 ? 38  VAL X O   1 
ATOM   308 C CB  . VAL A 1 38  ? 6.044   6.594   -3.894  1.00 17.59 ? 38  VAL X CB  1 
ATOM   309 C CG1 . VAL A 1 38  ? 5.230   5.452   -3.206  1.00 17.67 ? 38  VAL X CG1 1 
ATOM   310 C CG2 . VAL A 1 38  ? 6.407   7.691   -2.919  1.00 16.89 ? 38  VAL X CG2 1 
ATOM   311 N N   . GLY A 1 39  ? 9.206   6.617   -5.992  1.00 17.25 ? 39  GLY X N   1 
ATOM   312 C CA  . GLY A 1 39  ? 9.927   7.265   -7.096  1.00 17.64 ? 39  GLY X CA  1 
ATOM   313 C C   . GLY A 1 39  ? 11.024  8.121   -6.527  1.00 17.27 ? 39  GLY X C   1 
ATOM   314 O O   . GLY A 1 39  ? 12.160  7.694   -6.467  1.00 17.63 ? 39  GLY X O   1 
ATOM   315 N N   . GLN A 1 40  ? 10.653  9.297   -6.014  1.00 17.42 ? 40  GLN X N   1 
ATOM   316 C CA  . GLN A 1 40  ? 11.635  10.212  -5.395  1.00 17.76 ? 40  GLN X CA  1 
ATOM   317 C C   . GLN A 1 40  ? 11.626  10.325  -3.869  1.00 19.20 ? 40  GLN X C   1 
ATOM   318 O O   . GLN A 1 40  ? 12.356  11.137  -3.294  1.00 19.43 ? 40  GLN X O   1 
ATOM   319 C CB  . GLN A 1 40  ? 11.464  11.589  -5.998  1.00 17.58 ? 40  GLN X CB  1 
ATOM   320 C CG  . GLN A 1 40  ? 11.739  11.576  -7.510  1.00 20.12 ? 40  GLN X CG  1 
ATOM   321 C CD  . GLN A 1 40  ? 11.477  12.896  -8.169  1.00 23.10 ? 40  GLN X CD  1 
ATOM   322 O OE1 . GLN A 1 40  ? 12.195  13.880  -7.938  1.00 27.65 ? 40  GLN X OE1 1 
ATOM   323 N NE2 . GLN A 1 40  ? 10.458  12.939  -9.004  1.00 24.92 ? 40  GLN X NE2 1 
ATOM   324 N N   . LYS A 1 41  ? 10.778  9.534   -3.210  1.00 19.57 ? 41  LYS X N   1 
ATOM   325 C CA  . LYS A 1 41  ? 10.806  9.426   -1.755  1.00 20.48 ? 41  LYS X CA  1 
ATOM   326 C C   . LYS A 1 41  ? 10.313  8.043   -1.371  1.00 19.15 ? 41  LYS X C   1 
ATOM   327 O O   . LYS A 1 41  ? 9.732   7.315   -2.202  1.00 17.50 ? 41  LYS X O   1 
ATOM   328 C CB  . LYS A 1 41  ? 9.862   10.460  -1.118  1.00 21.11 ? 41  LYS X CB  1 
ATOM   329 C CG  . LYS A 1 41  ? 8.420   10.226  -1.422  1.00 22.43 ? 41  LYS X CG  1 
ATOM   330 C CD  . LYS A 1 41  ? 7.519   11.318  -0.736  1.00 25.57 ? 41  LYS X CD  1 
ATOM   331 C CE  . LYS A 1 41  ? 6.052   11.059  -1.087  1.00 30.15 ? 41  LYS X CE  1 
ATOM   332 N NZ  . LYS A 1 41  ? 5.140   12.034  -0.442  1.00 34.65 ? 41  LYS X NZ  1 
ATOM   333 N N   . THR A 1 42  ? 10.532  7.683   -0.117  1.00 18.60 ? 42  THR X N   1 
ATOM   334 C CA  . THR A 1 42  ? 10.145  6.359   0.366   1.00 17.55 ? 42  THR X CA  1 
ATOM   335 C C   . THR A 1 42  ? 9.168   6.593   1.522   1.00 17.75 ? 42  THR X C   1 
ATOM   336 O O   . THR A 1 42  ? 9.494   7.343   2.448   1.00 18.07 ? 42  THR X O   1 
ATOM   337 C CB  . THR A 1 42  ? 11.367  5.549   0.844   1.00 19.10 ? 42  THR X CB  1 
ATOM   338 O OG1 . THR A 1 42  ? 12.240  5.303   -0.261  1.00 19.30 ? 42  THR X OG1 1 
ATOM   339 C CG2 . THR A 1 42  ? 10.915  4.188   1.414   1.00 18.67 ? 42  THR X CG2 1 
ATOM   340 N N   . LEU A 1 43  ? 7.993   5.965   1.465   1.00 16.16 ? 43  LEU X N   1 
ATOM   341 C CA  . LEU A 1 43  ? 6.951   6.165   2.479   1.00 16.15 ? 43  LEU X CA  1 
ATOM   342 C C   . LEU A 1 43  ? 6.696   4.890   3.264   1.00 15.40 ? 43  LEU X C   1 
ATOM   343 O O   . LEU A 1 43  ? 6.768   3.781   2.714   1.00 15.24 ? 43  LEU X O   1 
ATOM   344 C CB  . LEU A 1 43  ? 5.640   6.567   1.792   1.00 16.22 ? 43  LEU X CB  1 
ATOM   345 C CG  . LEU A 1 43  ? 5.619   7.864   1.000   1.00 16.21 ? 43  LEU X CG  1 
ATOM   346 C CD1 . LEU A 1 43  ? 4.216   8.103   0.455   1.00 16.65 ? 43  LEU X CD1 1 
ATOM   347 C CD2 . LEU A 1 43  ? 6.074   9.023   1.848   1.00 19.29 ? 43  LEU X CD2 1 
ATOM   348 N N   . GLN A 1 44  ? 6.391   5.067   4.541   1.00 15.22 ? 44  GLN X N   1 
ATOM   349 C CA  . GLN A 1 44  ? 6.168   3.949   5.467   1.00 16.12 ? 44  GLN X CA  1 
ATOM   350 C C   . GLN A 1 44  ? 4.675   3.596   5.587   1.00 16.28 ? 44  GLN X C   1 
ATOM   351 O O   . GLN A 1 44  ? 3.814   4.489   5.694   1.00 17.11 ? 44  GLN X O   1 
ATOM   352 C CB  . GLN A 1 44  ? 6.706   4.317   6.867   1.00 15.03 ? 44  GLN X CB  1 
ATOM   353 C CG  . GLN A 1 44  ? 6.420   3.241   7.935   1.00 16.40 ? 44  GLN X CG  1 
ATOM   354 C CD  . GLN A 1 44  ? 7.282   3.457   9.190   1.00 17.79 ? 44  GLN X CD  1 
ATOM   355 O OE1 . GLN A 1 44  ? 8.503   3.320   9.133   1.00 19.22 ? 44  GLN X OE1 1 
ATOM   356 N NE2 . GLN A 1 44  ? 6.644   3.795   10.312  1.00 18.82 ? 44  GLN X NE2 1 
ATOM   357 N N   . THR A 1 45  ? 4.371   2.295   5.594   1.00 16.79 ? 45  THR X N   1 
ATOM   358 C CA  . THR A 1 45  ? 3.034   1.837   5.889   1.00 17.54 ? 45  THR X CA  1 
ATOM   359 C C   . THR A 1 45  ? 3.170   0.670   6.847   1.00 18.93 ? 45  THR X C   1 
ATOM   360 O O   . THR A 1 45  ? 4.230   0.053   6.961   1.00 19.18 ? 45  THR X O   1 
ATOM   361 C CB  . THR A 1 45  ? 2.245   1.379   4.621   1.00 17.20 ? 45  THR X CB  1 
ATOM   362 O OG1 . THR A 1 45  ? 0.914   1.050   4.994   1.00 19.27 ? 45  THR X OG1 1 
ATOM   363 C CG2 . THR A 1 45  ? 2.892   0.120   4.029   1.00 17.93 ? 45  THR X CG2 1 
ATOM   364 N N   . VAL A 1 46  ? 2.095   0.409   7.547   1.00 20.32 ? 46  VAL X N   1 
ATOM   365 C CA  . VAL A 1 46  ? 2.049   -0.669  8.516   1.00 24.13 ? 46  VAL X CA  1 
ATOM   366 C C   . VAL A 1 46  ? 0.991   -1.662  7.986   1.00 26.25 ? 46  VAL X C   1 
ATOM   367 O O   . VAL A 1 46  ? -0.153  -1.274  7.740   1.00 27.22 ? 46  VAL X O   1 
ATOM   368 C CB  . VAL A 1 46  ? 1.713   -0.062  9.892   1.00 24.53 ? 46  VAL X CB  1 
ATOM   369 C CG1 . VAL A 1 46  ? 1.469   -1.167  10.964  1.00 24.97 ? 46  VAL X CG1 1 
ATOM   370 C CG2 . VAL A 1 46  ? 2.847   0.853   10.334  1.00 24.93 ? 46  VAL X CG2 1 
ATOM   371 N N   . THR A 1 47  ? 1.417   -2.905  7.762   1.00 27.57 ? 47  THR X N   1 
ATOM   372 C CA  . THR A 1 47  ? 0.632   -3.999  7.184   1.00 31.58 ? 47  THR X CA  1 
ATOM   373 C C   . THR A 1 47  ? 0.808   -5.194  8.169   1.00 34.03 ? 47  THR X C   1 
ATOM   374 O O   . THR A 1 47  ? 1.831   -5.243  8.849   1.00 35.30 ? 47  THR X O   1 
ATOM   375 C CB  . THR A 1 47  ? 1.239   -4.328  5.807   1.00 30.43 ? 47  THR X CB  1 
ATOM   376 O OG1 . THR A 1 47  ? 0.283   -4.974  4.973   1.00 31.34 ? 47  THR X OG1 1 
ATOM   377 C CG2 . THR A 1 47  ? 2.455   -5.244  5.947   1.00 30.35 ? 47  THR X CG2 1 
ATOM   378 N N   . SER A 1 48  ? -0.066  -6.187  8.303   1.00 37.88 ? 48  SER X N   1 
ATOM   379 C CA  . SER A 1 48  ? -1.272  -6.560  7.575   1.00 40.02 ? 48  SER X CA  1 
ATOM   380 C C   . SER A 1 48  ? -1.107  -7.864  6.784   1.00 40.47 ? 48  SER X C   1 
ATOM   381 O O   . SER A 1 48  ? -1.610  -8.933  7.182   1.00 40.64 ? 48  SER X O   1 
ATOM   382 C CB  . SER A 1 48  ? -1.837  -5.441  6.717   1.00 40.48 ? 48  SER X CB  1 
ATOM   383 O OG  . SER A 1 48  ? -3.016  -5.897  6.073   1.00 43.91 ? 48  SER X OG  1 
ATOM   384 N N   . LEU A 1 49  ? -0.369  -7.787  5.688   1.00 40.66 ? 49  LEU X N   1 
ATOM   385 C CA  . LEU A 1 49  ? -0.469  -8.796  4.639   1.00 42.10 ? 49  LEU X CA  1 
ATOM   386 C C   . LEU A 1 49  ? 0.471   -9.990  4.751   1.00 42.91 ? 49  LEU X C   1 
ATOM   387 O O   . LEU A 1 49  ? 0.410   -10.907 3.934   1.00 42.80 ? 49  LEU X O   1 
ATOM   388 C CB  . LEU A 1 49  ? -0.249  -8.123  3.293   1.00 41.85 ? 49  LEU X CB  1 
ATOM   389 C CG  . LEU A 1 49  ? -1.360  -7.120  3.016   1.00 41.85 ? 49  LEU X CG  1 
ATOM   390 C CD1 . LEU A 1 49  ? -0.877  -6.093  2.029   1.00 42.28 ? 49  LEU X CD1 1 
ATOM   391 C CD2 . LEU A 1 49  ? -2.603  -7.855  2.517   1.00 41.64 ? 49  LEU X CD2 1 
ATOM   392 N N   . VAL A 1 50  ? 1.334   -9.984  5.756   1.00 43.84 ? 50  VAL X N   1 
ATOM   393 C CA  . VAL A 1 50  ? 2.513   -10.852 5.710   1.00 45.22 ? 50  VAL X CA  1 
ATOM   394 C C   . VAL A 1 50  ? 2.349   -12.367 5.736   1.00 45.46 ? 50  VAL X C   1 
ATOM   395 O O   . VAL A 1 50  ? 2.846   -13.014 4.827   1.00 46.23 ? 50  VAL X O   1 
ATOM   396 C CB  . VAL A 1 50  ? 3.584   -10.407 6.653   1.00 44.94 ? 50  VAL X CB  1 
ATOM   397 C CG1 . VAL A 1 50  ? 4.476   -9.433  5.915   1.00 45.51 ? 50  VAL X CG1 1 
ATOM   398 C CG2 . VAL A 1 50  ? 2.922   -9.770  7.865   1.00 46.31 ? 50  VAL X CG2 1 
ATOM   399 N N   . PRO A 1 51  ? 1.669   -12.954 6.746   1.00 45.06 ? 51  PRO X N   1 
ATOM   400 C CA  . PRO A 1 51  ? 1.605   -14.391 6.506   1.00 44.52 ? 51  PRO X CA  1 
ATOM   401 C C   . PRO A 1 51  ? 1.008   -14.687 5.116   1.00 43.66 ? 51  PRO X C   1 
ATOM   402 O O   . PRO A 1 51  ? 1.575   -15.495 4.354   1.00 43.70 ? 51  PRO X O   1 
ATOM   403 C CB  . PRO A 1 51  ? 0.710   -14.925 7.643   1.00 44.84 ? 51  PRO X CB  1 
ATOM   404 C CG  . PRO A 1 51  ? 0.122   -13.727 8.313   1.00 45.05 ? 51  PRO X CG  1 
ATOM   405 C CD  . PRO A 1 51  ? 0.990   -12.542 7.984   1.00 45.69 ? 51  PRO X CD  1 
ATOM   406 N N   . TYR A 1 52  ? -0.097  -14.021 4.767   1.00 42.33 ? 52  TYR X N   1 
ATOM   407 C CA  . TYR A 1 52  ? -0.711  -14.266 3.459   1.00 40.74 ? 52  TYR X CA  1 
ATOM   408 C C   . TYR A 1 52  ? 0.354   -14.200 2.352   1.00 39.44 ? 52  TYR X C   1 
ATOM   409 O O   . TYR A 1 52  ? 0.467   -15.127 1.549   1.00 39.16 ? 52  TYR X O   1 
ATOM   410 C CB  . TYR A 1 52  ? -1.904  -13.339 3.185   1.00 40.93 ? 52  TYR X CB  1 
ATOM   411 C CG  . TYR A 1 52  ? -2.624  -13.657 1.883   1.00 41.18 ? 52  TYR X CG  1 
ATOM   412 C CD1 . TYR A 1 52  ? -3.551  -14.701 1.807   1.00 41.95 ? 52  TYR X CD1 1 
ATOM   413 C CD2 . TYR A 1 52  ? -2.368  -12.919 0.723   1.00 41.87 ? 52  TYR X CD2 1 
ATOM   414 C CE1 . TYR A 1 52  ? -4.202  -14.996 0.620   1.00 39.92 ? 52  TYR X CE1 1 
ATOM   415 C CE2 . TYR A 1 52  ? -3.016  -13.202 -0.476  1.00 39.77 ? 52  TYR X CE2 1 
ATOM   416 C CZ  . TYR A 1 52  ? -3.939  -14.236 -0.515  1.00 41.23 ? 52  TYR X CZ  1 
ATOM   417 O OH  . TYR A 1 52  ? -4.564  -14.537 -1.700  1.00 40.87 ? 52  TYR X OH  1 
ATOM   418 N N   . TYR A 1 53  ? 1.143   -13.126 2.345   1.00 37.51 ? 53  TYR X N   1 
ATOM   419 C CA  . TYR A 1 53  ? 2.322   -12.993 1.486   1.00 35.70 ? 53  TYR X CA  1 
ATOM   420 C C   . TYR A 1 53  ? 3.560   -13.233 2.335   1.00 35.93 ? 53  TYR X C   1 
ATOM   421 O O   . TYR A 1 53  ? 3.565   -12.874 3.498   1.00 35.52 ? 53  TYR X O   1 
ATOM   422 C CB  . TYR A 1 53  ? 2.431   -11.554 0.980   1.00 33.64 ? 53  TYR X CB  1 
ATOM   423 C CG  . TYR A 1 53  ? 1.446   -11.182 -0.097  1.00 30.99 ? 53  TYR X CG  1 
ATOM   424 C CD1 . TYR A 1 53  ? 0.307   -10.467 0.206   1.00 28.93 ? 53  TYR X CD1 1 
ATOM   425 C CD2 . TYR A 1 53  ? 1.674   -11.529 -1.414  1.00 30.17 ? 53  TYR X CD2 1 
ATOM   426 C CE1 . TYR A 1 53  ? -0.590  -10.107 -0.764  1.00 25.73 ? 53  TYR X CE1 1 
ATOM   427 C CE2 . TYR A 1 53  ? 0.782   -11.184 -2.400  1.00 30.45 ? 53  TYR X CE2 1 
ATOM   428 C CZ  . TYR A 1 53  ? -0.365  -10.474 -2.078  1.00 28.65 ? 53  TYR X CZ  1 
ATOM   429 O OH  . TYR A 1 53  ? -1.268  -10.116 -3.091  1.00 21.57 ? 53  TYR X OH  1 
ATOM   430 N N   . SER A 1 54  ? 4.637   -13.765 1.775   1.00 36.34 ? 54  SER X N   1 
ATOM   431 C CA  . SER A 1 54  ? 5.866   -13.840 2.586   1.00 36.85 ? 54  SER X CA  1 
ATOM   432 C C   . SER A 1 54  ? 6.518   -12.439 2.692   1.00 37.39 ? 54  SER X C   1 
ATOM   433 O O   . SER A 1 54  ? 6.136   -11.527 1.952   1.00 36.39 ? 54  SER X O   1 
ATOM   434 C CB  . SER A 1 54  ? 6.831   -14.931 2.081   1.00 37.09 ? 54  SER X CB  1 
ATOM   435 O OG  . SER A 1 54  ? 7.317   -14.711 0.772   1.00 36.83 ? 54  SER X OG  1 
ATOM   436 N N   . GLU A 1 55  ? 7.453   -12.250 3.627   1.00 37.57 ? 55  GLU X N   1 
ATOM   437 C CA  . GLU A 1 55  ? 8.282   -11.045 3.636   1.00 38.85 ? 55  GLU X CA  1 
ATOM   438 C C   . GLU A 1 55  ? 9.111   -11.019 2.361   1.00 39.17 ? 55  GLU X C   1 
ATOM   439 O O   . GLU A 1 55  ? 9.258   -9.982  1.703   1.00 39.46 ? 55  GLU X O   1 
ATOM   440 C CB  . GLU A 1 55  ? 9.254   -11.041 4.836   1.00 39.07 ? 55  GLU X CB  1 
ATOM   441 C CG  . GLU A 1 55  ? 8.616   -10.834 6.194   1.00 39.76 ? 55  GLU X CG  1 
ATOM   442 C CD  . GLU A 1 55  ? 9.607   -11.006 7.356   1.00 40.38 ? 55  GLU X CD  1 
ATOM   443 O OE1 . GLU A 1 55  ? 10.720  -10.427 7.307   1.00 42.62 ? 55  GLU X OE1 1 
ATOM   444 O OE2 . GLU A 1 55  ? 9.255   -11.716 8.320   1.00 42.84 ? 55  GLU X OE2 1 
ATOM   445 N N   . GLU A 1 56  ? 9.672   -12.174 2.028   1.00 39.41 ? 56  GLU X N   1 
ATOM   446 C CA  . GLU A 1 56  ? 10.523  -12.311 0.854   1.00 40.42 ? 56  GLU X CA  1 
ATOM   447 C C   . GLU A 1 56  ? 9.664   -12.068 -0.391  1.00 39.12 ? 56  GLU X C   1 
ATOM   448 O O   . GLU A 1 56  ? 10.129  -11.531 -1.401  1.00 39.29 ? 56  GLU X O   1 
ATOM   449 C CB  . GLU A 1 56  ? 11.172  -13.713 0.820   1.00 40.53 ? 56  GLU X CB  1 
ATOM   450 C CG  . GLU A 1 56  ? 12.709  -13.730 0.753   1.00 41.96 ? 56  GLU X CG  1 
ATOM   451 C CD  . GLU A 1 56  ? 13.309  -15.085 0.308   1.00 43.28 ? 56  GLU X CD  1 
ATOM   452 O OE1 . GLU A 1 56  ? 13.855  -15.831 1.165   1.00 48.35 ? 56  GLU X OE1 1 
ATOM   453 O OE2 . GLU A 1 56  ? 13.261  -15.399 -0.909  1.00 46.64 ? 56  GLU X OE2 1 
ATOM   454 N N   . GLU A 1 57  ? 8.398   -12.458 -0.311  1.00 38.07 ? 57  GLU X N   1 
ATOM   455 C CA  . GLU A 1 57  ? 7.471   -12.261 -1.435  1.00 36.54 ? 57  GLU X CA  1 
ATOM   456 C C   . GLU A 1 57  ? 7.174   -10.778 -1.656  1.00 34.73 ? 57  GLU X C   1 
ATOM   457 O O   . GLU A 1 57  ? 7.098   -10.316 -2.793  1.00 34.77 ? 57  GLU X O   1 
ATOM   458 C CB  . GLU A 1 57  ? 6.169   -13.003 -1.174  1.00 37.14 ? 57  GLU X CB  1 
ATOM   459 C CG  . GLU A 1 57  ? 5.605   -13.703 -2.393  1.00 40.11 ? 57  GLU X CG  1 
ATOM   460 C CD  . GLU A 1 57  ? 4.429   -14.605 -2.054  1.00 42.44 ? 57  GLU X CD  1 
ATOM   461 O OE1 . GLU A 1 57  ? 4.153   -14.828 -0.850  1.00 42.82 ? 57  GLU X OE1 1 
ATOM   462 O OE2 . GLU A 1 57  ? 3.791   -15.105 -3.004  1.00 45.31 ? 57  GLU X OE2 1 
ATOM   463 N N   . LEU A 1 58  ? 6.989   -10.044 -0.561  1.00 32.97 ? 58  LEU X N   1 
ATOM   464 C CA  . LEU A 1 58  ? 6.748   -8.608  -0.635  1.00 30.63 ? 58  LEU X CA  1 
ATOM   465 C C   . LEU A 1 58  ? 7.962   -7.821  -1.156  1.00 29.99 ? 58  LEU X C   1 
ATOM   466 O O   . LEU A 1 58  ? 7.803   -6.852  -1.854  1.00 27.70 ? 58  LEU X O   1 
ATOM   467 C CB  . LEU A 1 58  ? 6.300   -8.080  0.730   1.00 30.36 ? 58  LEU X CB  1 
ATOM   468 C CG  . LEU A 1 58  ? 4.876   -8.366  1.214   1.00 29.49 ? 58  LEU X CG  1 
ATOM   469 C CD1 . LEU A 1 58  ? 4.559   -7.445  2.398   1.00 29.56 ? 58  LEU X CD1 1 
ATOM   470 C CD2 . LEU A 1 58  ? 3.812   -8.178  0.098   1.00 28.80 ? 58  LEU X CD2 1 
ATOM   471 N N   . MET A 1 59  ? 9.181   -8.220  -0.800  1.00 29.35 ? 59  MET X N   1 
ATOM   472 C CA  . MET A 1 59  ? 10.351  -7.467  -1.261  1.00 28.00 ? 59  MET X CA  1 
ATOM   473 C C   . MET A 1 59  ? 10.442  -7.309  -2.779  1.00 26.44 ? 59  MET X C   1 
ATOM   474 O O   . MET A 1 59  ? 10.400  -8.281  -3.525  1.00 27.12 ? 59  MET X O   1 
ATOM   475 C CB  . MET A 1 59  ? 11.649  -8.056  -0.698  1.00 28.97 ? 59  MET X CB  1 
ATOM   476 C CG  . MET A 1 59  ? 11.919  -7.651  0.752   1.00 31.13 ? 59  MET X CG  1 
ATOM   477 S SD  . MET A 1 59  ? 12.330  -5.909  0.896   1.00 35.30 ? 59  MET X SD  1 
ATOM   478 C CE  . MET A 1 59  ? 13.306  -5.611  -0.548  1.00 34.36 ? 59  MET X CE  1 
ATOM   479 N N   . GLY A 1 60  ? 10.553  -6.068  -3.237  1.00 24.63 ? 60  GLY X N   1 
ATOM   480 C CA  . GLY A 1 60  ? 10.665  -5.769  -4.679  1.00 23.66 ? 60  GLY X CA  1 
ATOM   481 C C   . GLY A 1 60  ? 9.331   -5.746  -5.426  1.00 22.78 ? 60  GLY X C   1 
ATOM   482 O O   . GLY A 1 60  ? 9.283   -5.349  -6.594  1.00 22.44 ? 60  GLY X O   1 
ATOM   483 N N   . LYS A 1 61  ? 8.255   -6.160  -4.756  1.00 21.14 ? 61  LYS X N   1 
ATOM   484 C CA  . LYS A 1 61  ? 6.906   -6.173  -5.373  1.00 20.20 ? 61  LYS X CA  1 
ATOM   485 C C   . LYS A 1 61  ? 6.399   -4.778  -5.749  1.00 18.16 ? 61  LYS X C   1 
ATOM   486 O O   . LYS A 1 61  ? 6.521   -3.809  -4.989  1.00 16.22 ? 61  LYS X O   1 
ATOM   487 C CB  . LYS A 1 61  ? 5.872   -6.831  -4.450  1.00 20.15 ? 61  LYS X CB  1 
ATOM   488 C CG  . LYS A 1 61  ? 4.459   -6.908  -5.066  1.00 21.00 ? 61  LYS X CG  1 
ATOM   489 C CD  . LYS A 1 61  ? 3.508   -7.746  -4.206  1.00 23.15 ? 61  LYS X CD  1 
ATOM   490 C CE  . LYS A 1 61  ? 4.082   -9.168  -3.948  1.00 23.59 ? 61  LYS X CE  1 
ATOM   491 N NZ  . LYS A 1 61  ? 3.911   -10.157 -5.083  1.00 24.18 ? 61  LYS X NZ  1 
ATOM   492 N N   . THR A 1 62  ? 5.824   -4.693  -6.944  1.00 17.27 ? 62  THR X N   1 
ATOM   493 C CA  . THR A 1 62  ? 5.172   -3.458  -7.410  1.00 16.01 ? 62  THR X CA  1 
ATOM   494 C C   . THR A 1 62  ? 3.733   -3.391  -6.860  1.00 16.67 ? 62  THR X C   1 
ATOM   495 O O   . THR A 1 62  ? 2.977   -4.387  -6.960  1.00 16.04 ? 62  THR X O   1 
ATOM   496 C CB  . THR A 1 62  ? 5.157   -3.414  -8.978  1.00 18.43 ? 62  THR X CB  1 
ATOM   497 O OG1 . THR A 1 62  ? 6.506   -3.457  -9.486  1.00 16.12 ? 62  THR X OG1 1 
ATOM   498 C CG2 . THR A 1 62  ? 4.508   -2.149  -9.478  1.00 15.97 ? 62  THR X CG2 1 
ATOM   499 N N   . VAL A 1 63  ? 3.378   -2.258  -6.247  1.00 14.60 ? 63  VAL X N   1 
ATOM   500 C CA  . VAL A 1 63  ? 2.109   -2.120  -5.489  1.00 14.71 ? 63  VAL X CA  1 
ATOM   501 C C   . VAL A 1 63  ? 1.456   -0.798  -5.863  1.00 13.62 ? 63  VAL X C   1 
ATOM   502 O O   . VAL A 1 63  ? 2.001   -0.003  -6.633  1.00 13.78 ? 63  VAL X O   1 
ATOM   503 C CB  . VAL A 1 63  ? 2.328   -2.122  -3.958  1.00 15.00 ? 63  VAL X CB  1 
ATOM   504 C CG1 . VAL A 1 63  ? 2.751   -3.543  -3.451  1.00 16.77 ? 63  VAL X CG1 1 
ATOM   505 C CG2 . VAL A 1 63  ? 3.367   -0.989  -3.533  1.00 14.63 ? 63  VAL X CG2 1 
ATOM   506 N N   . VAL A 1 64  ? 0.289   -0.542  -5.298  1.00 13.19 ? 64  VAL X N   1 
ATOM   507 C CA  . VAL A 1 64  ? -0.382  0.736   -5.536  1.00 13.15 ? 64  VAL X CA  1 
ATOM   508 C C   . VAL A 1 64  ? -0.670  1.307   -4.140  1.00 13.98 ? 64  VAL X C   1 
ATOM   509 O O   . VAL A 1 64  ? -1.247  0.595   -3.306  1.00 14.73 ? 64  VAL X O   1 
ATOM   510 C CB  . VAL A 1 64  ? -1.683  0.541   -6.380  1.00 12.99 ? 64  VAL X CB  1 
ATOM   511 C CG1 . VAL A 1 64  ? -2.478  1.845   -6.436  1.00 15.23 ? 64  VAL X CG1 1 
ATOM   512 C CG2 . VAL A 1 64  ? -1.326  0.067   -7.813  1.00 11.89 ? 64  VAL X CG2 1 
ATOM   513 N N   . VAL A 1 65  ? -0.271  2.563   -3.877  1.00 14.18 ? 65  VAL X N   1 
ATOM   514 C CA  . VAL A 1 65  ? -0.450  3.176   -2.557  1.00 14.52 ? 65  VAL X CA  1 
ATOM   515 C C   . VAL A 1 65  ? -1.215  4.493   -2.619  1.00 13.65 ? 65  VAL X C   1 
ATOM   516 O O   . VAL A 1 65  ? -1.054  5.284   -3.563  1.00 13.94 ? 65  VAL X O   1 
ATOM   517 C CB  . VAL A 1 65  ? 0.886   3.514   -1.778  1.00 15.50 ? 65  VAL X CB  1 
ATOM   518 C CG1 . VAL A 1 65  ? 1.449   2.250   -1.069  1.00 19.23 ? 65  VAL X CG1 1 
ATOM   519 C CG2 . VAL A 1 65  ? 1.918   4.134   -2.772  1.00 16.09 ? 65  VAL X CG2 1 
ATOM   520 N N   . LEU A 1 66  ? -2.014  4.718   -1.589  1.00 13.76 ? 66  LEU X N   1 
ATOM   521 C CA  . LEU A 1 66  ? -2.631  6.007   -1.325  1.00 13.61 ? 66  LEU X CA  1 
ATOM   522 C C   . LEU A 1 66  ? -1.661  6.729   -0.420  1.00 15.63 ? 66  LEU X C   1 
ATOM   523 O O   . LEU A 1 66  ? -1.309  6.221   0.642   1.00 15.75 ? 66  LEU X O   1 
ATOM   524 C CB  . LEU A 1 66  ? -3.967  5.853   -0.598  1.00 14.00 ? 66  LEU X CB  1 
ATOM   525 C CG  . LEU A 1 66  ? -4.657  7.134   -0.158  1.00 14.06 ? 66  LEU X CG  1 
ATOM   526 C CD1 . LEU A 1 66  ? -4.846  8.056   -1.323  1.00 14.56 ? 66  LEU X CD1 1 
ATOM   527 C CD2 . LEU A 1 66  ? -6.016  6.848   0.570   1.00 14.68 ? 66  LEU X CD2 1 
ATOM   528 N N   . CYS A 1 67  ? -1.234  7.901   -0.855  1.00 16.97 ? 67  CYS X N   1 
ATOM   529 C CA  . CYS A 1 67  ? -0.072  8.571   -0.280  1.00 20.08 ? 67  CYS X CA  1 
ATOM   530 C C   . CYS A 1 67  ? -0.403  9.801   0.555   1.00 21.38 ? 67  CYS X C   1 
ATOM   531 O O   . CYS A 1 67  ? 0.460   10.303  1.275   1.00 21.41 ? 67  CYS X O   1 
ATOM   532 C CB  . CYS A 1 67  ? 0.884   9.009   -1.413  1.00 18.90 ? 67  CYS X CB  1 
ATOM   533 S SG  . CYS A 1 67  ? 1.585   7.706   -2.449  1.00 23.60 ? 67  CYS X SG  1 
ATOM   534 N N   . ASN A 1 68  ? -1.623  10.327  0.443   1.00 22.65 ? 68  ASN X N   1 
ATOM   535 C CA  . ASN A 1 68  ? -1.940  11.575  1.152   1.00 24.69 ? 68  ASN X CA  1 
ATOM   536 C C   . ASN A 1 68  ? -3.019  11.441  2.203   1.00 26.23 ? 68  ASN X C   1 
ATOM   537 O O   . ASN A 1 68  ? -3.771  12.382  2.465   1.00 25.72 ? 68  ASN X O   1 
ATOM   538 C CB  . ASN A 1 68  ? -2.263  12.722  0.184   1.00 23.69 ? 68  ASN X CB  1 
ATOM   539 C CG  . ASN A 1 68  ? -3.521  12.489  -0.599  1.00 23.37 ? 68  ASN X CG  1 
ATOM   540 O OD1 . ASN A 1 68  ? -3.863  11.336  -0.946  1.00 19.18 ? 68  ASN X OD1 1 
ATOM   541 N ND2 . ASN A 1 68  ? -4.211  13.588  -0.939  1.00 16.37 ? 68  ASN X ND2 1 
ATOM   542 N N   . LEU A 1 69  ? -3.124  10.249  2.782   1.00 27.96 ? 69  LEU X N   1 
ATOM   543 C CA  . LEU A 1 69  ? -4.007  10.017  3.913   1.00 31.74 ? 69  LEU X CA  1 
ATOM   544 C C   . LEU A 1 69  ? -3.426  10.697  5.168   1.00 32.35 ? 69  LEU X C   1 
ATOM   545 O O   . LEU A 1 69  ? -2.224  10.721  5.341   1.00 32.61 ? 69  LEU X O   1 
ATOM   546 C CB  . LEU A 1 69  ? -4.169  8.491   4.140   1.00 32.10 ? 69  LEU X CB  1 
ATOM   547 C CG  . LEU A 1 69  ? -5.456  7.911   4.749   1.00 34.25 ? 69  LEU X CG  1 
ATOM   548 C CD1 . LEU A 1 69  ? -6.728  8.471   4.120   1.00 35.41 ? 69  LEU X CD1 1 
ATOM   549 C CD2 . LEU A 1 69  ? -5.464  6.363   4.660   1.00 33.71 ? 69  LEU X CD2 1 
ATOM   550 N N   . GLN A 1 70  ? -4.282  11.276  6.010   1.00 34.87 ? 70  GLN X N   1 
ATOM   551 C CA  . GLN A 1 70  ? -3.859  11.779  7.328   1.00 36.86 ? 70  GLN X CA  1 
ATOM   552 C C   . GLN A 1 70  ? -2.923  10.798  8.022   1.00 37.74 ? 70  GLN X C   1 
ATOM   553 O O   . GLN A 1 70  ? -3.236  9.612   8.116   1.00 37.84 ? 70  GLN X O   1 
ATOM   554 C CB  . GLN A 1 70  ? -5.077  11.989  8.238   1.00 37.30 ? 70  GLN X CB  1 
ATOM   555 C CG  . GLN A 1 70  ? -5.677  13.382  8.212   1.00 39.26 ? 70  GLN X CG  1 
ATOM   556 C CD  . GLN A 1 70  ? -7.208  13.367  8.276   1.00 42.17 ? 70  GLN X CD  1 
ATOM   557 O OE1 . GLN A 1 70  ? -7.817  12.698  9.134   1.00 42.31 ? 70  GLN X OE1 1 
ATOM   558 N NE2 . GLN A 1 70  ? -7.837  14.086  7.346   1.00 42.29 ? 70  GLN X NE2 1 
ATOM   559 N N   . LYS A 1 71  ? -1.784  11.301  8.497   1.00 38.69 ? 71  LYS X N   1 
ATOM   560 C CA  . LYS A 1 71  ? -0.853  10.536  9.324   1.00 40.02 ? 71  LYS X CA  1 
ATOM   561 C C   . LYS A 1 71  ? -1.592  9.681   10.349  1.00 39.65 ? 71  LYS X C   1 
ATOM   562 O O   . LYS A 1 71  ? -2.481  10.168  11.045  1.00 40.80 ? 71  LYS X O   1 
ATOM   563 C CB  . LYS A 1 71  ? 0.111   11.488  10.046  1.00 41.11 ? 71  LYS X CB  1 
ATOM   564 C CG  . LYS A 1 71  ? 1.541   10.978  10.120  1.00 41.74 ? 71  LYS X CG  1 
ATOM   565 C CD  . LYS A 1 71  ? 2.097   10.719  8.713   1.00 45.39 ? 71  LYS X CD  1 
ATOM   566 C CE  . LYS A 1 71  ? 2.634   11.983  8.038   1.00 47.25 ? 71  LYS X CE  1 
ATOM   567 N NZ  . LYS A 1 71  ? 3.779   12.615  8.796   1.00 47.89 ? 71  LYS X NZ  1 
ATOM   568 N N   . ALA A 1 72  ? -1.245  8.404   10.422  1.00 38.69 ? 72  ALA X N   1 
ATOM   569 C CA  . ALA A 1 72  ? -1.925  7.495   11.329  1.00 37.66 ? 72  ALA X CA  1 
ATOM   570 C C   . ALA A 1 72  ? -0.907  6.764   12.180  1.00 37.50 ? 72  ALA X C   1 
ATOM   571 O O   . ALA A 1 72  ? 0.195   6.428   11.722  1.00 37.21 ? 72  ALA X O   1 
ATOM   572 C CB  . ALA A 1 72  ? -2.788  6.506   10.569  1.00 37.91 ? 72  ALA X CB  1 
ATOM   573 N N   . LYS A 1 73  ? -1.265  6.528   13.432  1.00 36.22 ? 73  LYS X N   1 
ATOM   574 C CA  . LYS A 1 73  ? -0.421  5.718   14.272  1.00 35.66 ? 73  LYS X CA  1 
ATOM   575 C C   . LYS A 1 73  ? -1.092  4.387   14.520  1.00 35.23 ? 73  LYS X C   1 
ATOM   576 O O   . LYS A 1 73  ? -2.286  4.324   14.833  1.00 34.49 ? 73  LYS X O   1 
ATOM   577 C CB  . LYS A 1 73  ? -0.138  6.445   15.581  1.00 36.35 ? 73  LYS X CB  1 
ATOM   578 C CG  . LYS A 1 73  ? 0.263   7.890   15.357  1.00 37.87 ? 73  LYS X CG  1 
ATOM   579 C CD  . LYS A 1 73  ? 1.748   8.012   15.089  1.00 40.02 ? 73  LYS X CD  1 
ATOM   580 C CE  . LYS A 1 73  ? 2.531   7.748   16.361  1.00 41.80 ? 73  LYS X CE  1 
ATOM   581 N NZ  . LYS A 1 73  ? 3.792   8.529   16.379  1.00 44.23 ? 73  LYS X NZ  1 
ATOM   582 N N   . MET A 1 74  ? -0.322  3.317   14.361  1.00 33.93 ? 74  MET X N   1 
ATOM   583 C CA  . MET A 1 74  ? -0.788  2.004   14.748  1.00 34.03 ? 74  MET X CA  1 
ATOM   584 C C   . MET A 1 74  ? 0.236   1.309   15.636  1.00 32.78 ? 74  MET X C   1 
ATOM   585 O O   . MET A 1 74  ? 1.369   1.020   15.220  1.00 30.52 ? 74  MET X O   1 
ATOM   586 C CB  . MET A 1 74  ? -1.135  1.142   13.530  1.00 34.30 ? 74  MET X CB  1 
ATOM   587 C CG  . MET A 1 74  ? -1.639  -0.223  13.947  1.00 39.36 ? 74  MET X CG  1 
ATOM   588 S SD  . MET A 1 74  ? -2.999  -0.125  15.146  1.00 46.36 ? 74  MET X SD  1 
ATOM   589 C CE  . MET A 1 74  ? -4.408  -0.067  14.027  1.00 43.76 ? 74  MET X CE  1 
ATOM   590 N N   . ARG A 1 75  ? -0.172  1.037   16.870  1.00 32.32 ? 75  ARG X N   1 
ATOM   591 C CA  . ARG A 1 75  ? 0.748   0.513   17.868  1.00 33.01 ? 75  ARG X CA  1 
ATOM   592 C C   . ARG A 1 75  ? 1.990   1.399   17.931  1.00 31.66 ? 75  ARG X C   1 
ATOM   593 O O   . ARG A 1 75  ? 3.111   0.936   18.113  1.00 32.96 ? 75  ARG X O   1 
ATOM   594 C CB  . ARG A 1 75  ? 1.053   -0.973  17.638  1.00 33.93 ? 75  ARG X CB  1 
ATOM   595 C CG  . ARG A 1 75  ? 2.009   -1.265  16.483  1.00 38.40 ? 75  ARG X CG  1 
ATOM   596 C CD  . ARG A 1 75  ? 3.421   -1.674  16.956  1.00 44.85 ? 75  ARG X CD  1 
ATOM   597 N NE  . ARG A 1 75  ? 3.680   -3.062  16.588  1.00 48.70 ? 75  ARG X NE  1 
ATOM   598 C CZ  . ARG A 1 75  ? 3.621   -3.506  15.333  1.00 50.49 ? 75  ARG X CZ  1 
ATOM   599 N NH1 . ARG A 1 75  ? 3.861   -4.786  15.066  1.00 50.40 ? 75  ARG X NH1 1 
ATOM   600 N NH2 . ARG A 1 75  ? 3.312   -2.663  14.345  1.00 51.02 ? 75  ARG X NH2 1 
ATOM   601 N N   . GLY A 1 76  ? 1.763   2.699   17.784  1.00 30.93 ? 76  GLY X N   1 
ATOM   602 C CA  . GLY A 1 76  ? 2.819   3.684   17.925  1.00 29.57 ? 76  GLY X CA  1 
ATOM   603 C C   . GLY A 1 76  ? 3.703   3.849   16.711  1.00 29.11 ? 76  GLY X C   1 
ATOM   604 O O   . GLY A 1 76  ? 4.627   4.682   16.728  1.00 28.91 ? 76  GLY X O   1 
ATOM   605 N N   . GLU A 1 77  ? 3.418   3.062   15.663  1.00 28.28 ? 77  GLU X N   1 
ATOM   606 C CA  . GLU A 1 77  ? 4.130   3.165   14.367  1.00 28.75 ? 77  GLU X CA  1 
ATOM   607 C C   . GLU A 1 77  ? 3.355   4.054   13.409  1.00 27.86 ? 77  GLU X C   1 
ATOM   608 O O   . GLU A 1 77  ? 2.144   3.931   13.274  1.00 29.06 ? 77  GLU X O   1 
ATOM   609 C CB  . GLU A 1 77  ? 4.292   1.792   13.692  1.00 28.09 ? 77  GLU X CB  1 
ATOM   610 C CG  . GLU A 1 77  ? 4.757   0.653   14.576  1.00 32.17 ? 77  GLU X CG  1 
ATOM   611 C CD  . GLU A 1 77  ? 6.243   0.688   14.879  1.00 36.69 ? 77  GLU X CD  1 
ATOM   612 O OE1 . GLU A 1 77  ? 6.744   -0.295  15.492  1.00 41.46 ? 77  GLU X OE1 1 
ATOM   613 O OE2 . GLU A 1 77  ? 6.918   1.685   14.526  1.00 38.36 ? 77  GLU X OE2 1 
ATOM   614 N N   . THR A 1 78  ? 4.048   4.928   12.717  1.00 27.71 ? 78  THR X N   1 
ATOM   615 C CA  . THR A 1 78  ? 3.378   5.780   11.736  1.00 27.92 ? 78  THR X CA  1 
ATOM   616 C C   . THR A 1 78  ? 3.021   5.044   10.438  1.00 26.63 ? 78  THR X C   1 
ATOM   617 O O   . THR A 1 78  ? 3.856   4.363   9.832   1.00 25.01 ? 78  THR X O   1 
ATOM   618 C CB  . THR A 1 78  ? 4.218   7.015   11.461  1.00 29.32 ? 78  THR X CB  1 
ATOM   619 O OG1 . THR A 1 78  ? 4.293   7.776   12.673  1.00 31.92 ? 78  THR X OG1 1 
ATOM   620 C CG2 . THR A 1 78  ? 3.594   7.876   10.385  1.00 29.71 ? 78  THR X CG2 1 
ATOM   621 N N   . SER A 1 79  ? 1.765   5.156   10.024  1.00 25.36 ? 79  SER X N   1 
ATOM   622 C CA  . SER A 1 79  ? 1.419   4.809   8.676   1.00 25.79 ? 79  SER X CA  1 
ATOM   623 C C   . SER A 1 79  ? 1.143   6.095   7.855   1.00 26.02 ? 79  SER X C   1 
ATOM   624 O O   . SER A 1 79  ? 0.237   6.863   8.169   1.00 26.92 ? 79  SER X O   1 
ATOM   625 C CB  . SER A 1 79  ? 0.217   3.870   8.678   1.00 27.06 ? 79  SER X CB  1 
ATOM   626 O OG  . SER A 1 79  ? 0.067   3.290   7.414   1.00 28.20 ? 79  SER X OG  1 
ATOM   627 N N   . GLU A 1 80  ? 1.955   6.363   6.843   1.00 24.26 ? 80  GLU X N   1 
ATOM   628 C CA  . GLU A 1 80  ? 1.729   7.565   6.021   1.00 24.16 ? 80  GLU X CA  1 
ATOM   629 C C   . GLU A 1 80  ? 1.306   7.268   4.595   1.00 22.74 ? 80  GLU X C   1 
ATOM   630 O O   . GLU A 1 80  ? 1.204   8.168   3.765   1.00 22.63 ? 80  GLU X O   1 
ATOM   631 C CB  . GLU A 1 80  ? 2.981   8.415   5.984   1.00 25.20 ? 80  GLU X CB  1 
ATOM   632 C CG  . GLU A 1 80  ? 4.133   7.725   5.323   1.00 25.17 ? 80  GLU X CG  1 
ATOM   633 C CD  . GLU A 1 80  ? 5.443   8.458   5.582   1.00 27.75 ? 80  GLU X CD  1 
ATOM   634 O OE1 . GLU A 1 80  ? 5.397   9.659   5.949   1.00 26.64 ? 80  GLU X OE1 1 
ATOM   635 O OE2 . GLU A 1 80  ? 6.515   7.829   5.447   1.00 22.96 ? 80  GLU X OE2 1 
ATOM   636 N N   . CYS A 1 81  ? 1.142   5.992   4.290   1.00 20.92 ? 81  CYS X N   1 
ATOM   637 C CA  . CYS A 1 81  ? 0.505   5.581   3.019   1.00 18.64 ? 81  CYS X CA  1 
ATOM   638 C C   . CYS A 1 81  ? -0.230  4.285   3.304   1.00 17.80 ? 81  CYS X C   1 
ATOM   639 O O   . CYS A 1 81  ? -0.024  3.689   4.354   1.00 16.46 ? 81  CYS X O   1 
ATOM   640 C CB  . CYS A 1 81  ? 1.534   5.404   1.891   1.00 17.95 ? 81  CYS X CB  1 
ATOM   641 S SG  . CYS A 1 81  ? 2.717   4.068   1.979   1.00 19.67 ? 81  CYS X SG  1 
ATOM   642 N N   . MET A 1 82  ? -1.057  3.838   2.375   1.00 17.43 ? 82  MET X N   1 
ATOM   643 C CA  . MET A 1 82  ? -1.739  2.538   2.531   1.00 17.00 ? 82  MET X CA  1 
ATOM   644 C C   . MET A 1 82  ? -1.820  1.809   1.217   1.00 15.49 ? 82  MET X C   1 
ATOM   645 O O   . MET A 1 82  ? -2.060  2.424   0.205   1.00 14.98 ? 82  MET X O   1 
ATOM   646 C CB  . MET A 1 82  ? -3.151  2.784   3.041   1.00 17.33 ? 82  MET X CB  1 
ATOM   647 C CG  . MET A 1 82  ? -3.112  3.389   4.410   1.00 23.47 ? 82  MET X CG  1 
ATOM   648 S SD  . MET A 1 82  ? -2.934  1.965   5.476   1.00 38.51 ? 82  MET X SD  1 
ATOM   649 C CE  . MET A 1 82  ? -4.689  1.515   5.450   1.00 28.45 ? 82  MET X CE  1 
ATOM   650 N N   . LEU A 1 83  ? -1.623  0.495   1.254   1.00 14.23 ? 83  LEU X N   1 
ATOM   651 C CA  . LEU A 1 83  ? -1.635  -0.317  0.067   1.00 14.75 ? 83  LEU X CA  1 
ATOM   652 C C   . LEU A 1 83  ? -3.089  -0.563  -0.340  1.00 15.48 ? 83  LEU X C   1 
ATOM   653 O O   . LEU A 1 83  ? -3.953  -0.814  0.511   1.00 15.91 ? 83  LEU X O   1 
ATOM   654 C CB  . LEU A 1 83  ? -0.978  -1.674  0.387   1.00 14.50 ? 83  LEU X CB  1 
ATOM   655 C CG  . LEU A 1 83  ? 0.511   -1.556  0.837   1.00 15.30 ? 83  LEU X CG  1 
ATOM   656 C CD1 . LEU A 1 83  ? 0.870   -2.744  1.704   1.00 13.25 ? 83  LEU X CD1 1 
ATOM   657 C CD2 . LEU A 1 83  ? 1.403   -1.531  -0.418  1.00 15.45 ? 83  LEU X CD2 1 
ATOM   658 N N   . LEU A 1 84  ? -3.326  -0.541  -1.641  1.00 15.27 ? 84  LEU X N   1 
ATOM   659 C CA  . LEU A 1 84  ? -4.619  -0.901  -2.194  1.00 14.77 ? 84  LEU X CA  1 
ATOM   660 C C   . LEU A 1 84  ? -4.678  -2.400  -2.518  1.00 14.23 ? 84  LEU X C   1 
ATOM   661 O O   . LEU A 1 84  ? -3.787  -2.943  -3.203  1.00 12.95 ? 84  LEU X O   1 
ATOM   662 C CB  . LEU A 1 84  ? -4.905  -0.069  -3.470  1.00 13.85 ? 84  LEU X CB  1 
ATOM   663 C CG  . LEU A 1 84  ? -5.569  1.323   -3.254  1.00 18.49 ? 84  LEU X CG  1 
ATOM   664 C CD1 . LEU A 1 84  ? -4.525  2.279   -2.641  1.00 18.45 ? 84  LEU X CD1 1 
ATOM   665 C CD2 . LEU A 1 84  ? -5.986  1.837   -4.628  1.00 17.95 ? 84  LEU X CD2 1 
ATOM   666 N N   . CYS A 1 85  ? -5.766  -3.049  -2.083  1.00 14.13 ? 85  CYS X N   1 
ATOM   667 C CA  . CYS A 1 85  ? -5.979  -4.475  -2.319  1.00 15.71 ? 85  CYS X CA  1 
ATOM   668 C C   . CYS A 1 85  ? -7.374  -4.746  -2.867  1.00 15.31 ? 85  CYS X C   1 
ATOM   669 O O   . CYS A 1 85  ? -8.259  -3.908  -2.737  1.00 15.82 ? 85  CYS X O   1 
ATOM   670 C CB  . CYS A 1 85  ? -5.891  -5.222  -0.991  1.00 16.23 ? 85  CYS X CB  1 
ATOM   671 S SG  . CYS A 1 85  ? -4.279  -5.038  -0.176  1.00 23.71 ? 85  CYS X SG  1 
ATOM   672 N N   . ALA A 1 86  ? -7.564  -5.922  -3.467  1.00 14.75 ? 86  ALA X N   1 
ATOM   673 C CA  . ALA A 1 86  ? -8.923  -6.400  -3.752  1.00 16.11 ? 86  ALA X CA  1 
ATOM   674 C C   . ALA A 1 86  ? -9.158  -7.476  -2.719  1.00 15.71 ? 86  ALA X C   1 
ATOM   675 O O   . ALA A 1 86  ? -8.252  -8.297  -2.441  1.00 15.19 ? 86  ALA X O   1 
ATOM   676 C CB  . ALA A 1 86  ? -9.010  -7.006  -5.162  1.00 15.67 ? 86  ALA X CB  1 
ATOM   677 N N   . GLU A 1 87  ? -10.343 -7.484  -2.136  1.00 16.13 ? 87  GLU X N   1 
ATOM   678 C CA  . GLU A 1 87  ? -10.630 -8.463  -1.097  1.00 19.09 ? 87  GLU X CA  1 
ATOM   679 C C   . GLU A 1 87  ? -11.897 -9.247  -1.425  1.00 17.94 ? 87  GLU X C   1 
ATOM   680 O O   . GLU A 1 87  ? -12.846 -8.694  -1.996  1.00 16.04 ? 87  GLU X O   1 
ATOM   681 C CB  . GLU A 1 87  ? -10.717 -7.817  0.295   1.00 20.15 ? 87  GLU X CB  1 
ATOM   682 C CG  . GLU A 1 87  ? -12.073 -7.304  0.703   1.00 24.68 ? 87  GLU X CG  1 
ATOM   683 C CD  . GLU A 1 87  ? -12.109 -6.890  2.196   1.00 24.78 ? 87  GLU X CD  1 
ATOM   684 O OE1 . GLU A 1 87  ? -11.256 -7.348  2.994   1.00 33.87 ? 87  GLU X OE1 1 
ATOM   685 O OE2 . GLU A 1 87  ? -13.021 -6.143  2.541   1.00 29.46 ? 87  GLU X OE2 1 
ATOM   686 N N   . THR A 1 88  ? -11.902 -10.539 -1.086  1.00 18.08 ? 88  THR X N   1 
ATOM   687 C CA  . THR A 1 88  ? -13.106 -11.368 -1.363  1.00 18.69 ? 88  THR X CA  1 
ATOM   688 C C   . THR A 1 88  ? -14.245 -10.836 -0.473  1.00 19.19 ? 88  THR X C   1 
ATOM   689 O O   . THR A 1 88  ? -13.997 -10.135 0.520   1.00 19.09 ? 88  THR X O   1 
ATOM   690 C CB  . THR A 1 88  ? -12.871 -12.876 -1.073  1.00 18.71 ? 88  THR X CB  1 
ATOM   691 O OG1 . THR A 1 88  ? -12.296 -12.999 0.229   1.00 18.51 ? 88  THR X OG1 1 
ATOM   692 C CG2 . THR A 1 88  ? -11.967 -13.521 -2.116  1.00 19.41 ? 88  THR X CG2 1 
ATOM   693 N N   . ASP A 1 89  ? -15.487 -11.198 -0.789  1.00 20.58 ? 89  ASP X N   1 
ATOM   694 C CA  . ASP A 1 89  ? -16.660 -10.558 -0.158  1.00 21.02 ? 89  ASP X CA  1 
ATOM   695 C C   . ASP A 1 89  ? -16.796 -10.938 1.304   1.00 21.33 ? 89  ASP X C   1 
ATOM   696 O O   . ASP A 1 89  ? -17.471 -10.219 2.078   1.00 21.30 ? 89  ASP X O   1 
ATOM   697 C CB  . ASP A 1 89  ? -17.964 -10.959 -0.850  1.00 21.03 ? 89  ASP X CB  1 
ATOM   698 C CG  . ASP A 1 89  ? -18.213 -10.217 -2.142  1.00 21.74 ? 89  ASP X CG  1 
ATOM   699 O OD1 . ASP A 1 89  ? -17.530 -9.216  -2.448  1.00 21.09 ? 89  ASP X OD1 1 
ATOM   700 O OD2 . ASP A 1 89  ? -19.093 -10.692 -2.865  1.00 22.95 ? 89  ASP X OD2 1 
ATOM   701 N N   . ASP A 1 90  ? -16.133 -12.038 1.683   1.00 20.96 ? 90  ASP X N   1 
ATOM   702 C CA  . ASP A 1 90  ? -16.127 -12.479 3.086   1.00 23.07 ? 90  ASP X CA  1 
ATOM   703 C C   . ASP A 1 90  ? -14.839 -12.124 3.823   1.00 23.05 ? 90  ASP X C   1 
ATOM   704 O O   . ASP A 1 90  ? -14.613 -12.566 4.957   1.00 22.51 ? 90  ASP X O   1 
ATOM   705 C CB  . ASP A 1 90  ? -16.432 -13.984 3.203   1.00 23.14 ? 90  ASP X CB  1 
ATOM   706 C CG  . ASP A 1 90  ? -15.347 -14.848 2.608   1.00 24.70 ? 90  ASP X CG  1 
ATOM   707 O OD1 . ASP A 1 90  ? -14.471 -14.334 1.882   1.00 25.29 ? 90  ASP X OD1 1 
ATOM   708 O OD2 . ASP A 1 90  ? -15.348 -16.064 2.863   1.00 28.95 ? 90  ASP X OD2 1 
ATOM   709 N N   . GLY A 1 91  ? -14.003 -11.295 3.201   1.00 22.54 ? 91  GLY X N   1 
ATOM   710 C CA  . GLY A 1 91  ? -12.785 -10.824 3.865   1.00 23.33 ? 91  GLY X CA  1 
ATOM   711 C C   . GLY A 1 91  ? -11.732 -11.910 3.950   1.00 24.30 ? 91  GLY X C   1 
ATOM   712 O O   . GLY A 1 91  ? -10.686 -11.703 4.541   1.00 24.60 ? 91  GLY X O   1 
ATOM   713 N N   . SER A 1 92  ? -11.974 -13.065 3.338   1.00 24.66 ? 92  SER X N   1 
ATOM   714 C CA  . SER A 1 92  ? -11.047 -14.187 3.511   1.00 24.89 ? 92  SER X CA  1 
ATOM   715 C C   . SER A 1 92  ? -9.651  -13.966 2.913   1.00 25.58 ? 92  SER X C   1 
ATOM   716 O O   . SER A 1 92  ? -8.651  -14.473 3.438   1.00 25.06 ? 92  SER X O   1 
ATOM   717 C CB  . SER A 1 92  ? -11.648 -15.510 3.008   1.00 25.24 ? 92  SER X CB  1 
ATOM   718 O OG  . SER A 1 92  ? -11.832 -15.503 1.592   1.00 25.21 ? 92  SER X OG  1 
ATOM   719 N N   . GLU A 1 93  ? -9.584  -13.236 1.791   1.00 23.98 ? 93  GLU X N   1 
ATOM   720 C CA  . GLU A 1 93  ? -8.347  -13.085 1.057   1.00 24.06 ? 93  GLU X CA  1 
ATOM   721 C C   . GLU A 1 93  ? -8.261  -11.680 0.494   1.00 23.29 ? 93  GLU X C   1 
ATOM   722 O O   . GLU A 1 93  ? -9.245  -11.167 0.010   1.00 21.83 ? 93  GLU X O   1 
ATOM   723 C CB  . GLU A 1 93  ? -8.264  -14.063 -0.120  1.00 24.82 ? 93  GLU X CB  1 
ATOM   724 C CG  . GLU A 1 93  ? -8.173  -15.509 0.292   1.00 28.49 ? 93  GLU X CG  1 
ATOM   725 C CD  . GLU A 1 93  ? -7.755  -16.430 -0.851  1.00 28.60 ? 93  GLU X CD  1 
ATOM   726 O OE1 . GLU A 1 93  ? -6.623  -16.257 -1.402  1.00 27.82 ? 93  GLU X OE1 1 
ATOM   727 O OE2 . GLU A 1 93  ? -8.573  -17.325 -1.179  1.00 31.88 ? 93  GLU X OE2 1 
ATOM   728 N N   . SER A 1 94  ? -7.066  -11.098 0.554   1.00 22.03 ? 94  SER X N   1 
ATOM   729 C CA  . SER A 1 94  ? -6.811  -9.739  0.133   1.00 21.86 ? 94  SER X CA  1 
ATOM   730 C C   . SER A 1 94  ? -5.604  -9.849  -0.792  1.00 21.39 ? 94  SER X C   1 
ATOM   731 O O   . SER A 1 94  ? -4.594  -10.471 -0.438  1.00 21.19 ? 94  SER X O   1 
ATOM   732 C CB  . SER A 1 94  ? -6.463  -8.878  1.347   1.00 22.51 ? 94  SER X CB  1 
ATOM   733 O OG  . SER A 1 94  ? -6.791  -7.525  1.117   1.00 28.62 ? 94  SER X OG  1 
ATOM   734 N N   . VAL A 1 95  ? -5.724  -9.285  -1.984  1.00 18.07 ? 95  VAL X N   1 
ATOM   735 C CA  . VAL A 1 95  ? -4.685  -9.402  -3.016  1.00 17.59 ? 95  VAL X CA  1 
ATOM   736 C C   . VAL A 1 95  ? -4.258  -7.982  -3.431  1.00 15.97 ? 95  VAL X C   1 
ATOM   737 O O   . VAL A 1 95  ? -5.110  -7.129  -3.727  1.00 15.07 ? 95  VAL X O   1 
ATOM   738 C CB  . VAL A 1 95  ? -5.223  -10.232 -4.208  1.00 17.47 ? 95  VAL X CB  1 
ATOM   739 C CG1 . VAL A 1 95  ? -4.381  -10.083 -5.452  1.00 19.53 ? 95  VAL X CG1 1 
ATOM   740 C CG2 . VAL A 1 95  ? -5.220  -11.711 -3.799  1.00 18.66 ? 95  VAL X CG2 1 
ATOM   741 N N   . LEU A 1 96  ? -2.959  -7.746  -3.482  1.00 15.09 ? 96  LEU X N   1 
ATOM   742 C CA  . LEU A 1 96  ? -2.452  -6.417  -3.824  1.00 14.77 ? 96  LEU X CA  1 
ATOM   743 C C   . LEU A 1 96  ? -2.815  -6.023  -5.277  1.00 13.48 ? 96  LEU X C   1 
ATOM   744 O O   . LEU A 1 96  ? -2.755  -6.854  -6.175  1.00 11.96 ? 96  LEU X O   1 
ATOM   745 C CB  . LEU A 1 96  ? -0.917  -6.380  -3.607  1.00 14.73 ? 96  LEU X CB  1 
ATOM   746 C CG  . LEU A 1 96  ? -0.494  -6.404  -2.127  1.00 14.50 ? 96  LEU X CG  1 
ATOM   747 C CD1 . LEU A 1 96  ? 0.993   -6.727  -2.037  1.00 18.37 ? 96  LEU X CD1 1 
ATOM   748 C CD2 . LEU A 1 96  ? -0.866  -5.097  -1.323  1.00 14.12 ? 96  LEU X CD2 1 
ATOM   749 N N   . LEU A 1 97  ? -3.204  -4.765  -5.490  1.00 12.02 ? 97  LEU X N   1 
ATOM   750 C CA  . LEU A 1 97  ? -3.329  -4.239  -6.858  1.00 13.01 ? 97  LEU X CA  1 
ATOM   751 C C   . LEU A 1 97  ? -1.963  -3.914  -7.426  1.00 13.40 ? 97  LEU X C   1 
ATOM   752 O O   . LEU A 1 97  ? -1.026  -3.606  -6.663  1.00 13.74 ? 97  LEU X O   1 
ATOM   753 C CB  . LEU A 1 97  ? -4.182  -2.969  -6.885  1.00 12.41 ? 97  LEU X CB  1 
ATOM   754 C CG  . LEU A 1 97  ? -5.632  -3.146  -6.405  1.00 12.32 ? 97  LEU X CG  1 
ATOM   755 C CD1 . LEU A 1 97  ? -6.365  -1.838  -6.762  1.00 15.28 ? 97  LEU X CD1 1 
ATOM   756 C CD2 . LEU A 1 97  ? -6.287  -4.369  -7.078  1.00 14.84 ? 97  LEU X CD2 1 
ATOM   757 N N   . THR A 1 98  ? -1.851  -3.957  -8.753  1.00 11.62 ? 98  THR X N   1 
ATOM   758 C CA  . THR A 1 98  ? -0.600  -3.670  -9.428  1.00 13.73 ? 98  THR X CA  1 
ATOM   759 C C   . THR A 1 98  ? -0.935  -3.205  -10.851 1.00 14.09 ? 98  THR X C   1 
ATOM   760 O O   . THR A 1 98  ? -1.998  -3.566  -11.360 1.00 14.28 ? 98  THR X O   1 
ATOM   761 C CB  . THR A 1 98  ? 0.376   -4.901  -9.387  1.00 12.54 ? 98  THR X CB  1 
ATOM   762 O OG1 . THR A 1 98  ? 1.673   -4.544  -9.942  1.00 15.17 ? 98  THR X OG1 1 
ATOM   763 C CG2 . THR A 1 98  ? -0.231  -6.087  -10.139 1.00 13.92 ? 98  THR X CG2 1 
ATOM   764 N N   . PRO A 1 99  ? -0.063  -2.380  -11.470 1.00 14.23 ? 99  PRO X N   1 
ATOM   765 C CA  . PRO A 1 99  ? -0.180  -2.176  -12.915 1.00 14.19 ? 99  PRO X CA  1 
ATOM   766 C C   . PRO A 1 99  ? -0.011  -3.522  -13.609 1.00 12.40 ? 99  PRO X C   1 
ATOM   767 O O   . PRO A 1 99  ? 0.769   -4.358  -13.119 1.00 13.49 ? 99  PRO X O   1 
ATOM   768 C CB  . PRO A 1 99  ? 1.023   -1.258  -13.254 1.00 14.40 ? 99  PRO X CB  1 
ATOM   769 C CG  . PRO A 1 99  ? 1.962   -1.352  -12.042 1.00 15.69 ? 99  PRO X CG  1 
ATOM   770 C CD  . PRO A 1 99  ? 1.097   -1.660  -10.878 1.00 14.97 ? 99  PRO X CD  1 
ATOM   771 N N   . GLU A 1 100 ? -0.763  -3.793  -14.686 1.00 13.00 ? 100 GLU X N   1 
ATOM   772 C CA  . GLU A 1 100 ? -0.717  -5.155  -15.267 1.00 15.06 ? 100 GLU X CA  1 
ATOM   773 C C   . GLU A 1 100 ? 0.620   -5.467  -15.977 1.00 16.02 ? 100 GLU X C   1 
ATOM   774 O O   . GLU A 1 100 ? 0.974   -6.649  -16.226 1.00 17.03 ? 100 GLU X O   1 
ATOM   775 C CB  . GLU A 1 100 ? -1.923  -5.428  -16.167 1.00 14.66 ? 100 GLU X CB  1 
ATOM   776 C CG  . GLU A 1 100 ? -1.955  -4.625  -17.421 1.00 18.42 ? 100 GLU X CG  1 
ATOM   777 C CD  . GLU A 1 100 ? -2.979  -5.165  -18.408 1.00 20.79 ? 100 GLU X CD  1 
ATOM   778 O OE1 . GLU A 1 100 ? -3.442  -6.316  -18.248 1.00 23.41 ? 100 GLU X OE1 1 
ATOM   779 O OE2 . GLU A 1 100 ? -3.291  -4.440  -19.357 1.00 22.66 ? 100 GLU X OE2 1 
ATOM   780 N N   . ARG A 1 101 ? 1.378   -4.424  -16.230 1.00 16.06 ? 101 ARG X N   1 
ATOM   781 C CA  . ARG A 1 101 ? 2.748   -4.516  -16.796 1.00 18.86 ? 101 ARG X CA  1 
ATOM   782 C C   . ARG A 1 101 ? 3.654   -3.722  -15.910 1.00 19.16 ? 101 ARG X C   1 
ATOM   783 O O   . ARG A 1 101 ? 3.192   -2.834  -15.158 1.00 17.18 ? 101 ARG X O   1 
ATOM   784 C CB  . ARG A 1 101 ? 2.814   -3.843  -18.172 1.00 18.84 ? 101 ARG X CB  1 
ATOM   785 C CG  . ARG A 1 101 ? 2.693   -4.730  -19.310 1.00 26.74 ? 101 ARG X CG  1 
ATOM   786 C CD  . ARG A 1 101 ? 3.396   -4.045  -20.492 1.00 31.59 ? 101 ARG X CD  1 
ATOM   787 N NE  . ARG A 1 101 ? 2.834   -2.754  -20.931 1.00 33.73 ? 101 ARG X NE  1 
ATOM   788 C CZ  . ARG A 1 101 ? 3.382   -1.548  -20.716 1.00 34.23 ? 101 ARG X CZ  1 
ATOM   789 N NH1 . ARG A 1 101 ? 2.782   -0.477  -21.213 1.00 33.77 ? 101 ARG X NH1 1 
ATOM   790 N NH2 . ARG A 1 101 ? 4.515   -1.383  -20.012 1.00 32.00 ? 101 ARG X NH2 1 
ATOM   791 N N   . MET A 1 102 ? 4.946   -4.038  -15.966 1.00 18.92 ? 102 MET X N   1 
ATOM   792 C CA  . MET A 1 102 ? 5.970   -3.281  -15.207 1.00 21.07 ? 102 MET X CA  1 
ATOM   793 C C   . MET A 1 102 ? 5.873   -1.765  -15.427 1.00 18.91 ? 102 MET X C   1 
ATOM   794 O O   . MET A 1 102 ? 5.780   -1.295  -16.572 1.00 16.02 ? 102 MET X O   1 
ATOM   795 C CB  . MET A 1 102 ? 7.348   -3.753  -15.704 1.00 21.35 ? 102 MET X CB  1 
ATOM   796 C CG  . MET A 1 102 ? 8.505   -3.530  -14.816 1.00 26.08 ? 102 MET X CG  1 
ATOM   797 S SD  . MET A 1 102 ? 9.903   -4.367  -15.678 1.00 29.48 ? 102 MET X SD  1 
ATOM   798 C CE  . MET A 1 102 ? 9.417   -6.023  -15.426 1.00 25.06 ? 102 MET X CE  1 
ATOM   799 N N   . MET A 1 103 ? 5.957   -0.992  -14.338 1.00 16.86 ? 103 MET X N   1 
ATOM   800 C CA  . MET A 1 103 ? 5.950   0.484   -14.420 1.00 17.61 ? 103 MET X CA  1 
ATOM   801 C C   . MET A 1 103 ? 6.849   1.059   -13.317 1.00 17.33 ? 103 MET X C   1 
ATOM   802 O O   . MET A 1 103 ? 7.011   0.409   -12.285 1.00 17.73 ? 103 MET X O   1 
ATOM   803 C CB  . MET A 1 103 ? 4.511   1.003   -14.203 1.00 17.46 ? 103 MET X CB  1 
ATOM   804 C CG  . MET A 1 103 ? 3.548   0.672   -15.341 1.00 19.63 ? 103 MET X CG  1 
ATOM   805 S SD  . MET A 1 103 ? 3.941   1.554   -16.853 1.00 23.13 ? 103 MET X SD  1 
ATOM   806 C CE  . MET A 1 103 ? 3.184   3.112   -16.566 1.00 23.08 ? 103 MET X CE  1 
ATOM   807 N N   . PRO A 1 104 ? 7.453   2.256   -13.543 1.00 17.31 ? 104 PRO X N   1 
ATOM   808 C CA  . PRO A 1 104 ? 8.358   2.885   -12.587 1.00 17.16 ? 104 PRO X CA  1 
ATOM   809 C C   . PRO A 1 104 ? 7.640   3.211   -11.283 1.00 17.28 ? 104 PRO X C   1 
ATOM   810 O O   . PRO A 1 104 ? 6.463   3.611   -11.317 1.00 16.10 ? 104 PRO X O   1 
ATOM   811 C CB  . PRO A 1 104 ? 8.739   4.213   -13.270 1.00 17.49 ? 104 PRO X CB  1 
ATOM   812 C CG  . PRO A 1 104 ? 8.432   4.032   -14.686 1.00 18.72 ? 104 PRO X CG  1 
ATOM   813 C CD  . PRO A 1 104 ? 7.326   3.051   -14.777 1.00 17.53 ? 104 PRO X CD  1 
ATOM   814 N N   . ALA A 1 105 ? 8.350   3.045   -10.170 1.00 16.04 ? 105 ALA X N   1 
ATOM   815 C CA  . ALA A 1 105 ? 7.911   3.568   -8.894  1.00 16.69 ? 105 ALA X CA  1 
ATOM   816 C C   . ALA A 1 105 ? 7.569   5.050   -9.019  1.00 15.78 ? 105 ALA X C   1 
ATOM   817 O O   . ALA A 1 105 ? 8.356   5.851   -9.533  1.00 16.84 ? 105 ALA X O   1 
ATOM   818 C CB  . ALA A 1 105 ? 9.001   3.373   -7.829  1.00 16.83 ? 105 ALA X CB  1 
ATOM   819 N N   . GLY A 1 106 ? 6.407   5.426   -8.509  1.00 14.14 ? 106 GLY X N   1 
ATOM   820 C CA  . GLY A 1 106 ? 6.026   6.840   -8.454  1.00 14.77 ? 106 GLY X CA  1 
ATOM   821 C C   . GLY A 1 106 ? 5.030   7.358   -9.495  1.00 15.38 ? 106 GLY X C   1 
ATOM   822 O O   . GLY A 1 106 ? 4.453   8.417   -9.297  1.00 16.44 ? 106 GLY X O   1 
ATOM   823 N N   . VAL A 1 107 ? 4.860   6.636   -10.601 1.00 15.54 ? 107 VAL X N   1 
ATOM   824 C CA  . VAL A 1 107 ? 3.858   7.025   -11.616 1.00 15.20 ? 107 VAL X CA  1 
ATOM   825 C C   . VAL A 1 107 ? 2.453   7.111   -10.969 1.00 14.42 ? 107 VAL X C   1 
ATOM   826 O O   . VAL A 1 107 ? 2.101   6.327   -10.093 1.00 13.11 ? 107 VAL X O   1 
ATOM   827 C CB  . VAL A 1 107 ? 3.845   6.136   -12.873 1.00 15.81 ? 107 VAL X CB  1 
ATOM   828 C CG1 . VAL A 1 107 ? 5.152   6.302   -13.680 1.00 17.88 ? 107 VAL X CG1 1 
ATOM   829 C CG2 . VAL A 1 107 ? 3.570   4.668   -12.512 1.00 15.55 ? 107 VAL X CG2 1 
ATOM   830 N N   . ARG A 1 108 ? 1.667   8.070   -11.433 1.00 13.75 ? 108 ARG X N   1 
ATOM   831 C CA  . ARG A 1 108 ? 0.373   8.389   -10.822 1.00 14.93 ? 108 ARG X CA  1 
ATOM   832 C C   . ARG A 1 108 ? -0.691  7.423   -11.296 1.00 13.80 ? 108 ARG X C   1 
ATOM   833 O O   . ARG A 1 108 ? -0.640  6.943   -12.424 1.00 15.19 ? 108 ARG X O   1 
ATOM   834 C CB  . ARG A 1 108 ? -0.038  9.820   -11.250 1.00 14.95 ? 108 ARG X CB  1 
ATOM   835 C CG  . ARG A 1 108 ? 0.748   10.899  -10.552 1.00 22.34 ? 108 ARG X CG  1 
ATOM   836 C CD  . ARG A 1 108 ? 0.463   10.820  -9.024  1.00 29.34 ? 108 ARG X CD  1 
ATOM   837 N NE  . ARG A 1 108 ? -0.958  10.935  -8.654  1.00 36.46 ? 108 ARG X NE  1 
ATOM   838 C CZ  . ARG A 1 108 ? -1.589  12.096  -8.469  1.00 37.95 ? 108 ARG X CZ  1 
ATOM   839 N NH1 . ARG A 1 108 ? -0.931  13.248  -8.622  1.00 36.85 ? 108 ARG X NH1 1 
ATOM   840 N NH2 . ARG A 1 108 ? -2.869  12.110  -8.136  1.00 37.57 ? 108 ARG X NH2 1 
ATOM   841 N N   . VAL A 1 109 ? -1.644  7.124   -10.414 1.00 14.29 ? 109 VAL X N   1 
ATOM   842 C CA  . VAL A 1 109 ? -2.850  6.404   -10.804 1.00 14.44 ? 109 VAL X CA  1 
ATOM   843 C C   . VAL A 1 109 ? -3.918  7.406   -11.183 1.00 16.09 ? 109 VAL X C   1 
ATOM   844 O O   . VAL A 1 109 ? -4.156  8.386   -10.457 1.00 16.55 ? 109 VAL X O   1 
ATOM   845 C CB  . VAL A 1 109 ? -3.385  5.492   -9.697  1.00 16.52 ? 109 VAL X CB  1 
ATOM   846 C CG1 . VAL A 1 109 ? -4.819  4.974   -10.043 1.00 13.64 ? 109 VAL X CG1 1 
ATOM   847 C CG2 . VAL A 1 109 ? -2.399  4.338   -9.440  1.00 14.49 ? 109 VAL X CG2 1 
ATOM   848 N N   . VAL A 1 110 ? -4.552  7.168   -12.329 1.00 16.02 ? 110 VAL X N   1 
ATOM   849 C CA  . VAL A 1 110 ? -5.477  8.138   -12.909 1.00 17.79 ? 110 VAL X CA  1 
ATOM   850 C C   . VAL A 1 110 ? -6.709  7.390   -13.435 1.00 18.00 ? 110 VAL X C   1 
ATOM   851 O O   . VAL A 1 110 ? -6.668  6.211   -13.682 1.00 17.07 ? 110 VAL X O   1 
ATOM   852 C CB  . VAL A 1 110 ? -4.822  8.926   -14.088 1.00 18.70 ? 110 VAL X CB  1 
ATOM   853 C CG1 . VAL A 1 110 ? -3.594  9.774   -13.585 1.00 20.97 ? 110 VAL X CG1 1 
ATOM   854 C CG2 . VAL A 1 110 ? -4.385  7.984   -15.178 1.00 20.84 ? 110 VAL X CG2 1 
ATOM   855 N N   . LEU A 1 111 ? -7.820  8.081   -13.605 1.00 20.35 ? 111 LEU X N   1 
ATOM   856 C CA  . LEU A 1 111 ? -8.915  7.460   -14.355 1.00 22.25 ? 111 LEU X CA  1 
ATOM   857 C C   . LEU A 1 111 ? -8.610  7.620   -15.856 1.00 24.52 ? 111 LEU X C   1 
ATOM   858 O O   . LEU A 1 111 ? -8.066  8.653   -16.253 1.00 25.13 ? 111 LEU X O   1 
ATOM   859 C CB  . LEU A 1 111 ? -10.256 8.109   -13.992 1.00 21.45 ? 111 LEU X CB  1 
ATOM   860 C CG  . LEU A 1 111 ? -10.779 8.020   -12.551 1.00 21.68 ? 111 LEU X CG  1 
ATOM   861 C CD1 . LEU A 1 111 ? -12.157 8.651   -12.455 1.00 21.59 ? 111 LEU X CD1 1 
ATOM   862 C CD2 . LEU A 1 111 ? -10.820 6.571   -12.085 1.00 21.87 ? 111 LEU X CD2 1 
ATOM   863 N N   . ASP A 1 112 ? -8.932  6.605   -16.665 1.00 27.07 ? 112 ASP X N   1 
ATOM   864 C CA  . ASP A 1 112 ? -8.797  6.654   -18.135 1.00 30.19 ? 112 ASP X CA  1 
ATOM   865 C C   . ASP A 1 112 ? -9.765  7.670   -18.779 1.00 31.67 ? 112 ASP X C   1 
ATOM   866 O O   . ASP A 1 112 ? -9.877  8.835   -18.348 1.00 32.57 ? 112 ASP X O   1 
ATOM   867 C CB  . ASP A 1 112 ? -9.005  5.246   -18.756 1.00 31.02 ? 112 ASP X CB  1 
ATOM   868 C CG  . ASP A 1 112 ? -9.795  5.268   -20.100 1.00 34.19 ? 112 ASP X CG  1 
ATOM   869 O OD1 . ASP A 1 112 ? -9.519  6.140   -20.949 1.00 37.06 ? 112 ASP X OD1 1 
ATOM   870 O OD2 . ASP A 1 112 ? -10.673 4.390   -20.341 1.00 30.39 ? 112 ASP X OD2 1 
HETATM 871 O O   . HOH B 2 .   ? 5.776   1.727   18.984  1.00 33.53 ? 113 HOH X O   1 
HETATM 872 O O   . HOH B 2 .   ? -0.955  -2.725  -4.007  1.00 14.05 ? 114 HOH X O   1 
HETATM 873 O O   . HOH B 2 .   ? -12.664 4.175   -18.583 1.00 19.40 ? 115 HOH X O   1 
HETATM 874 O O   . HOH B 2 .   ? -6.484  16.276  -1.392  1.00 22.41 ? 116 HOH X O   1 
HETATM 875 O O   . HOH B 2 .   ? 5.593   -6.625  -16.842 1.00 39.03 ? 117 HOH X O   1 
HETATM 876 O O   . HOH B 2 .   ? 10.476  -0.791  7.705   1.00 37.65 ? 118 HOH X O   1 
HETATM 877 O O   . HOH B 2 .   ? 5.399   -7.070  -8.651  1.00 22.44 ? 119 HOH X O   1 
HETATM 878 O O   . HOH B 2 .   ? -19.184 -13.421 -3.605  1.00 17.66 ? 120 HOH X O   1 
HETATM 879 O O   . HOH B 2 .   ? 8.254   -5.446  -9.130  1.00 28.64 ? 121 HOH X O   1 
HETATM 880 O O   . HOH B 2 .   ? -15.325 -7.739  -1.898  1.00 14.76 ? 122 HOH X O   1 
HETATM 881 O O   . HOH B 2 .   ? -4.084  9.240   -7.916  1.00 20.23 ? 123 HOH X O   1 
HETATM 882 O O   . HOH B 2 .   ? -6.627  10.701  -7.744  1.00 22.03 ? 124 HOH X O   1 
HETATM 883 O O   . HOH B 2 .   ? 11.250  2.313   -10.374 0.50 23.62 ? 125 HOH X O   1 
HETATM 884 O O   . HOH B 2 .   ? 7.995   10.470  -6.226  1.00 25.14 ? 126 HOH X O   1 
HETATM 885 O O   . HOH B 2 .   ? 13.868  -5.455  4.291   1.00 29.33 ? 127 HOH X O   1 
HETATM 886 O O   . HOH B 2 .   ? -24.828 5.408   -6.816  1.00 40.69 ? 128 HOH X O   1 
HETATM 887 O O   . HOH B 2 .   ? 5.925   -9.664  -6.805  1.00 31.52 ? 129 HOH X O   1 
HETATM 888 O O   . HOH B 2 .   ? -0.387  -8.750  -14.351 1.00 35.86 ? 130 HOH X O   1 
HETATM 889 O O   . HOH B 2 .   ? -27.119 11.848  -2.724  1.00 31.64 ? 131 HOH X O   1 
HETATM 890 O O   . HOH B 2 .   ? -4.960  -7.391  -16.212 1.00 32.37 ? 132 HOH X O   1 
HETATM 891 O O   . HOH B 2 .   ? -12.315 11.824  -2.074  0.50 17.31 ? 133 HOH X O   1 
HETATM 892 O O   . HOH B 2 .   ? -11.103 -16.974 -1.026  1.00 36.08 ? 134 HOH X O   1 
HETATM 893 O O   . HOH B 2 .   ? -8.410  -16.565 4.901   1.00 37.51 ? 135 HOH X O   1 
HETATM 894 O O   . HOH B 2 .   ? -5.653  11.197  -10.453 1.00 36.22 ? 136 HOH X O   1 
HETATM 895 O O   . HOH B 2 .   ? 8.815   10.800  -8.780  1.00 41.69 ? 137 HOH X O   1 
HETATM 896 O O   . HOH B 2 .   ? 11.543  -5.011  -8.147  1.00 32.78 ? 138 HOH X O   1 
HETATM 897 O O   . HOH B 2 .   ? 3.487   -4.594  -12.170 1.00 37.56 ? 139 HOH X O   1 
HETATM 898 O O   . HOH B 2 .   ? -18.860 -9.055  -5.116  1.00 31.65 ? 140 HOH X O   1 
HETATM 899 O O   . HOH B 2 .   ? 15.951  -0.758  2.740   1.00 41.14 ? 141 HOH X O   1 
HETATM 900 O O   . HOH B 2 .   ? -15.597 -6.369  0.581   1.00 36.15 ? 142 HOH X O   1 
HETATM 901 O O   . HOH B 2 .   ? 12.794  5.256   -7.056  1.00 25.85 ? 143 HOH X O   1 
HETATM 902 O O   . HOH B 2 .   ? -24.035 12.390  -4.712  1.00 28.11 ? 144 HOH X O   1 
HETATM 903 O O   . HOH B 2 .   ? -20.900 9.068   0.103   1.00 53.19 ? 145 HOH X O   1 
HETATM 904 O O   . HOH B 2 .   ? 7.928   7.651   -11.710 1.00 20.18 ? 146 HOH X O   1 
HETATM 905 O O   . HOH B 2 .   ? 9.019   7.437   -14.525 0.50 8.40  ? 147 HOH X O   1 
HETATM 906 O O   . HOH B 2 .   ? 6.447   -5.972  13.042  1.00 37.57 ? 148 HOH X O   1 
HETATM 907 O O   . HOH B 2 .   ? 6.564   -2.691  -11.911 1.00 37.30 ? 149 HOH X O   1 
HETATM 908 O O   . HOH B 2 .   ? -7.567  11.046  -12.683 1.00 28.28 ? 150 HOH X O   1 
HETATM 909 O O   . HOH B 2 .   ? -15.701 17.246  -10.447 1.00 37.25 ? 151 HOH X O   1 
HETATM 910 O O   . HOH B 2 .   ? 8.584   9.042   4.398   1.00 27.26 ? 152 HOH X O   1 
HETATM 911 O O   . HOH B 2 .   ? 15.534  -1.148  0.504   1.00 48.69 ? 153 HOH X O   1 
HETATM 912 O O   . HOH B 2 .   ? 9.571   -12.609 15.192  1.00 53.98 ? 154 HOH X O   1 
HETATM 913 O O   . HOH B 2 .   ? 12.504  9.197   1.202   1.00 28.13 ? 155 HOH X O   1 
HETATM 914 O O   . HOH B 2 .   ? -17.595 14.442  -11.977 1.00 45.15 ? 156 HOH X O   1 
HETATM 915 O O   . HOH B 2 .   ? 0.988   -7.386  -20.773 1.00 45.34 ? 157 HOH X O   1 
HETATM 916 O O   . HOH B 2 .   ? -5.897  10.533  -17.317 1.00 37.52 ? 158 HOH X O   1 
HETATM 917 O O   . HOH B 2 .   ? -16.457 -8.914  4.713   1.00 42.99 ? 159 HOH X O   1 
HETATM 918 O O   . HOH B 2 .   ? 14.528  -5.517  6.850   1.00 46.61 ? 160 HOH X O   1 
HETATM 919 O O   . HOH B 2 .   ? 14.600  2.280   -3.782  1.00 48.23 ? 161 HOH X O   1 
HETATM 920 O O   . HOH B 2 .   ? -9.161  16.094  6.603   1.00 44.80 ? 162 HOH X O   1 
HETATM 921 O O   . HOH B 2 .   ? 8.912   -9.469  -5.618  1.00 39.51 ? 163 HOH X O   1 
HETATM 922 O O   . HOH B 2 .   ? -0.242  -10.738 10.170  1.00 42.17 ? 164 HOH X O   1 
HETATM 923 O O   . HOH B 2 .   ? 3.418   -8.759  -17.138 1.00 48.01 ? 165 HOH X O   1 
HETATM 924 O O   . HOH B 2 .   ? -25.157 12.569  1.409   1.00 38.81 ? 166 HOH X O   1 
HETATM 925 O O   . HOH B 2 .   ? 12.427  0.506   -6.194  1.00 39.03 ? 167 HOH X O   1 
HETATM 926 O O   . HOH B 2 .   ? -1.623  -12.184 6.394   1.00 43.79 ? 168 HOH X O   1 
HETATM 927 O O   . HOH B 2 .   ? -11.628 8.198   -21.595 1.00 47.46 ? 169 HOH X O   1 
HETATM 928 O O   . HOH B 2 .   ? 0.327   -4.427  -22.352 1.00 50.81 ? 170 HOH X O   1 
HETATM 929 O O   . HOH B 2 .   ? -11.800 11.104  -18.695 1.00 49.77 ? 171 HOH X O   1 
HETATM 930 O O   . HOH B 2 .   ? 12.538  -14.443 16.092  1.00 50.39 ? 172 HOH X O   1 
HETATM 931 O O   . HOH B 2 .   ? 16.488  -4.962  -2.835  1.00 42.79 ? 173 HOH X O   1 
HETATM 932 O O   . HOH B 2 .   ? -1.922  -9.051  -18.623 1.00 44.24 ? 174 HOH X O   1 
HETATM 933 O O   . HOH B 2 .   ? 3.917   -12.876 -4.705  1.00 42.65 ? 175 HOH X O   1 
HETATM 934 O O   . HOH B 2 .   ? -5.313  14.699  -8.350  1.00 41.46 ? 176 HOH X O   1 
HETATM 935 O O   . HOH B 2 .   ? 5.777   -5.555  -12.412 1.00 37.17 ? 177 HOH X O   1 
HETATM 936 O O   . HOH B 2 .   ? 13.254  -3.523  -3.482  1.00 40.55 ? 178 HOH X O   1 
HETATM 937 O O   . HOH B 2 .   ? -17.315 -16.536 4.866   1.00 48.54 ? 179 HOH X O   1 
HETATM 938 O O   . HOH B 2 .   ? 14.140  -15.658 17.545  1.00 41.18 ? 180 HOH X O   1 
HETATM 939 O O   . HOH B 2 .   ? 3.719   12.586  -10.840 1.00 37.45 ? 181 HOH X O   1 
HETATM 940 O O   . HOH B 2 .   ? -10.214 12.009  -16.274 1.00 47.29 ? 182 HOH X O   1 
HETATM 941 O O   . HOH B 2 .   ? 15.578  -2.650  -1.472  1.00 43.66 ? 183 HOH X O   1 
HETATM 942 O O   . HOH B 2 .   ? 12.839  -2.145  16.401  1.00 41.13 ? 184 HOH X O   1 
HETATM 943 O O   . HOH B 2 .   ? 12.859  11.865  -0.852  1.00 36.31 ? 185 HOH X O   1 
HETATM 944 O O   . HOH B 2 .   ? -4.843  9.811   11.390  1.00 36.90 ? 186 HOH X O   1 
# 
